data_2E4A
#
_entry.id   2E4A
#
_cell.length_a   151.392
_cell.length_b   185.042
_cell.length_c   51.577
_cell.angle_alpha   90.00
_cell.angle_beta   90.00
_cell.angle_gamma   90.00
#
_symmetry.space_group_name_H-M   'P 21 21 2'
#
loop_
_entity.id
_entity.type
_entity.pdbx_description
1 polymer 'D-amino-acid oxidase'
2 non-polymer 'FLAVIN-ADENINE DINUCLEOTIDE'
3 non-polymer '2-AMINOBENZOIC ACID'
4 water water
#
_entity_poly.entity_id   1
_entity_poly.type   'polypeptide(L)'
_entity_poly.pdbx_seq_one_letter_code
;MRVVVIGAGVIGLSTALCIHERYHSVLQPLDIKVYADRFTPLTTTDVAAGLWQPYLSDPNNPQEADWSQQTFDYLLSHVH
SPNAENLGLFLISGYNLFHEAIPDPSWKDTVLGFRKLTPRELDMFPDYGYGWFHTSLILEGKNYLQWLTERLTERGVKFF
QRKVESFEEVAREGADVIVNCTGVWAGALQRDPLLQPGRGQIMKVDAPWMKHFILTHDPERGIYNSPYIIPGTQTVTLGG
IFQLGNWSELNNIQDHNTIWEGCCRLEPTLKNARIIGERTGFRPVRPQIRLEREQLRTGPSNTEVIHNYGHGGYGLTIHW
GCALEAAKLFGRILEEKKLSRMPPSHL
;
_entity_poly.pdbx_strand_id   A,B,C,D
#
loop_
_chem_comp.id
_chem_comp.type
_chem_comp.name
_chem_comp.formula
FAD non-polymer 'FLAVIN-ADENINE DINUCLEOTIDE' 'C27 H33 N9 O15 P2'
#
# COMPACT_ATOMS: atom_id res chain seq x y z
N MET A 1 26.64 -35.53 -19.21
CA MET A 1 26.62 -34.22 -19.91
C MET A 1 26.51 -33.10 -18.88
N ARG A 2 27.58 -32.31 -18.77
CA ARG A 2 27.66 -31.21 -17.79
C ARG A 2 27.52 -29.85 -18.49
N VAL A 3 26.46 -29.13 -18.15
CA VAL A 3 26.16 -27.83 -18.77
C VAL A 3 26.37 -26.68 -17.78
N VAL A 4 27.02 -25.62 -18.25
CA VAL A 4 27.26 -24.41 -17.43
C VAL A 4 26.69 -23.17 -18.10
N VAL A 5 25.68 -22.58 -17.46
CA VAL A 5 25.07 -21.36 -17.91
C VAL A 5 25.69 -20.21 -17.10
N ILE A 6 26.27 -19.25 -17.83
CA ILE A 6 26.86 -18.06 -17.19
C ILE A 6 25.92 -16.89 -17.38
N GLY A 7 25.43 -16.35 -16.26
CA GLY A 7 24.42 -15.30 -16.30
C GLY A 7 23.08 -15.71 -15.71
N ALA A 8 22.59 -14.89 -14.78
CA ALA A 8 21.31 -15.11 -14.10
C ALA A 8 20.33 -13.96 -14.31
N GLY A 9 20.41 -13.29 -15.45
CA GLY A 9 19.35 -12.37 -15.88
C GLY A 9 18.26 -13.15 -16.59
N VAL A 10 17.37 -12.43 -17.27
CA VAL A 10 16.27 -13.09 -18.00
C VAL A 10 16.73 -14.15 -19.05
N ILE A 11 17.89 -13.93 -19.65
CA ILE A 11 18.39 -14.76 -20.75
C ILE A 11 19.00 -16.06 -20.21
N GLY A 12 19.84 -15.91 -19.19
CA GLY A 12 20.45 -17.03 -18.52
C GLY A 12 19.39 -17.97 -17.99
N LEU A 13 18.46 -17.44 -17.19
CA LEU A 13 17.52 -18.28 -16.49
C LEU A 13 16.55 -18.94 -17.44
N SER A 14 16.00 -18.18 -18.39
CA SER A 14 15.01 -18.73 -19.32
C SER A 14 15.65 -19.81 -20.19
N THR A 15 16.82 -19.50 -20.73
CA THR A 15 17.60 -20.45 -21.52
C THR A 15 17.83 -21.72 -20.72
N ALA A 16 18.28 -21.59 -19.48
CA ALA A 16 18.45 -22.74 -18.58
C ALA A 16 17.19 -23.60 -18.50
N LEU A 17 16.05 -22.94 -18.33
CA LEU A 17 14.76 -23.62 -18.16
C LEU A 17 14.41 -24.43 -19.39
N CYS A 18 14.46 -23.81 -20.56
CA CYS A 18 14.15 -24.47 -21.82
C CYS A 18 15.03 -25.68 -22.09
N ILE A 19 16.33 -25.52 -21.89
CA ILE A 19 17.22 -26.63 -22.16
C ILE A 19 16.83 -27.75 -21.23
N HIS A 20 16.60 -27.43 -19.96
CA HIS A 20 16.22 -28.46 -19.01
C HIS A 20 14.89 -29.08 -19.36
N GLU A 21 13.93 -28.27 -19.76
CA GLU A 21 12.60 -28.81 -20.04
C GLU A 21 12.62 -29.70 -21.28
N ARG A 22 13.50 -29.41 -22.22
CA ARG A 22 13.49 -30.04 -23.54
C ARG A 22 14.35 -31.31 -23.65
N TYR A 23 15.28 -31.51 -22.72
CA TYR A 23 16.25 -32.60 -22.85
C TYR A 23 16.49 -33.44 -21.62
N HIS A 24 15.79 -33.17 -20.52
CA HIS A 24 16.03 -33.92 -19.29
C HIS A 24 15.60 -35.40 -19.41
N SER A 25 14.58 -35.66 -20.23
CA SER A 25 14.07 -37.02 -20.43
C SER A 25 14.92 -37.87 -21.40
N VAL A 26 15.72 -37.22 -22.24
CA VAL A 26 16.51 -37.93 -23.26
C VAL A 26 17.99 -38.01 -22.91
N LEU A 27 18.35 -37.50 -21.73
CA LEU A 27 19.73 -37.52 -21.26
C LEU A 27 19.79 -38.04 -19.84
N GLN A 28 20.72 -38.95 -19.58
CA GLN A 28 20.77 -39.59 -18.27
C GLN A 28 21.51 -38.73 -17.25
N PRO A 29 22.81 -38.44 -17.49
CA PRO A 29 23.33 -37.45 -16.56
C PRO A 29 23.27 -36.06 -17.22
N LEU A 30 22.12 -35.38 -17.13
CA LEU A 30 22.03 -33.98 -17.55
C LEU A 30 22.22 -33.07 -16.35
N ASP A 31 23.44 -32.57 -16.16
CA ASP A 31 23.76 -31.71 -15.04
C ASP A 31 23.87 -30.24 -15.48
N ILE A 32 23.05 -29.38 -14.88
CA ILE A 32 23.05 -27.97 -15.21
C ILE A 32 23.45 -27.13 -14.00
N LYS A 33 24.32 -26.15 -14.22
CA LYS A 33 24.76 -25.24 -13.17
C LYS A 33 24.79 -23.83 -13.69
N VAL A 34 24.22 -22.90 -12.93
CA VAL A 34 24.31 -21.50 -13.27
C VAL A 34 25.39 -20.80 -12.45
N TYR A 35 26.32 -20.19 -13.15
CA TYR A 35 27.25 -19.29 -12.52
C TYR A 35 26.85 -17.88 -12.89
N ALA A 36 26.81 -17.01 -11.88
CA ALA A 36 26.60 -15.57 -12.08
C ALA A 36 27.35 -14.75 -11.03
N ASP A 37 27.74 -13.55 -11.45
CA ASP A 37 28.43 -12.56 -10.59
C ASP A 37 27.41 -11.80 -9.74
N ARG A 38 26.24 -11.52 -10.33
CA ARG A 38 25.11 -10.86 -9.67
C ARG A 38 23.78 -11.63 -9.83
N PHE A 39 22.92 -11.59 -8.80
CA PHE A 39 21.64 -12.30 -8.88
C PHE A 39 20.40 -11.41 -8.75
N THR A 40 19.26 -12.11 -8.79
CA THR A 40 17.87 -11.63 -8.75
C THR A 40 17.46 -10.20 -8.45
N PRO A 41 18.07 -9.51 -7.45
CA PRO A 41 17.73 -8.09 -7.35
C PRO A 41 18.68 -7.11 -8.08
N LEU A 42 19.93 -7.49 -8.31
CA LEU A 42 20.97 -6.56 -8.83
C LEU A 42 21.38 -6.77 -10.30
N THR A 43 20.48 -7.28 -11.13
CA THR A 43 20.77 -7.42 -12.56
C THR A 43 20.10 -6.32 -13.37
N THR A 44 20.42 -6.26 -14.66
CA THR A 44 19.82 -5.27 -15.55
C THR A 44 18.34 -5.58 -15.73
N THR A 45 18.02 -6.87 -15.83
CA THR A 45 16.62 -7.30 -15.90
C THR A 45 15.78 -6.66 -14.78
N ASP A 46 16.36 -6.58 -13.58
CA ASP A 46 15.65 -6.05 -12.41
C ASP A 46 15.21 -4.60 -12.56
N VAL A 47 15.96 -3.86 -13.38
CA VAL A 47 15.78 -2.44 -13.62
C VAL A 47 14.76 -2.18 -14.72
N ALA A 48 14.59 -3.11 -15.65
CA ALA A 48 13.58 -2.99 -16.73
C ALA A 48 12.11 -3.01 -16.26
N ALA A 49 11.32 -2.07 -16.79
CA ALA A 49 9.86 -2.02 -16.57
C ALA A 49 9.17 -3.32 -16.98
N GLY A 50 9.56 -3.87 -18.12
CA GLY A 50 9.09 -5.18 -18.53
C GLY A 50 8.03 -5.11 -19.60
N LEU A 51 7.86 -3.93 -20.19
CA LEU A 51 6.94 -3.72 -21.31
C LEU A 51 7.38 -4.55 -22.51
N TRP A 52 6.44 -5.24 -23.16
CA TRP A 52 6.73 -5.86 -24.44
C TRP A 52 6.53 -4.85 -25.58
N GLN A 53 7.63 -4.50 -26.25
CA GLN A 53 7.61 -3.64 -27.42
C GLN A 53 8.98 -3.66 -28.05
N PRO A 54 9.09 -4.13 -29.30
CA PRO A 54 10.38 -4.05 -29.99
C PRO A 54 10.69 -2.60 -30.44
N TYR A 55 11.87 -2.40 -31.06
CA TYR A 55 12.26 -1.11 -31.65
C TYR A 55 11.32 -0.77 -32.79
N LEU A 56 11.16 0.51 -33.09
CA LEU A 56 10.26 0.92 -34.17
C LEU A 56 10.73 0.43 -35.53
N SER A 57 12.02 0.63 -35.81
CA SER A 57 12.60 0.24 -37.09
C SER A 57 12.94 -1.24 -37.06
N ASP A 58 12.92 -1.86 -38.24
CA ASP A 58 13.12 -3.31 -38.43
C ASP A 58 14.46 -3.87 -37.93
N PRO A 59 14.47 -5.15 -37.49
CA PRO A 59 15.70 -5.74 -36.98
C PRO A 59 16.62 -6.14 -38.14
N ASN A 60 17.91 -6.20 -37.87
CA ASN A 60 18.90 -6.61 -38.87
C ASN A 60 18.65 -8.05 -39.24
N ASN A 61 18.73 -8.92 -38.22
CA ASN A 61 18.32 -10.31 -38.34
C ASN A 61 16.78 -10.42 -38.31
N PRO A 62 16.16 -10.86 -39.43
CA PRO A 62 14.71 -10.96 -39.52
C PRO A 62 14.17 -12.01 -38.58
N GLN A 63 15.04 -12.93 -38.16
CA GLN A 63 14.68 -13.98 -37.22
C GLN A 63 14.24 -13.41 -35.88
N GLU A 64 14.74 -12.22 -35.55
CA GLU A 64 14.40 -11.52 -34.32
C GLU A 64 12.93 -11.13 -34.31
N ALA A 65 12.39 -10.73 -35.47
CA ALA A 65 10.98 -10.43 -35.59
C ALA A 65 10.13 -11.61 -35.13
N ASP A 66 10.60 -12.84 -35.41
CA ASP A 66 9.90 -14.06 -35.00
C ASP A 66 10.06 -14.41 -33.53
N TRP A 67 11.27 -14.23 -33.00
CA TRP A 67 11.52 -14.52 -31.60
C TRP A 67 10.63 -13.67 -30.68
N SER A 68 10.38 -12.43 -31.11
CA SER A 68 9.45 -11.51 -30.46
C SER A 68 8.02 -12.03 -30.47
N GLN A 69 7.59 -12.52 -31.64
CA GLN A 69 6.22 -13.05 -31.85
C GLN A 69 6.00 -14.23 -30.93
N GLN A 70 6.96 -15.15 -30.91
CA GLN A 70 6.90 -16.34 -30.06
C GLN A 70 6.78 -15.98 -28.57
N THR A 71 7.62 -15.05 -28.12
CA THR A 71 7.57 -14.57 -26.75
C THR A 71 6.17 -14.03 -26.44
N PHE A 72 5.65 -13.14 -27.31
CA PHE A 72 4.36 -12.52 -27.09
C PHE A 72 3.25 -13.55 -26.97
N ASP A 73 3.23 -14.54 -27.87
CA ASP A 73 2.20 -15.55 -27.85
C ASP A 73 2.31 -16.44 -26.64
N TYR A 74 3.54 -16.72 -26.25
CA TYR A 74 3.80 -17.51 -25.07
C TYR A 74 3.22 -16.83 -23.86
N LEU A 75 3.59 -15.57 -23.68
CA LEU A 75 3.14 -14.77 -22.54
C LEU A 75 1.62 -14.53 -22.56
N LEU A 76 1.06 -14.25 -23.74
CA LEU A 76 -0.38 -14.02 -23.90
C LEU A 76 -1.21 -15.21 -23.43
N SER A 77 -0.73 -16.41 -23.74
CA SER A 77 -1.44 -17.63 -23.41
C SER A 77 -1.43 -17.87 -21.91
N HIS A 78 -0.60 -17.11 -21.20
CA HIS A 78 -0.45 -17.28 -19.76
C HIS A 78 -1.03 -16.12 -18.93
N VAL A 79 -1.59 -15.13 -19.60
CA VAL A 79 -2.01 -13.90 -18.93
C VAL A 79 -3.18 -14.12 -17.96
N HIS A 80 -4.19 -14.88 -18.39
CA HIS A 80 -5.36 -15.11 -17.55
C HIS A 80 -5.26 -16.45 -16.80
N SER A 81 -4.03 -16.93 -16.62
CA SER A 81 -3.75 -18.10 -15.81
C SER A 81 -3.52 -17.71 -14.32
N PRO A 82 -4.05 -18.49 -13.38
CA PRO A 82 -4.03 -18.11 -11.94
C PRO A 82 -2.64 -17.71 -11.40
N ASN A 83 -1.58 -18.21 -12.01
CA ASN A 83 -0.20 -17.92 -11.58
C ASN A 83 0.42 -16.60 -12.13
N ALA A 84 -0.22 -15.98 -13.12
CA ALA A 84 0.31 -14.77 -13.77
C ALA A 84 0.85 -13.71 -12.82
N GLU A 85 0.19 -13.56 -11.67
CA GLU A 85 0.59 -12.62 -10.63
C GLU A 85 2.02 -12.83 -10.14
N ASN A 86 2.38 -14.09 -9.91
CA ASN A 86 3.73 -14.47 -9.50
C ASN A 86 4.80 -13.97 -10.46
N LEU A 87 4.50 -14.06 -11.74
CA LEU A 87 5.41 -13.69 -12.79
C LEU A 87 5.44 -12.17 -13.00
N GLY A 88 4.47 -11.48 -12.43
CA GLY A 88 4.25 -10.06 -12.70
C GLY A 88 3.88 -9.77 -14.15
N LEU A 89 3.00 -10.61 -14.70
CA LEU A 89 2.53 -10.53 -16.08
C LEU A 89 1.13 -9.99 -16.06
N PHE A 90 0.79 -9.07 -16.95
CA PHE A 90 -0.57 -8.59 -17.04
C PHE A 90 -0.78 -7.80 -18.32
N LEU A 91 -2.04 -7.56 -18.69
CA LEU A 91 -2.34 -6.77 -19.86
C LEU A 91 -2.27 -5.28 -19.51
N ILE A 92 -1.82 -4.49 -20.48
CA ILE A 92 -1.85 -3.05 -20.34
C ILE A 92 -1.95 -2.39 -21.70
N SER A 93 -2.68 -1.27 -21.75
CA SER A 93 -2.83 -0.45 -22.96
C SER A 93 -2.16 0.89 -22.80
N GLY A 94 -1.92 1.57 -23.93
CA GLY A 94 -1.23 2.87 -23.88
C GLY A 94 -0.89 3.50 -25.21
N TYR A 95 -0.23 4.65 -25.12
CA TYR A 95 0.04 5.53 -26.25
C TYR A 95 1.52 5.54 -26.60
N ASN A 96 1.79 5.54 -27.91
CA ASN A 96 3.08 5.92 -28.46
C ASN A 96 2.88 7.26 -29.15
N LEU A 97 3.67 8.26 -28.78
CA LEU A 97 3.47 9.65 -29.24
C LEU A 97 4.63 10.23 -30.05
N PHE A 98 4.32 10.83 -31.20
CA PHE A 98 5.33 11.34 -32.13
C PHE A 98 4.96 12.75 -32.49
N HIS A 99 5.94 13.52 -32.98
CA HIS A 99 5.68 14.87 -33.47
C HIS A 99 5.23 14.85 -34.93
N GLU A 100 5.39 13.72 -35.62
CA GLU A 100 4.96 13.62 -37.01
C GLU A 100 4.57 12.22 -37.45
N ALA A 101 3.90 12.11 -38.59
CA ALA A 101 3.54 10.82 -39.19
C ALA A 101 4.75 9.90 -39.33
N ILE A 102 4.57 8.64 -38.96
CA ILE A 102 5.60 7.63 -38.96
C ILE A 102 4.92 6.35 -39.43
N PRO A 103 5.64 5.49 -40.18
CA PRO A 103 5.01 4.27 -40.71
C PRO A 103 4.70 3.21 -39.64
N ASP A 104 3.56 2.53 -39.80
CA ASP A 104 3.21 1.38 -38.97
C ASP A 104 4.42 0.46 -38.76
N PRO A 105 4.61 -0.05 -37.54
CA PRO A 105 5.79 -0.88 -37.33
C PRO A 105 5.49 -2.29 -37.81
N SER A 106 6.51 -3.15 -37.85
CA SER A 106 6.35 -4.55 -38.26
C SER A 106 5.36 -5.25 -37.34
N TRP A 107 5.54 -5.02 -36.04
CA TRP A 107 4.81 -5.74 -35.03
C TRP A 107 3.36 -5.26 -34.79
N LYS A 108 2.78 -4.53 -35.75
CA LYS A 108 1.41 -4.04 -35.60
C LYS A 108 0.37 -5.16 -35.41
N ASP A 109 0.60 -6.32 -36.00
CA ASP A 109 -0.35 -7.44 -35.90
C ASP A 109 -0.03 -8.37 -34.74
N THR A 110 1.04 -8.07 -34.03
CA THR A 110 1.41 -8.91 -32.88
C THR A 110 0.63 -8.48 -31.65
N VAL A 111 0.67 -7.18 -31.36
CA VAL A 111 -0.07 -6.60 -30.26
C VAL A 111 -1.57 -6.65 -30.53
N LEU A 112 -2.36 -6.34 -29.51
CA LEU A 112 -3.82 -6.38 -29.57
C LEU A 112 -4.41 -5.03 -29.93
N GLY A 113 -5.33 -5.04 -30.90
CA GLY A 113 -6.01 -3.83 -31.38
C GLY A 113 -5.20 -2.59 -31.66
N PHE A 114 -4.07 -2.72 -32.36
CA PHE A 114 -3.32 -1.55 -32.84
C PHE A 114 -4.21 -0.61 -33.67
N ARG A 115 -4.06 0.69 -33.50
CA ARG A 115 -4.79 1.69 -34.27
C ARG A 115 -4.10 3.03 -34.08
N LYS A 116 -4.46 3.99 -34.94
CA LYS A 116 -3.94 5.33 -34.84
C LYS A 116 -4.80 6.20 -33.95
N LEU A 117 -4.15 7.13 -33.22
CA LEU A 117 -4.86 8.05 -32.33
C LEU A 117 -5.80 8.99 -33.09
N THR A 118 -6.96 9.28 -32.51
CA THR A 118 -7.94 10.18 -33.11
C THR A 118 -7.67 11.58 -32.60
N PRO A 119 -8.10 12.63 -33.36
CA PRO A 119 -7.86 14.04 -32.98
C PRO A 119 -8.14 14.40 -31.52
N ARG A 120 -9.21 13.84 -30.97
CA ARG A 120 -9.59 14.08 -29.56
C ARG A 120 -8.59 13.47 -28.58
N GLU A 121 -8.02 12.32 -28.96
CA GLU A 121 -7.02 11.70 -28.11
C GLU A 121 -5.74 12.53 -28.14
N LEU A 122 -5.42 13.06 -29.31
CA LEU A 122 -4.26 13.93 -29.48
C LEU A 122 -4.39 15.29 -28.79
N ASP A 123 -5.61 15.79 -28.64
CA ASP A 123 -5.84 17.02 -27.89
C ASP A 123 -5.33 16.97 -26.45
N MET A 124 -5.33 15.75 -25.87
CA MET A 124 -4.83 15.55 -24.51
C MET A 124 -3.31 15.71 -24.41
N PHE A 125 -2.65 15.78 -25.55
CA PHE A 125 -1.19 15.79 -25.58
C PHE A 125 -0.74 16.94 -26.48
N PRO A 126 -0.51 18.13 -25.89
CA PRO A 126 -0.24 19.36 -26.66
C PRO A 126 0.97 19.29 -27.60
N ASP A 127 2.06 18.67 -27.17
CA ASP A 127 3.30 18.64 -27.95
C ASP A 127 3.41 17.55 -29.02
N TYR A 128 2.31 16.87 -29.33
CA TYR A 128 2.38 15.70 -30.25
C TYR A 128 1.19 15.67 -31.19
N GLY A 129 1.45 15.41 -32.46
CA GLY A 129 0.41 15.51 -33.50
C GLY A 129 0.14 14.19 -34.19
N TYR A 130 0.76 13.13 -33.69
CA TYR A 130 0.56 11.80 -34.24
C TYR A 130 0.87 10.76 -33.18
N GLY A 131 0.23 9.59 -33.31
CA GLY A 131 0.46 8.51 -32.38
C GLY A 131 -0.35 7.26 -32.61
N TRP A 132 -0.03 6.22 -31.84
CA TRP A 132 -0.74 4.95 -31.86
C TRP A 132 -1.38 4.69 -30.51
N PHE A 133 -2.27 3.71 -30.49
CA PHE A 133 -2.78 3.13 -29.27
C PHE A 133 -2.82 1.63 -29.52
N HIS A 134 -2.50 0.83 -28.49
CA HIS A 134 -2.71 -0.63 -28.56
C HIS A 134 -2.61 -1.29 -27.18
N THR A 135 -2.93 -2.58 -27.13
CA THR A 135 -2.84 -3.38 -25.90
C THR A 135 -1.67 -4.33 -25.99
N SER A 136 -0.79 -4.25 -24.99
CA SER A 136 0.39 -5.10 -24.92
C SER A 136 0.46 -5.81 -23.58
N LEU A 137 1.68 -6.17 -23.18
CA LEU A 137 1.91 -6.93 -21.98
C LEU A 137 3.05 -6.33 -21.17
N ILE A 138 3.00 -6.55 -19.85
CA ILE A 138 4.10 -6.29 -18.95
C ILE A 138 4.59 -7.57 -18.29
N LEU A 139 5.91 -7.77 -18.36
CA LEU A 139 6.58 -8.81 -17.61
C LEU A 139 7.57 -8.15 -16.62
N GLU A 140 7.15 -8.01 -15.37
CA GLU A 140 7.99 -7.38 -14.38
C GLU A 140 9.23 -8.21 -14.12
N GLY A 141 10.37 -7.68 -14.56
CA GLY A 141 11.66 -8.37 -14.48
C GLY A 141 11.98 -8.99 -13.13
N LYS A 142 11.90 -8.19 -12.08
CA LYS A 142 12.20 -8.66 -10.74
C LYS A 142 11.38 -9.92 -10.42
N ASN A 143 10.08 -9.87 -10.70
CA ASN A 143 9.18 -10.97 -10.32
C ASN A 143 9.45 -12.25 -11.11
N TYR A 144 9.64 -12.08 -12.42
CA TYR A 144 9.90 -13.19 -13.32
C TYR A 144 11.22 -13.89 -12.99
N LEU A 145 12.23 -13.11 -12.61
CA LEU A 145 13.53 -13.67 -12.23
C LEU A 145 13.34 -14.60 -11.04
N GLN A 146 12.50 -14.17 -10.11
CA GLN A 146 12.20 -14.89 -8.90
C GLN A 146 11.41 -16.16 -9.22
N TRP A 147 10.48 -16.03 -10.15
CA TRP A 147 9.71 -17.18 -10.58
C TRP A 147 10.63 -18.21 -11.24
N LEU A 148 11.45 -17.75 -12.20
CA LEU A 148 12.38 -18.60 -12.94
C LEU A 148 13.32 -19.37 -12.01
N THR A 149 13.79 -18.68 -10.98
CA THR A 149 14.69 -19.26 -10.00
C THR A 149 14.00 -20.41 -9.25
N GLU A 150 12.71 -20.25 -8.95
CA GLU A 150 11.96 -21.26 -8.21
C GLU A 150 11.73 -22.49 -9.08
N ARG A 151 11.53 -22.27 -10.36
CA ARG A 151 11.31 -23.33 -11.32
C ARG A 151 12.60 -24.14 -11.49
N LEU A 152 13.71 -23.43 -11.63
CA LEU A 152 15.01 -24.06 -11.77
C LEU A 152 15.41 -24.85 -10.52
N THR A 153 15.11 -24.29 -9.34
CA THR A 153 15.43 -24.95 -8.08
C THR A 153 14.70 -26.31 -8.01
N GLU A 154 13.38 -26.29 -8.15
CA GLU A 154 12.60 -27.50 -8.09
C GLU A 154 12.99 -28.51 -9.17
N ARG A 155 13.65 -28.03 -10.22
CA ARG A 155 14.18 -28.90 -11.26
C ARG A 155 15.61 -29.30 -11.00
N GLY A 156 16.17 -28.83 -9.89
CA GLY A 156 17.46 -29.31 -9.41
C GLY A 156 18.69 -28.69 -10.06
N VAL A 157 18.48 -27.59 -10.77
CA VAL A 157 19.56 -26.76 -11.26
C VAL A 157 20.22 -26.05 -10.06
N LYS A 158 21.55 -26.10 -10.00
CA LYS A 158 22.30 -25.48 -8.91
C LYS A 158 22.95 -24.16 -9.30
N PHE A 159 22.91 -23.22 -8.37
CA PHE A 159 23.38 -21.86 -8.58
C PHE A 159 24.64 -21.61 -7.78
N PHE A 160 25.62 -20.98 -8.42
CA PHE A 160 26.86 -20.63 -7.74
C PHE A 160 27.21 -19.18 -8.00
N GLN A 161 27.69 -18.51 -6.97
CA GLN A 161 28.05 -17.10 -7.08
C GLN A 161 29.55 -17.04 -7.35
N ARG A 162 29.90 -16.69 -8.59
CA ARG A 162 31.31 -16.54 -8.98
C ARG A 162 31.45 -15.83 -10.31
N LYS A 163 32.44 -14.93 -10.37
CA LYS A 163 32.79 -14.19 -11.56
C LYS A 163 33.76 -14.99 -12.39
N VAL A 164 33.34 -15.33 -13.61
CA VAL A 164 34.12 -16.17 -14.50
C VAL A 164 35.13 -15.34 -15.29
N GLU A 165 36.40 -15.73 -15.20
CA GLU A 165 37.47 -15.04 -15.88
C GLU A 165 37.54 -15.36 -17.36
N SER A 166 37.25 -16.60 -17.74
CA SER A 166 37.38 -17.00 -19.14
C SER A 166 36.70 -18.33 -19.34
N PHE A 167 36.27 -18.61 -20.58
CA PHE A 167 35.66 -19.90 -20.91
C PHE A 167 36.64 -21.04 -20.57
N GLU A 168 37.90 -20.82 -20.91
CA GLU A 168 38.98 -21.76 -20.65
C GLU A 168 38.86 -22.29 -19.21
N GLU A 169 38.72 -21.37 -18.25
CA GLU A 169 38.58 -21.73 -16.83
C GLU A 169 37.44 -22.74 -16.59
N VAL A 170 36.29 -22.50 -17.21
CA VAL A 170 35.11 -23.34 -17.06
C VAL A 170 35.26 -24.71 -17.75
N ALA A 171 35.87 -24.71 -18.95
CA ALA A 171 36.18 -25.93 -19.70
C ALA A 171 37.11 -26.84 -18.90
N ARG A 172 38.12 -26.24 -18.27
CA ARG A 172 39.03 -26.94 -17.38
C ARG A 172 38.31 -27.76 -16.32
N GLU A 173 37.31 -27.16 -15.68
CA GLU A 173 36.63 -27.84 -14.58
C GLU A 173 35.67 -28.97 -15.03
N GLY A 174 35.48 -29.12 -16.35
CA GLY A 174 34.82 -30.31 -16.91
C GLY A 174 33.50 -30.11 -17.65
N ALA A 175 33.20 -28.84 -17.95
CA ALA A 175 31.97 -28.46 -18.64
C ALA A 175 31.97 -28.89 -20.10
N ASP A 176 30.94 -29.63 -20.52
CA ASP A 176 30.83 -30.05 -21.92
C ASP A 176 30.25 -28.96 -22.80
N VAL A 177 29.30 -28.20 -22.26
CA VAL A 177 28.74 -27.05 -22.96
C VAL A 177 28.70 -25.84 -22.02
N ILE A 178 29.26 -24.72 -22.51
CA ILE A 178 29.12 -23.45 -21.83
C ILE A 178 28.04 -22.65 -22.53
N VAL A 179 27.06 -22.20 -21.76
CA VAL A 179 26.01 -21.33 -22.30
C VAL A 179 26.28 -19.89 -21.83
N ASN A 180 26.66 -19.04 -22.78
CA ASN A 180 27.15 -17.71 -22.49
C ASN A 180 26.03 -16.68 -22.54
N CYS A 181 25.57 -16.28 -21.37
CA CYS A 181 24.49 -15.28 -21.26
C CYS A 181 24.89 -14.11 -20.35
N THR A 182 25.92 -13.37 -20.74
CA THR A 182 26.62 -12.47 -19.83
C THR A 182 26.26 -10.99 -19.97
N GLY A 183 25.25 -10.72 -20.81
CA GLY A 183 24.71 -9.39 -21.00
C GLY A 183 25.70 -8.40 -21.55
N VAL A 184 25.66 -7.17 -21.03
CA VAL A 184 26.58 -6.11 -21.46
C VAL A 184 28.04 -6.43 -21.11
N TRP A 185 28.26 -7.31 -20.16
CA TRP A 185 29.61 -7.65 -19.75
C TRP A 185 30.26 -8.75 -20.60
N ALA A 186 29.62 -9.13 -21.69
CA ALA A 186 30.08 -10.27 -22.48
C ALA A 186 31.49 -10.07 -23.04
N GLY A 187 31.81 -8.84 -23.43
CA GLY A 187 33.12 -8.50 -23.99
C GLY A 187 34.32 -8.77 -23.08
N ALA A 188 34.08 -8.91 -21.78
CA ALA A 188 35.14 -9.30 -20.83
C ALA A 188 35.65 -10.73 -21.02
N LEU A 189 34.82 -11.58 -21.61
CA LEU A 189 35.21 -12.97 -21.83
C LEU A 189 35.73 -13.16 -23.24
N GLN A 190 35.20 -12.35 -24.16
CA GLN A 190 35.58 -12.43 -25.55
C GLN A 190 35.30 -11.10 -26.22
N ARG A 191 36.38 -10.43 -26.60
CA ARG A 191 36.37 -9.21 -27.41
C ARG A 191 35.19 -9.16 -28.38
N ASP A 192 34.36 -8.16 -28.21
CA ASP A 192 33.27 -7.89 -29.14
C ASP A 192 33.12 -6.38 -29.31
N PRO A 193 33.66 -5.83 -30.42
CA PRO A 193 33.64 -4.39 -30.63
C PRO A 193 32.25 -3.87 -30.93
N LEU A 194 31.34 -4.76 -31.32
CA LEU A 194 29.99 -4.35 -31.69
C LEU A 194 29.04 -4.12 -30.49
N LEU A 195 29.44 -4.63 -29.32
CA LEU A 195 28.62 -4.59 -28.11
C LEU A 195 28.93 -3.37 -27.25
N GLN A 196 27.91 -2.55 -26.97
CA GLN A 196 28.11 -1.36 -26.18
C GLN A 196 27.01 -1.16 -25.15
N PRO A 197 27.36 -0.57 -24.00
CA PRO A 197 26.39 -0.18 -22.99
C PRO A 197 25.45 0.97 -23.39
N GLY A 198 24.14 0.71 -23.27
CA GLY A 198 23.14 1.75 -23.45
C GLY A 198 22.61 2.06 -22.07
N ARG A 199 23.32 2.93 -21.38
CA ARG A 199 22.99 3.26 -20.01
C ARG A 199 21.58 3.85 -19.90
N GLY A 200 20.89 3.56 -18.81
CA GLY A 200 19.52 3.98 -18.63
C GLY A 200 19.26 4.18 -17.17
N GLN A 201 18.41 5.14 -16.87
CA GLN A 201 18.09 5.51 -15.50
C GLN A 201 16.59 5.60 -15.42
N ILE A 202 16.03 5.00 -14.38
CA ILE A 202 14.61 5.04 -14.17
C ILE A 202 14.28 5.46 -12.75
N MET A 203 13.03 5.88 -12.57
CA MET A 203 12.52 6.36 -11.30
C MET A 203 11.25 5.54 -11.04
N LYS A 204 11.16 4.96 -9.84
CA LYS A 204 9.92 4.39 -9.33
C LYS A 204 9.11 5.47 -8.58
N VAL A 205 7.87 5.62 -8.99
CA VAL A 205 7.00 6.57 -8.36
C VAL A 205 5.69 5.88 -7.99
N ASP A 206 5.03 6.40 -6.98
CA ASP A 206 3.72 5.91 -6.59
C ASP A 206 2.63 6.84 -7.15
N ALA A 207 1.96 6.34 -8.19
CA ALA A 207 0.94 7.08 -8.92
C ALA A 207 -0.09 6.06 -9.41
N PRO A 208 -0.85 5.48 -8.46
CA PRO A 208 -1.74 4.35 -8.77
C PRO A 208 -2.82 4.66 -9.80
N TRP A 209 -3.13 5.95 -9.99
CA TRP A 209 -4.17 6.36 -10.94
C TRP A 209 -3.75 6.20 -12.40
N MET A 210 -2.48 5.89 -12.64
CA MET A 210 -1.99 5.69 -14.00
C MET A 210 -2.29 4.28 -14.50
N LYS A 211 -3.19 4.16 -15.50
CA LYS A 211 -3.59 2.84 -15.98
C LYS A 211 -3.04 2.55 -17.36
N HIS A 212 -2.53 3.58 -18.06
CA HIS A 212 -2.00 3.41 -19.42
C HIS A 212 -0.52 3.65 -19.42
N PHE A 213 0.21 3.03 -20.36
CA PHE A 213 1.58 3.45 -20.60
C PHE A 213 1.61 4.62 -21.57
N ILE A 214 2.60 5.49 -21.42
CA ILE A 214 2.80 6.55 -22.40
C ILE A 214 4.26 6.57 -22.82
N LEU A 215 4.50 6.27 -24.10
CA LEU A 215 5.84 6.42 -24.67
C LEU A 215 5.90 7.55 -25.70
N THR A 216 6.87 8.45 -25.55
CA THR A 216 7.09 9.47 -26.55
C THR A 216 8.38 9.17 -27.29
N HIS A 217 8.45 9.65 -28.52
CA HIS A 217 9.60 9.45 -29.38
C HIS A 217 10.02 10.76 -30.05
N ASP A 218 11.31 11.01 -30.08
CA ASP A 218 11.87 12.18 -30.74
C ASP A 218 13.07 11.72 -31.56
N PRO A 219 13.01 11.91 -32.90
CA PRO A 219 14.05 11.45 -33.84
C PRO A 219 15.42 12.10 -33.55
N GLU A 220 15.42 13.40 -33.26
CA GLU A 220 16.62 14.10 -32.80
C GLU A 220 17.34 13.35 -31.69
N ARG A 221 16.67 13.16 -30.56
CA ARG A 221 17.28 12.58 -29.35
C ARG A 221 17.59 11.07 -29.38
N GLY A 222 16.84 10.29 -30.15
CA GLY A 222 17.12 8.86 -30.31
C GLY A 222 16.20 7.92 -29.52
N ILE A 223 16.30 6.62 -29.78
CA ILE A 223 15.46 5.62 -29.13
C ILE A 223 15.56 5.69 -27.59
N TYR A 224 14.41 5.74 -26.91
CA TYR A 224 14.29 5.75 -25.44
C TYR A 224 15.00 6.90 -24.77
N ASN A 225 15.00 8.04 -25.46
CA ASN A 225 15.65 9.27 -25.00
C ASN A 225 14.68 10.44 -24.95
N SER A 226 13.41 10.08 -24.78
CA SER A 226 12.32 11.02 -24.67
C SER A 226 11.52 10.45 -23.49
N PRO A 227 10.69 11.28 -22.82
CA PRO A 227 9.98 10.79 -21.61
C PRO A 227 9.03 9.61 -21.83
N TYR A 228 8.99 8.72 -20.85
CA TYR A 228 8.03 7.65 -20.83
C TYR A 228 7.58 7.31 -19.42
N ILE A 229 6.35 6.79 -19.33
CA ILE A 229 5.67 6.46 -18.08
C ILE A 229 5.10 5.09 -18.28
N ILE A 230 5.46 4.17 -17.39
CA ILE A 230 4.95 2.83 -17.51
C ILE A 230 4.51 2.29 -16.16
N PRO A 231 3.19 2.04 -15.98
CA PRO A 231 2.69 1.52 -14.73
C PRO A 231 3.11 0.08 -14.52
N GLY A 232 3.63 -0.24 -13.35
CA GLY A 232 3.88 -1.61 -12.98
C GLY A 232 2.77 -2.14 -12.09
N THR A 233 2.99 -3.29 -11.51
CA THR A 233 2.04 -3.85 -10.59
C THR A 233 1.73 -2.92 -9.40
N GLN A 234 2.74 -2.50 -8.62
CA GLN A 234 2.52 -1.66 -7.43
C GLN A 234 2.99 -0.22 -7.66
N THR A 235 3.67 0.01 -8.77
CA THR A 235 4.53 1.18 -8.88
C THR A 235 4.53 1.69 -10.31
N VAL A 236 4.97 2.93 -10.51
CA VAL A 236 4.98 3.48 -11.87
C VAL A 236 6.41 3.87 -12.25
N THR A 237 6.85 3.39 -13.42
CA THR A 237 8.19 3.66 -13.89
C THR A 237 8.26 4.91 -14.79
N LEU A 238 9.12 5.82 -14.39
CA LEU A 238 9.43 7.03 -15.14
C LEU A 238 10.81 6.89 -15.76
N GLY A 239 10.90 7.13 -17.05
CA GLY A 239 12.21 7.07 -17.72
C GLY A 239 12.38 8.06 -18.85
N GLY A 240 13.43 7.81 -19.64
CA GLY A 240 13.71 8.60 -20.83
C GLY A 240 15.19 8.84 -21.05
N ILE A 241 16.02 7.83 -20.79
CA ILE A 241 17.48 7.99 -20.86
C ILE A 241 18.21 6.83 -21.51
N PHE A 242 18.93 7.17 -22.57
CA PHE A 242 19.70 6.21 -23.36
C PHE A 242 21.02 6.84 -23.80
N GLN A 243 22.12 6.44 -23.16
CA GLN A 243 23.46 6.99 -23.47
C GLN A 243 24.43 5.86 -23.84
N LEU A 244 24.82 5.82 -25.11
CA LEU A 244 25.80 4.85 -25.62
C LEU A 244 27.18 5.05 -25.05
N GLY A 245 27.80 3.97 -24.61
CA GLY A 245 29.19 4.00 -24.17
C GLY A 245 29.40 4.32 -22.72
N ASN A 246 28.38 4.90 -22.07
CA ASN A 246 28.49 5.27 -20.65
C ASN A 246 28.41 4.05 -19.73
N TRP A 247 29.44 3.88 -18.90
CA TRP A 247 29.56 2.72 -18.04
C TRP A 247 29.32 3.08 -16.59
N SER A 248 28.87 4.31 -16.32
CA SER A 248 28.67 4.75 -14.94
C SER A 248 27.34 4.22 -14.35
N GLU A 249 27.48 3.24 -13.46
CA GLU A 249 26.35 2.65 -12.75
C GLU A 249 26.13 3.43 -11.45
N LEU A 250 25.64 4.64 -11.63
CA LEU A 250 25.46 5.58 -10.57
C LEU A 250 24.34 6.46 -11.04
N ASN A 251 23.36 6.74 -10.17
CA ASN A 251 22.33 7.70 -10.53
C ASN A 251 22.92 9.12 -10.68
N ASN A 252 22.57 9.73 -11.81
CA ASN A 252 22.93 11.09 -12.11
C ASN A 252 21.82 12.08 -11.73
N ILE A 253 22.16 13.09 -10.95
CA ILE A 253 21.21 14.15 -10.57
C ILE A 253 20.62 14.90 -11.80
N GLN A 254 21.42 15.17 -12.82
CA GLN A 254 20.92 15.88 -13.99
C GLN A 254 19.95 14.98 -14.75
N ASP A 255 20.33 13.73 -14.95
CA ASP A 255 19.44 12.72 -15.54
C ASP A 255 18.07 12.64 -14.82
N HIS A 256 18.14 12.55 -13.48
CA HIS A 256 16.98 12.66 -12.61
C HIS A 256 16.07 13.84 -13.01
N ASN A 257 16.60 15.07 -12.90
CA ASN A 257 15.84 16.27 -13.31
C ASN A 257 15.24 16.12 -14.69
N THR A 258 15.98 15.51 -15.61
CA THR A 258 15.50 15.28 -16.99
C THR A 258 14.28 14.37 -17.05
N ILE A 259 14.35 13.23 -16.35
CA ILE A 259 13.21 12.30 -16.20
C ILE A 259 11.98 13.01 -15.64
N TRP A 260 12.16 13.64 -14.49
CA TRP A 260 11.09 14.27 -13.74
C TRP A 260 10.40 15.39 -14.49
N GLU A 261 11.18 16.29 -15.08
CA GLU A 261 10.60 17.43 -15.79
C GLU A 261 9.90 16.99 -17.05
N GLY A 262 10.44 15.98 -17.73
CA GLY A 262 9.85 15.49 -18.96
C GLY A 262 8.52 14.78 -18.71
N CYS A 263 8.47 13.95 -17.68
CA CYS A 263 7.29 13.15 -17.36
C CYS A 263 6.16 13.98 -16.79
N CYS A 264 6.50 15.09 -16.13
CA CYS A 264 5.48 16.02 -15.61
C CYS A 264 4.85 16.90 -16.68
N ARG A 265 5.61 17.25 -17.72
CA ARG A 265 5.06 18.00 -18.84
C ARG A 265 4.00 17.14 -19.53
N LEU A 266 4.32 15.87 -19.66
CA LEU A 266 3.50 14.92 -20.41
C LEU A 266 2.25 14.64 -19.62
N GLU A 267 2.42 14.33 -18.33
CA GLU A 267 1.34 13.97 -17.43
C GLU A 267 1.47 14.80 -16.14
N PRO A 268 0.82 15.98 -16.12
CA PRO A 268 0.88 16.87 -14.95
C PRO A 268 0.44 16.27 -13.59
N THR A 269 -0.32 15.19 -13.59
CA THR A 269 -0.77 14.58 -12.32
C THR A 269 0.39 14.01 -11.45
N LEU A 270 1.53 13.76 -12.08
CA LEU A 270 2.70 13.15 -11.44
C LEU A 270 3.38 14.05 -10.43
N LYS A 271 3.16 15.35 -10.59
CA LYS A 271 3.68 16.40 -9.70
C LYS A 271 3.40 16.06 -8.24
N ASN A 272 2.29 15.36 -8.03
CA ASN A 272 1.84 14.97 -6.71
C ASN A 272 2.25 13.56 -6.29
N ALA A 273 2.82 12.79 -7.23
CA ALA A 273 3.23 11.43 -6.94
C ALA A 273 4.45 11.42 -6.03
N ARG A 274 4.52 10.40 -5.18
CA ARG A 274 5.64 10.23 -4.26
C ARG A 274 6.71 9.32 -4.87
N ILE A 275 7.98 9.74 -4.80
CA ILE A 275 9.13 9.00 -5.34
C ILE A 275 9.67 7.92 -4.40
N ILE A 276 9.74 6.70 -4.90
CA ILE A 276 10.17 5.55 -4.09
C ILE A 276 11.66 5.34 -4.22
N GLY A 277 12.16 5.42 -5.45
CA GLY A 277 13.53 5.09 -5.73
C GLY A 277 13.91 5.32 -7.17
N GLU A 278 15.16 4.97 -7.45
CA GLU A 278 15.83 5.29 -8.70
C GLU A 278 16.99 4.31 -8.92
N ARG A 279 17.12 3.79 -10.13
CA ARG A 279 18.18 2.84 -10.44
C ARG A 279 18.72 3.05 -11.85
N THR A 280 19.94 2.56 -12.08
CA THR A 280 20.61 2.62 -13.36
C THR A 280 20.91 1.24 -13.89
N GLY A 281 20.85 1.05 -15.21
CA GLY A 281 21.24 -0.20 -15.82
C GLY A 281 21.89 -0.01 -17.17
N PHE A 282 22.30 -1.12 -17.79
CA PHE A 282 22.92 -1.06 -19.11
C PHE A 282 22.26 -1.97 -20.12
N ARG A 283 21.58 -1.37 -21.08
CA ARG A 283 21.11 -2.09 -22.24
C ARG A 283 22.31 -2.69 -23.01
N PRO A 284 22.33 -4.02 -23.20
CA PRO A 284 23.38 -4.59 -24.05
C PRO A 284 23.13 -4.30 -25.53
N VAL A 285 23.54 -3.12 -25.98
CA VAL A 285 23.33 -2.71 -27.38
C VAL A 285 24.32 -3.35 -28.32
N ARG A 286 23.78 -3.99 -29.35
CA ARG A 286 24.55 -4.62 -30.43
C ARG A 286 23.77 -4.51 -31.73
N PRO A 287 24.45 -4.32 -32.89
CA PRO A 287 23.67 -4.14 -34.13
C PRO A 287 22.62 -5.23 -34.26
N GLN A 288 22.92 -6.41 -33.73
CA GLN A 288 21.98 -7.52 -33.66
C GLN A 288 22.42 -8.49 -32.57
N ILE A 289 21.51 -9.35 -32.16
CA ILE A 289 21.75 -10.32 -31.10
C ILE A 289 22.76 -11.37 -31.57
N ARG A 290 23.72 -11.69 -30.72
CA ARG A 290 24.59 -12.83 -30.97
C ARG A 290 24.01 -14.09 -30.33
N LEU A 291 23.49 -14.97 -31.18
CA LEU A 291 22.95 -16.24 -30.72
C LEU A 291 23.48 -17.30 -31.63
N GLU A 292 24.55 -17.95 -31.20
CA GLU A 292 25.27 -18.84 -32.07
C GLU A 292 26.20 -19.76 -31.30
N ARG A 293 26.51 -20.88 -31.96
CA ARG A 293 27.51 -21.82 -31.49
C ARG A 293 28.89 -21.37 -31.88
N GLU A 294 29.85 -21.78 -31.07
CA GLU A 294 31.25 -21.59 -31.35
C GLU A 294 31.98 -22.75 -30.68
N GLN A 295 32.72 -23.52 -31.47
CA GLN A 295 33.57 -24.57 -30.91
C GLN A 295 34.79 -23.86 -30.38
N LEU A 296 35.10 -24.09 -29.11
CA LEU A 296 36.31 -23.53 -28.52
C LEU A 296 37.37 -24.62 -28.42
N ARG A 297 38.47 -24.41 -29.14
CA ARG A 297 39.59 -25.35 -29.19
C ARG A 297 40.43 -25.22 -27.94
N THR A 298 40.18 -26.10 -26.99
CA THR A 298 40.79 -26.04 -25.67
C THR A 298 41.38 -27.41 -25.30
N GLY A 299 42.65 -27.60 -25.66
CA GLY A 299 43.37 -28.85 -25.42
C GLY A 299 43.25 -29.80 -26.60
N PRO A 300 43.22 -31.12 -26.31
CA PRO A 300 43.06 -32.16 -27.35
C PRO A 300 41.64 -32.16 -27.92
N SER A 301 40.66 -31.98 -27.04
CA SER A 301 39.25 -31.91 -27.38
C SER A 301 38.82 -30.48 -27.71
N ASN A 302 37.53 -30.22 -27.55
CA ASN A 302 36.96 -28.92 -27.83
C ASN A 302 35.57 -28.81 -27.18
N THR A 303 35.36 -27.73 -26.42
CA THR A 303 34.08 -27.54 -25.77
C THR A 303 33.17 -26.57 -26.54
N GLU A 304 31.87 -26.87 -26.51
CA GLU A 304 30.87 -26.05 -27.18
C GLU A 304 30.46 -24.83 -26.38
N VAL A 305 30.30 -23.71 -27.08
CA VAL A 305 29.81 -22.49 -26.48
C VAL A 305 28.55 -22.10 -27.26
N ILE A 306 27.45 -21.87 -26.54
CA ILE A 306 26.29 -21.20 -27.12
C ILE A 306 26.29 -19.77 -26.55
N HIS A 307 26.54 -18.81 -27.42
CA HIS A 307 26.40 -17.40 -27.04
C HIS A 307 24.95 -17.05 -27.16
N ASN A 308 24.51 -16.14 -26.31
CA ASN A 308 23.14 -15.63 -26.33
C ASN A 308 23.15 -14.31 -25.55
N TYR A 309 23.48 -13.23 -26.25
CA TYR A 309 23.60 -11.90 -25.63
C TYR A 309 23.43 -10.78 -26.66
N GLY A 310 23.32 -9.54 -26.18
CA GLY A 310 23.20 -8.38 -27.05
C GLY A 310 21.76 -8.02 -27.35
N HIS A 311 20.88 -8.18 -26.37
CA HIS A 311 19.45 -7.99 -26.56
C HIS A 311 19.01 -6.51 -26.43
N GLY A 312 19.98 -5.61 -26.27
CA GLY A 312 19.68 -4.20 -26.23
C GLY A 312 18.49 -3.91 -25.36
N GLY A 313 17.58 -3.12 -25.89
CA GLY A 313 16.43 -2.68 -25.13
C GLY A 313 15.18 -3.51 -25.36
N TYR A 314 15.39 -4.78 -25.71
CA TYR A 314 14.26 -5.67 -25.96
C TYR A 314 14.47 -7.09 -25.43
N GLY A 315 15.27 -7.19 -24.38
CA GLY A 315 15.56 -8.46 -23.75
C GLY A 315 14.33 -9.19 -23.23
N LEU A 316 13.42 -8.46 -22.56
CA LEU A 316 12.19 -9.10 -22.05
C LEU A 316 11.24 -9.41 -23.17
N THR A 317 11.21 -8.51 -24.15
CA THR A 317 10.33 -8.64 -25.30
C THR A 317 10.62 -9.89 -26.11
N ILE A 318 11.88 -10.31 -26.12
CA ILE A 318 12.37 -11.33 -27.05
C ILE A 318 12.92 -12.59 -26.38
N HIS A 319 12.91 -12.64 -25.04
CA HIS A 319 13.67 -13.66 -24.34
C HIS A 319 13.27 -15.10 -24.66
N TRP A 320 11.98 -15.33 -24.92
CA TRP A 320 11.47 -16.70 -24.99
C TRP A 320 11.77 -17.35 -26.34
N GLY A 321 11.72 -16.59 -27.42
CA GLY A 321 12.12 -17.11 -28.73
C GLY A 321 13.60 -17.48 -28.75
N CYS A 322 14.41 -16.62 -28.13
CA CYS A 322 15.83 -16.81 -28.01
C CYS A 322 16.21 -18.07 -27.26
N ALA A 323 15.47 -18.33 -26.19
CA ALA A 323 15.75 -19.47 -25.31
C ALA A 323 15.44 -20.76 -26.04
N LEU A 324 14.41 -20.74 -26.90
CA LEU A 324 14.06 -21.91 -27.68
C LEU A 324 15.08 -22.16 -28.80
N GLU A 325 15.56 -21.08 -29.41
CA GLU A 325 16.65 -21.12 -30.37
C GLU A 325 17.91 -21.74 -29.75
N ALA A 326 18.33 -21.24 -28.59
CA ALA A 326 19.43 -21.83 -27.83
C ALA A 326 19.20 -23.31 -27.51
N ALA A 327 17.96 -23.70 -27.21
CA ALA A 327 17.66 -25.10 -26.97
C ALA A 327 17.79 -25.91 -28.29
N LYS A 328 17.36 -25.30 -29.40
CA LYS A 328 17.47 -25.92 -30.73
C LYS A 328 18.94 -26.20 -31.03
N LEU A 329 19.80 -25.20 -30.83
CA LEU A 329 21.22 -25.35 -31.03
C LEU A 329 21.80 -26.41 -30.09
N PHE A 330 21.29 -26.48 -28.87
CA PHE A 330 21.69 -27.53 -27.95
C PHE A 330 21.35 -28.92 -28.51
N GLY A 331 20.25 -29.02 -29.25
CA GLY A 331 19.85 -30.30 -29.83
C GLY A 331 20.84 -30.84 -30.83
N ARG A 332 21.39 -29.92 -31.64
CA ARG A 332 22.40 -30.27 -32.66
C ARG A 332 23.70 -30.78 -32.03
N ILE A 333 24.20 -30.09 -31.03
CA ILE A 333 25.36 -30.56 -30.29
C ILE A 333 25.18 -32.02 -29.87
N LEU A 334 23.93 -32.40 -29.59
CA LEU A 334 23.61 -33.76 -29.11
C LEU A 334 23.64 -34.84 -30.20
N GLU A 335 23.06 -34.53 -31.37
CA GLU A 335 23.10 -35.43 -32.51
C GLU A 335 24.56 -35.67 -32.91
N GLU A 336 25.36 -34.60 -32.88
CA GLU A 336 26.77 -34.64 -33.27
C GLU A 336 27.67 -35.41 -32.30
N LYS A 337 27.33 -35.39 -31.02
CA LYS A 337 28.04 -36.20 -30.04
C LYS A 337 27.47 -37.62 -30.07
N LYS A 338 26.53 -37.84 -30.97
CA LYS A 338 25.81 -39.11 -31.12
C LYS A 338 25.21 -39.55 -29.78
N LEU A 339 24.11 -38.88 -29.41
CA LEU A 339 23.44 -39.07 -28.13
C LEU A 339 22.01 -38.51 -28.22
N SER A 340 21.44 -38.56 -29.44
CA SER A 340 20.13 -37.96 -29.74
C SER A 340 18.97 -38.92 -29.46
N MET B 1 -32.25 36.04 -1.32
CA MET B 1 -32.97 34.79 -1.67
C MET B 1 -32.32 33.62 -0.94
N ARG B 2 -33.16 32.75 -0.38
CA ARG B 2 -32.71 31.65 0.45
C ARG B 2 -32.86 30.33 -0.28
N VAL B 3 -31.77 29.57 -0.44
CA VAL B 3 -31.82 28.30 -1.18
C VAL B 3 -31.53 27.10 -0.29
N VAL B 4 -32.39 26.10 -0.34
CA VAL B 4 -32.18 24.88 0.43
C VAL B 4 -32.04 23.64 -0.48
N VAL B 5 -30.85 23.06 -0.46
CA VAL B 5 -30.60 21.89 -1.26
C VAL B 5 -30.73 20.74 -0.28
N ILE B 6 -31.64 19.82 -0.57
CA ILE B 6 -31.78 18.58 0.20
C ILE B 6 -31.09 17.45 -0.54
N GLY B 7 -30.09 16.87 0.12
CA GLY B 7 -29.27 15.79 -0.45
C GLY B 7 -27.80 16.14 -0.62
N ALA B 8 -26.92 15.22 -0.18
CA ALA B 8 -25.48 15.41 -0.22
C ALA B 8 -24.74 14.32 -1.01
N GLY B 9 -25.41 13.72 -1.98
CA GLY B 9 -24.70 12.89 -2.95
C GLY B 9 -24.15 13.75 -4.09
N VAL B 10 -23.78 13.10 -5.18
CA VAL B 10 -23.24 13.82 -6.34
C VAL B 10 -24.24 14.83 -6.95
N ILE B 11 -25.53 14.47 -6.94
CA ILE B 11 -26.57 15.31 -7.53
C ILE B 11 -26.76 16.58 -6.71
N GLY B 12 -26.95 16.40 -5.39
CA GLY B 12 -27.11 17.49 -4.44
C GLY B 12 -25.96 18.45 -4.50
N LEU B 13 -24.74 17.92 -4.34
CA LEU B 13 -23.56 18.77 -4.20
C LEU B 13 -23.15 19.49 -5.48
N SER B 14 -23.23 18.79 -6.61
CA SER B 14 -22.88 19.38 -7.87
C SER B 14 -23.89 20.46 -8.28
N THR B 15 -25.18 20.21 -8.01
CA THR B 15 -26.22 21.19 -8.29
C THR B 15 -25.99 22.48 -7.48
N ALA B 16 -25.73 22.34 -6.18
CA ALA B 16 -25.45 23.48 -5.31
C ALA B 16 -24.27 24.32 -5.79
N LEU B 17 -23.22 23.67 -6.25
CA LEU B 17 -22.04 24.38 -6.74
C LEU B 17 -22.32 25.20 -8.01
N CYS B 18 -22.95 24.56 -9.00
CA CYS B 18 -23.39 25.20 -10.23
C CYS B 18 -24.23 26.41 -9.98
N ILE B 19 -25.23 26.27 -9.13
CA ILE B 19 -26.13 27.36 -8.77
C ILE B 19 -25.32 28.52 -8.24
N HIS B 20 -24.46 28.22 -7.28
CA HIS B 20 -23.61 29.23 -6.68
C HIS B 20 -22.60 29.80 -7.69
N GLU B 21 -21.94 28.94 -8.47
CA GLU B 21 -20.97 29.45 -9.43
C GLU B 21 -21.63 30.35 -10.51
N ARG B 22 -22.92 30.16 -10.74
CA ARG B 22 -23.60 30.89 -11.81
C ARG B 22 -24.42 32.14 -11.38
N TYR B 23 -24.73 32.24 -10.09
CA TYR B 23 -25.60 33.30 -9.59
C TYR B 23 -25.12 34.04 -8.35
N HIS B 24 -23.87 33.81 -7.94
CA HIS B 24 -23.36 34.43 -6.73
C HIS B 24 -23.16 35.93 -6.89
N SER B 25 -22.92 36.36 -8.12
CA SER B 25 -22.67 37.78 -8.44
C SER B 25 -23.97 38.57 -8.62
N VAL B 26 -24.84 38.08 -9.52
CA VAL B 26 -26.10 38.73 -9.86
C VAL B 26 -27.11 38.87 -8.72
N LEU B 27 -26.95 38.06 -7.67
CA LEU B 27 -27.93 38.03 -6.60
C LEU B 27 -27.52 38.73 -5.34
N GLN B 28 -28.50 39.42 -4.74
CA GLN B 28 -28.35 40.19 -3.50
C GLN B 28 -27.79 39.25 -2.42
N PRO B 29 -28.53 38.97 -1.34
CA PRO B 29 -27.95 37.83 -0.61
C PRO B 29 -28.34 36.51 -1.29
N LEU B 30 -27.34 35.72 -1.67
CA LEU B 30 -27.58 34.35 -2.14
C LEU B 30 -27.14 33.43 -1.04
N ASP B 31 -28.10 32.99 -0.25
CA ASP B 31 -27.84 32.14 0.88
C ASP B 31 -28.19 30.69 0.52
N ILE B 32 -27.17 29.84 0.47
CA ILE B 32 -27.36 28.44 0.13
C ILE B 32 -27.05 27.57 1.34
N LYS B 33 -27.79 26.48 1.48
CA LYS B 33 -27.68 25.55 2.60
C LYS B 33 -27.96 24.12 2.15
N VAL B 34 -27.21 23.17 2.70
CA VAL B 34 -27.45 21.78 2.36
C VAL B 34 -27.94 20.99 3.56
N TYR B 35 -29.09 20.37 3.39
CA TYR B 35 -29.60 19.43 4.38
C TYR B 35 -29.50 18.04 3.81
N ALA B 36 -28.92 17.14 4.58
CA ALA B 36 -28.87 15.71 4.27
C ALA B 36 -28.86 14.93 5.57
N ASP B 37 -29.49 13.76 5.57
CA ASP B 37 -29.40 12.91 6.75
C ASP B 37 -28.18 11.98 6.67
N ARG B 38 -27.64 11.79 5.47
CA ARG B 38 -26.39 11.06 5.31
C ARG B 38 -25.32 11.82 4.53
N PHE B 39 -24.06 11.76 4.97
CA PHE B 39 -22.99 12.48 4.27
C PHE B 39 -21.87 11.62 3.72
N THR B 40 -20.95 12.36 3.10
CA THR B 40 -19.68 11.96 2.45
C THR B 40 -19.26 10.53 2.24
N PRO B 41 -19.26 9.68 3.31
CA PRO B 41 -19.02 8.24 3.11
C PRO B 41 -20.22 7.26 3.16
N LEU B 42 -21.39 7.70 3.63
CA LEU B 42 -22.53 6.80 3.77
C LEU B 42 -23.63 7.01 2.70
N THR B 43 -23.26 7.53 1.53
CA THR B 43 -24.25 7.75 0.47
C THR B 43 -24.13 6.69 -0.63
N THR B 44 -25.16 6.60 -1.48
CA THR B 44 -25.10 5.72 -2.65
C THR B 44 -23.89 6.06 -3.55
N THR B 45 -23.65 7.35 -3.73
CA THR B 45 -22.53 7.82 -4.54
C THR B 45 -21.21 7.17 -4.10
N ASP B 46 -21.05 6.99 -2.79
CA ASP B 46 -19.86 6.38 -2.21
C ASP B 46 -19.60 4.96 -2.64
N VAL B 47 -20.69 4.23 -2.94
CA VAL B 47 -20.64 2.82 -3.31
C VAL B 47 -20.20 2.67 -4.78
N ALA B 48 -20.51 3.68 -5.59
CA ALA B 48 -20.22 3.65 -7.04
C ALA B 48 -18.72 3.66 -7.36
N ALA B 49 -18.31 2.75 -8.25
CA ALA B 49 -16.99 2.79 -8.85
C ALA B 49 -16.73 4.15 -9.51
N GLY B 50 -17.67 4.62 -10.32
CA GLY B 50 -17.53 5.91 -10.92
C GLY B 50 -17.19 5.83 -12.38
N LEU B 51 -17.42 4.67 -13.00
CA LEU B 51 -17.17 4.52 -14.42
C LEU B 51 -18.14 5.41 -15.20
N TRP B 52 -17.64 6.18 -16.15
CA TRP B 52 -18.55 6.86 -17.06
C TRP B 52 -19.02 5.87 -18.13
N GLN B 53 -20.30 5.51 -18.06
CA GLN B 53 -20.94 4.67 -19.08
C GLN B 53 -22.46 4.67 -18.93
N PRO B 54 -23.18 5.26 -19.90
CA PRO B 54 -24.64 5.22 -19.95
C PRO B 54 -25.16 3.80 -20.24
N TYR B 55 -26.48 3.61 -20.22
CA TYR B 55 -27.08 2.33 -20.60
C TYR B 55 -26.91 2.06 -22.11
N LEU B 56 -26.96 0.79 -22.50
CA LEU B 56 -26.80 0.43 -23.91
C LEU B 56 -27.98 0.90 -24.77
N SER B 57 -29.19 0.64 -24.27
CA SER B 57 -30.42 1.06 -24.94
C SER B 57 -30.55 2.56 -24.84
N ASP B 58 -31.24 3.15 -25.81
CA ASP B 58 -31.49 4.58 -25.84
C ASP B 58 -32.36 5.06 -24.68
N PRO B 59 -32.07 6.27 -24.16
CA PRO B 59 -32.87 6.93 -23.12
C PRO B 59 -34.28 7.29 -23.58
N ASN B 60 -35.22 7.38 -22.65
CA ASN B 60 -36.59 7.79 -22.95
C ASN B 60 -36.70 9.29 -23.24
N ASN B 61 -35.83 10.07 -22.60
CA ASN B 61 -35.70 11.49 -22.90
C ASN B 61 -34.37 11.73 -23.61
N PRO B 62 -34.44 12.12 -24.90
CA PRO B 62 -33.26 12.39 -25.72
C PRO B 62 -32.36 13.47 -25.10
N GLN B 63 -32.91 14.25 -24.19
CA GLN B 63 -32.14 15.29 -23.50
C GLN B 63 -31.05 14.68 -22.59
N GLU B 64 -31.26 13.42 -22.19
CA GLU B 64 -30.33 12.70 -21.33
C GLU B 64 -29.03 12.36 -22.04
N ALA B 65 -29.10 12.12 -23.35
CA ALA B 65 -27.89 11.94 -24.16
C ALA B 65 -27.00 13.20 -24.14
N ASP B 66 -27.60 14.39 -24.14
CA ASP B 66 -26.78 15.61 -24.08
C ASP B 66 -26.13 15.82 -22.71
N TRP B 67 -26.90 15.58 -21.66
CA TRP B 67 -26.40 15.74 -20.29
C TRP B 67 -25.15 14.87 -20.04
N SER B 68 -25.19 13.63 -20.55
CA SER B 68 -24.04 12.70 -20.52
C SER B 68 -22.85 13.17 -21.33
N GLN B 69 -23.10 13.70 -22.53
CA GLN B 69 -22.06 14.20 -23.42
C GLN B 69 -21.36 15.37 -22.76
N GLN B 70 -22.16 16.22 -22.13
CA GLN B 70 -21.66 17.37 -21.41
C GLN B 70 -20.83 16.96 -20.20
N THR B 71 -21.28 15.95 -19.48
CA THR B 71 -20.51 15.47 -18.33
C THR B 71 -19.16 14.89 -18.77
N PHE B 72 -19.16 14.20 -19.91
CA PHE B 72 -17.92 13.61 -20.44
C PHE B 72 -16.91 14.67 -20.86
N ASP B 73 -17.36 15.70 -21.61
CA ASP B 73 -16.49 16.84 -22.00
C ASP B 73 -15.93 17.62 -20.81
N TYR B 74 -16.78 17.88 -19.83
CA TYR B 74 -16.38 18.56 -18.61
C TYR B 74 -15.25 17.81 -17.94
N LEU B 75 -15.47 16.53 -17.69
CA LEU B 75 -14.48 15.70 -16.99
C LEU B 75 -13.20 15.49 -17.78
N LEU B 76 -13.33 15.28 -19.09
CA LEU B 76 -12.19 15.09 -19.99
C LEU B 76 -11.26 16.30 -20.04
N SER B 77 -11.83 17.51 -20.03
CA SER B 77 -11.01 18.71 -20.04
C SER B 77 -10.28 18.94 -18.72
N HIS B 78 -10.68 18.22 -17.67
CA HIS B 78 -9.99 18.31 -16.37
C HIS B 78 -9.14 17.09 -16.00
N VAL B 79 -8.97 16.15 -16.93
CA VAL B 79 -8.32 14.88 -16.61
C VAL B 79 -6.79 15.00 -16.47
N HIS B 80 -6.18 15.89 -17.26
CA HIS B 80 -4.73 16.08 -17.19
C HIS B 80 -4.27 17.27 -16.33
N SER B 81 -5.21 17.90 -15.63
CA SER B 81 -4.91 18.97 -14.68
C SER B 81 -4.26 18.41 -13.41
N PRO B 82 -3.37 19.18 -12.74
CA PRO B 82 -2.66 18.67 -11.57
C PRO B 82 -3.59 18.27 -10.41
N ASN B 83 -4.80 18.81 -10.41
CA ASN B 83 -5.76 18.60 -9.33
C ASN B 83 -6.59 17.29 -9.45
N ALA B 84 -6.52 16.65 -10.62
CA ALA B 84 -7.36 15.50 -10.96
C ALA B 84 -7.32 14.34 -9.96
N GLU B 85 -6.16 14.13 -9.35
CA GLU B 85 -5.93 13.10 -8.33
C GLU B 85 -6.93 13.23 -7.18
N ASN B 86 -7.22 14.47 -6.79
CA ASN B 86 -8.11 14.77 -5.67
C ASN B 86 -9.59 14.52 -5.96
N LEU B 87 -9.98 14.73 -7.21
CA LEU B 87 -11.34 14.48 -7.65
C LEU B 87 -11.57 13.00 -7.75
N GLY B 88 -10.49 12.23 -7.88
CA GLY B 88 -10.56 10.79 -8.10
C GLY B 88 -10.80 10.46 -9.56
N LEU B 89 -10.24 11.28 -10.44
CA LEU B 89 -10.52 11.27 -11.86
C LEU B 89 -9.35 10.68 -12.62
N PHE B 90 -9.62 9.86 -13.63
CA PHE B 90 -8.55 9.38 -14.49
C PHE B 90 -9.07 8.66 -15.72
N LEU B 91 -8.18 8.38 -16.67
CA LEU B 91 -8.52 7.70 -17.89
C LEU B 91 -8.47 6.19 -17.68
N ILE B 92 -9.35 5.46 -18.34
CA ILE B 92 -9.43 4.02 -18.15
C ILE B 92 -9.95 3.40 -19.43
N SER B 93 -9.35 2.28 -19.83
CA SER B 93 -9.83 1.53 -20.99
C SER B 93 -10.36 0.17 -20.55
N GLY B 94 -11.15 -0.47 -21.42
CA GLY B 94 -11.70 -1.75 -21.08
C GLY B 94 -12.69 -2.38 -22.04
N TYR B 95 -13.14 -3.56 -21.64
CA TYR B 95 -13.97 -4.48 -22.42
C TYR B 95 -15.44 -4.41 -22.04
N ASN B 96 -16.30 -4.50 -23.06
CA ASN B 96 -17.70 -4.87 -22.89
C ASN B 96 -17.96 -6.17 -23.64
N LEU B 97 -18.44 -7.19 -22.94
CA LEU B 97 -18.53 -8.53 -23.51
C LEU B 97 -19.94 -9.07 -23.62
N PHE B 98 -20.26 -9.65 -24.77
CA PHE B 98 -21.60 -10.10 -25.08
C PHE B 98 -21.52 -11.52 -25.60
N HIS B 99 -22.61 -12.25 -25.45
CA HIS B 99 -22.75 -13.59 -26.01
C HIS B 99 -23.06 -13.55 -27.51
N GLU B 100 -23.74 -12.50 -27.98
CA GLU B 100 -24.16 -12.40 -29.39
C GLU B 100 -23.91 -10.99 -29.89
N ALA B 101 -23.84 -10.81 -31.20
CA ALA B 101 -23.69 -9.47 -31.80
C ALA B 101 -24.86 -8.56 -31.49
N ILE B 102 -24.58 -7.29 -31.25
CA ILE B 102 -25.58 -6.33 -30.82
C ILE B 102 -25.24 -4.96 -31.46
N PRO B 103 -26.24 -4.08 -31.62
CA PRO B 103 -25.93 -2.82 -32.31
C PRO B 103 -25.06 -1.89 -31.47
N ASP B 104 -24.33 -1.01 -32.13
CA ASP B 104 -23.51 0.02 -31.49
C ASP B 104 -24.30 0.91 -30.54
N PRO B 105 -23.69 1.32 -29.42
CA PRO B 105 -24.39 2.23 -28.56
C PRO B 105 -24.40 3.62 -29.18
N SER B 106 -25.39 4.41 -28.79
CA SER B 106 -25.54 5.79 -29.28
C SER B 106 -24.39 6.69 -28.84
N TRP B 107 -23.76 6.33 -27.73
CA TRP B 107 -22.66 7.14 -27.20
C TRP B 107 -21.27 6.80 -27.76
N LYS B 108 -21.21 5.89 -28.75
CA LYS B 108 -19.94 5.42 -29.31
C LYS B 108 -18.99 6.55 -29.71
N ASP B 109 -19.52 7.73 -29.99
CA ASP B 109 -18.69 8.83 -30.45
C ASP B 109 -18.29 9.76 -29.34
N THR B 110 -18.86 9.52 -28.16
CA THR B 110 -18.50 10.31 -27.01
C THR B 110 -17.22 9.80 -26.37
N VAL B 111 -17.06 8.49 -26.32
CA VAL B 111 -15.90 7.88 -25.69
C VAL B 111 -14.71 7.98 -26.63
N LEU B 112 -13.52 7.74 -26.11
CA LEU B 112 -12.29 7.78 -26.90
C LEU B 112 -12.02 6.45 -27.58
N GLY B 113 -11.87 6.47 -28.91
CA GLY B 113 -11.41 5.32 -29.69
C GLY B 113 -12.29 4.09 -29.65
N PHE B 114 -13.60 4.26 -29.80
CA PHE B 114 -14.52 3.12 -29.82
C PHE B 114 -14.29 2.13 -30.99
N ARG B 115 -14.22 0.85 -30.69
CA ARG B 115 -14.07 -0.20 -31.71
C ARG B 115 -14.64 -1.52 -31.18
N LYS B 116 -14.89 -2.44 -32.09
CA LYS B 116 -15.25 -3.83 -31.78
C LYS B 116 -14.00 -4.65 -31.48
N LEU B 117 -14.14 -5.70 -30.68
CA LEU B 117 -13.02 -6.58 -30.34
C LEU B 117 -12.58 -7.43 -31.53
N THR B 118 -11.35 -7.96 -31.46
CA THR B 118 -10.76 -8.79 -32.52
C THR B 118 -10.61 -10.26 -32.06
N PRO B 119 -10.60 -11.22 -33.00
CA PRO B 119 -10.61 -12.64 -32.57
C PRO B 119 -9.66 -12.99 -31.43
N ARG B 120 -8.41 -12.53 -31.53
CA ARG B 120 -7.41 -12.81 -30.49
C ARG B 120 -7.82 -12.28 -29.11
N GLU B 121 -8.45 -11.10 -29.06
CA GLU B 121 -8.92 -10.58 -27.80
C GLU B 121 -10.03 -11.47 -27.26
N LEU B 122 -10.94 -11.88 -28.14
CA LEU B 122 -12.08 -12.72 -27.75
C LEU B 122 -11.67 -14.09 -27.24
N ASP B 123 -10.53 -14.60 -27.72
CA ASP B 123 -9.98 -15.86 -27.20
C ASP B 123 -9.63 -15.85 -25.71
N MET B 124 -9.39 -14.66 -25.15
CA MET B 124 -9.07 -14.52 -23.71
C MET B 124 -10.31 -14.74 -22.83
N PHE B 125 -11.48 -14.68 -23.45
CA PHE B 125 -12.74 -14.76 -22.73
C PHE B 125 -13.58 -15.84 -23.39
N PRO B 126 -13.40 -17.11 -22.96
CA PRO B 126 -14.06 -18.26 -23.62
C PRO B 126 -15.59 -18.19 -23.62
N ASP B 127 -16.17 -17.63 -22.57
CA ASP B 127 -17.62 -17.56 -22.43
C ASP B 127 -18.31 -16.49 -23.30
N TYR B 128 -17.53 -15.67 -23.99
CA TYR B 128 -18.11 -14.53 -24.74
C TYR B 128 -17.63 -14.51 -26.20
N GLY B 129 -18.46 -14.01 -27.09
CA GLY B 129 -18.19 -14.18 -28.51
C GLY B 129 -18.28 -12.92 -29.34
N TYR B 130 -18.54 -11.80 -28.67
CA TYR B 130 -18.61 -10.49 -29.32
C TYR B 130 -18.40 -9.45 -28.23
N GLY B 131 -17.88 -8.28 -28.61
CA GLY B 131 -17.75 -7.20 -27.65
C GLY B 131 -17.09 -5.93 -28.15
N TRP B 132 -16.92 -4.96 -27.24
CA TRP B 132 -16.32 -3.67 -27.58
C TRP B 132 -15.06 -3.43 -26.79
N PHE B 133 -14.31 -2.42 -27.23
CA PHE B 133 -13.18 -1.90 -26.48
C PHE B 133 -13.23 -0.39 -26.68
N HIS B 134 -12.99 0.36 -25.62
CA HIS B 134 -12.87 1.83 -25.73
C HIS B 134 -12.20 2.42 -24.49
N THR B 135 -11.94 3.72 -24.54
CA THR B 135 -11.34 4.46 -23.42
C THR B 135 -12.36 5.42 -22.84
N SER B 136 -12.54 5.33 -21.52
CA SER B 136 -13.48 6.19 -20.82
C SER B 136 -12.83 6.79 -19.60
N LEU B 137 -13.66 7.20 -18.64
CA LEU B 137 -13.22 7.92 -17.44
C LEU B 137 -13.80 7.27 -16.19
N ILE B 138 -13.07 7.40 -15.09
CA ILE B 138 -13.59 7.08 -13.79
C ILE B 138 -13.54 8.32 -12.93
N LEU B 139 -14.67 8.57 -12.27
CA LEU B 139 -14.80 9.61 -11.26
C LEU B 139 -15.18 8.89 -9.97
N GLU B 140 -14.20 8.60 -9.12
CA GLU B 140 -14.47 7.86 -7.89
C GLU B 140 -15.35 8.66 -6.95
N GLY B 141 -16.53 8.12 -6.65
CA GLY B 141 -17.51 8.78 -5.80
C GLY B 141 -16.97 9.41 -4.53
N LYS B 142 -16.34 8.60 -3.67
CA LYS B 142 -15.93 9.04 -2.34
C LYS B 142 -15.10 10.30 -2.45
N ASN B 143 -14.10 10.27 -3.33
CA ASN B 143 -13.16 11.38 -3.52
C ASN B 143 -13.80 12.66 -4.07
N TYR B 144 -14.67 12.49 -5.06
CA TYR B 144 -15.35 13.62 -5.70
C TYR B 144 -16.31 14.36 -4.77
N LEU B 145 -17.00 13.60 -3.93
CA LEU B 145 -17.83 14.18 -2.89
C LEU B 145 -17.04 15.04 -1.93
N GLN B 146 -15.81 14.60 -1.63
CA GLN B 146 -14.95 15.27 -0.67
C GLN B 146 -14.48 16.57 -1.31
N TRP B 147 -14.04 16.47 -2.56
CA TRP B 147 -13.66 17.64 -3.31
C TRP B 147 -14.80 18.68 -3.41
N LEU B 148 -16.01 18.21 -3.74
CA LEU B 148 -17.18 19.09 -3.87
C LEU B 148 -17.51 19.79 -2.56
N THR B 149 -17.36 19.04 -1.46
CA THR B 149 -17.62 19.54 -0.12
C THR B 149 -16.66 20.69 0.23
N GLU B 150 -15.40 20.51 -0.11
CA GLU B 150 -14.36 21.52 0.12
C GLU B 150 -14.55 22.78 -0.73
N ARG B 151 -14.92 22.60 -1.98
CA ARG B 151 -15.21 23.70 -2.88
C ARG B 151 -16.38 24.56 -2.36
N LEU B 152 -17.48 23.89 -2.02
CA LEU B 152 -18.70 24.50 -1.46
C LEU B 152 -18.46 25.18 -0.12
N THR B 153 -17.60 24.59 0.69
CA THR B 153 -17.30 25.11 2.01
C THR B 153 -16.58 26.44 1.91
N GLU B 154 -15.59 26.53 1.01
CA GLU B 154 -14.85 27.76 0.84
C GLU B 154 -15.70 28.81 0.12
N ARG B 155 -16.83 28.36 -0.43
CA ARG B 155 -17.84 29.24 -0.98
C ARG B 155 -18.87 29.63 0.08
N GLY B 156 -18.59 29.27 1.33
CA GLY B 156 -19.45 29.61 2.44
C GLY B 156 -20.83 28.97 2.43
N VAL B 157 -20.94 27.79 1.80
CA VAL B 157 -22.16 27.01 1.83
C VAL B 157 -22.16 26.21 3.12
N LYS B 158 -23.28 26.24 3.84
CA LYS B 158 -23.36 25.60 5.16
C LYS B 158 -24.10 24.28 5.11
N PHE B 159 -23.60 23.30 5.86
CA PHE B 159 -24.10 21.94 5.82
C PHE B 159 -24.78 21.60 7.12
N PHE B 160 -25.96 20.99 7.05
CA PHE B 160 -26.66 20.57 8.25
C PHE B 160 -27.12 19.12 8.13
N GLN B 161 -26.91 18.35 9.18
CA GLN B 161 -27.34 16.96 9.18
C GLN B 161 -28.72 16.89 9.76
N ARG B 162 -29.69 16.52 8.94
CA ARG B 162 -31.06 16.39 9.40
C ARG B 162 -31.93 15.71 8.37
N LYS B 163 -32.93 14.98 8.86
CA LYS B 163 -33.88 14.31 8.01
C LYS B 163 -35.09 15.22 7.80
N VAL B 164 -35.35 15.54 6.54
CA VAL B 164 -36.51 16.34 6.18
C VAL B 164 -37.76 15.46 6.11
N GLU B 165 -38.79 15.87 6.84
CA GLU B 165 -40.08 15.19 6.85
C GLU B 165 -40.96 15.61 5.70
N SER B 166 -40.92 16.89 5.33
CA SER B 166 -41.72 17.41 4.23
C SER B 166 -41.15 18.71 3.66
N PHE B 167 -41.62 19.08 2.48
CA PHE B 167 -41.23 20.32 1.84
C PHE B 167 -41.71 21.53 2.64
N GLU B 168 -42.93 21.43 3.17
CA GLU B 168 -43.51 22.51 3.99
C GLU B 168 -42.66 22.80 5.23
N GLU B 169 -42.18 21.74 5.89
CA GLU B 169 -41.25 21.87 7.01
C GLU B 169 -40.15 22.90 6.69
N VAL B 170 -39.62 22.81 5.47
CA VAL B 170 -38.54 23.67 4.97
C VAL B 170 -39.02 25.04 4.49
N ALA B 171 -40.16 25.06 3.79
CA ALA B 171 -40.77 26.31 3.32
C ALA B 171 -41.20 27.20 4.48
N ARG B 172 -41.81 26.57 5.48
CA ARG B 172 -42.25 27.23 6.71
C ARG B 172 -41.12 28.01 7.39
N GLU B 173 -39.89 27.54 7.26
CA GLU B 173 -38.78 28.20 7.94
C GLU B 173 -38.01 29.23 7.10
N GLY B 174 -38.47 29.49 5.89
CA GLY B 174 -37.96 30.64 5.14
C GLY B 174 -37.37 30.45 3.76
N ALA B 175 -37.33 29.22 3.26
CA ALA B 175 -36.73 28.92 1.96
C ALA B 175 -37.62 29.43 0.84
N ASP B 176 -36.98 30.06 -0.14
CA ASP B 176 -37.65 30.57 -1.33
C ASP B 176 -37.64 29.54 -2.42
N VAL B 177 -36.54 28.79 -2.48
CA VAL B 177 -36.36 27.68 -3.40
C VAL B 177 -35.88 26.45 -2.63
N ILE B 178 -36.41 25.29 -2.99
CA ILE B 178 -35.95 24.01 -2.45
C ILE B 178 -35.49 23.15 -3.61
N VAL B 179 -34.26 22.67 -3.55
CA VAL B 179 -33.78 21.78 -4.60
C VAL B 179 -33.83 20.37 -4.04
N ASN B 180 -34.70 19.53 -4.58
CA ASN B 180 -34.89 18.15 -4.10
C ASN B 180 -33.97 17.17 -4.82
N CYS B 181 -32.94 16.71 -4.11
CA CYS B 181 -31.98 15.73 -4.65
C CYS B 181 -31.84 14.49 -3.74
N THR B 182 -32.96 13.82 -3.48
CA THR B 182 -33.06 12.82 -2.43
C THR B 182 -32.84 11.36 -2.88
N GLY B 183 -32.46 11.17 -4.14
CA GLY B 183 -32.15 9.86 -4.69
C GLY B 183 -33.32 8.88 -4.63
N VAL B 184 -33.02 7.67 -4.19
CA VAL B 184 -33.99 6.58 -4.10
C VAL B 184 -35.08 6.88 -3.04
N TRP B 185 -34.73 7.76 -2.10
CA TRP B 185 -35.63 8.17 -1.02
C TRP B 185 -36.63 9.30 -1.36
N ALA B 186 -36.64 9.79 -2.60
CA ALA B 186 -37.55 10.88 -2.98
C ALA B 186 -39.03 10.61 -2.65
N GLY B 187 -39.45 9.35 -2.88
CA GLY B 187 -40.81 8.89 -2.59
C GLY B 187 -41.32 9.24 -1.21
N ALA B 188 -40.43 9.35 -0.23
CA ALA B 188 -40.81 9.78 1.12
C ALA B 188 -41.25 11.25 1.25
N LEU B 189 -41.03 12.07 0.23
CA LEU B 189 -41.39 13.47 0.30
C LEU B 189 -42.54 13.78 -0.65
N GLN B 190 -42.81 12.86 -1.57
CA GLN B 190 -43.87 13.00 -2.54
C GLN B 190 -44.01 11.65 -3.22
N ARG B 191 -45.25 11.17 -3.36
CA ARG B 191 -45.52 9.93 -4.07
C ARG B 191 -44.89 9.90 -5.46
N ASP B 192 -43.97 8.97 -5.66
CA ASP B 192 -43.46 8.70 -7.00
C ASP B 192 -43.36 7.18 -7.23
N PRO B 193 -44.44 6.59 -7.77
CA PRO B 193 -44.53 5.14 -8.01
C PRO B 193 -43.63 4.68 -9.14
N LEU B 194 -43.19 5.63 -9.97
CA LEU B 194 -42.25 5.37 -11.05
C LEU B 194 -40.85 5.09 -10.50
N LEU B 195 -40.58 5.61 -9.30
CA LEU B 195 -39.28 5.48 -8.64
C LEU B 195 -39.14 4.18 -7.82
N GLN B 196 -38.06 3.43 -8.07
CA GLN B 196 -37.80 2.15 -7.41
C GLN B 196 -36.31 1.93 -7.13
N PRO B 197 -35.99 1.22 -6.03
CA PRO B 197 -34.58 0.90 -5.74
C PRO B 197 -34.06 -0.24 -6.62
N GLY B 198 -32.89 -0.02 -7.20
CA GLY B 198 -32.19 -1.06 -7.94
C GLY B 198 -31.00 -1.42 -7.08
N ARG B 199 -31.25 -2.30 -6.11
CA ARG B 199 -30.26 -2.67 -5.13
C ARG B 199 -29.03 -3.25 -5.82
N GLY B 200 -27.85 -2.87 -5.35
CA GLY B 200 -26.61 -3.41 -5.87
C GLY B 200 -25.60 -3.63 -4.76
N GLN B 201 -24.81 -4.68 -4.92
CA GLN B 201 -23.82 -5.05 -3.92
C GLN B 201 -22.48 -5.11 -4.62
N ILE B 202 -21.46 -4.51 -4.02
CA ILE B 202 -20.12 -4.55 -4.62
C ILE B 202 -19.04 -4.93 -3.63
N MET B 203 -17.92 -5.40 -4.18
CA MET B 203 -16.80 -5.90 -3.41
C MET B 203 -15.60 -5.03 -3.73
N LYS B 204 -14.84 -4.66 -2.70
CA LYS B 204 -13.52 -4.04 -2.89
C LYS B 204 -12.46 -5.11 -2.74
N VAL B 205 -11.61 -5.20 -3.75
CA VAL B 205 -10.58 -6.19 -3.74
C VAL B 205 -9.26 -5.49 -3.96
N ASP B 206 -8.17 -6.16 -3.61
CA ASP B 206 -6.85 -5.61 -3.82
C ASP B 206 -6.13 -6.40 -4.92
N ALA B 207 -6.12 -5.82 -6.10
CA ALA B 207 -5.60 -6.47 -7.29
C ALA B 207 -5.03 -5.36 -8.18
N PRO B 208 -3.86 -4.81 -7.80
CA PRO B 208 -3.28 -3.65 -8.47
C PRO B 208 -2.95 -3.92 -9.93
N TRP B 209 -2.80 -5.19 -10.30
CA TRP B 209 -2.35 -5.57 -11.64
C TRP B 209 -3.45 -5.46 -12.69
N MET B 210 -4.70 -5.31 -12.25
CA MET B 210 -5.81 -5.09 -13.18
C MET B 210 -5.78 -3.66 -13.69
N LYS B 211 -5.58 -3.48 -14.99
CA LYS B 211 -5.48 -2.12 -15.58
C LYS B 211 -6.64 -1.72 -16.48
N HIS B 212 -7.51 -2.67 -16.80
CA HIS B 212 -8.68 -2.45 -17.67
C HIS B 212 -9.95 -2.76 -16.92
N PHE B 213 -11.05 -2.15 -17.32
CA PHE B 213 -12.32 -2.61 -16.81
C PHE B 213 -12.85 -3.77 -17.68
N ILE B 214 -13.70 -4.60 -17.11
CA ILE B 214 -14.36 -5.64 -17.89
C ILE B 214 -15.80 -5.64 -17.45
N LEU B 215 -16.70 -5.22 -18.34
CA LEU B 215 -18.14 -5.33 -18.10
C LEU B 215 -18.72 -6.41 -19.00
N THR B 216 -19.50 -7.32 -18.42
CA THR B 216 -20.23 -8.31 -19.20
C THR B 216 -21.74 -8.05 -19.15
N HIS B 217 -22.44 -8.46 -20.21
CA HIS B 217 -23.85 -8.21 -20.38
C HIS B 217 -24.55 -9.46 -20.85
N ASP B 218 -25.74 -9.69 -20.31
CA ASP B 218 -26.51 -10.90 -20.53
C ASP B 218 -27.98 -10.49 -20.41
N PRO B 219 -28.73 -10.60 -21.53
CA PRO B 219 -30.15 -10.16 -21.54
C PRO B 219 -31.05 -11.00 -20.62
N GLU B 220 -30.71 -12.28 -20.44
CA GLU B 220 -31.45 -13.17 -19.53
C GLU B 220 -31.46 -12.70 -18.09
N ARG B 221 -30.39 -12.03 -17.66
CA ARG B 221 -30.28 -11.56 -16.28
C ARG B 221 -30.51 -10.05 -16.10
N GLY B 222 -30.39 -9.28 -17.19
CA GLY B 222 -30.69 -7.84 -17.17
C GLY B 222 -29.52 -6.93 -16.84
N ILE B 223 -29.73 -5.63 -17.06
CA ILE B 223 -28.70 -4.62 -16.84
C ILE B 223 -27.95 -4.81 -15.50
N TYR B 224 -26.62 -4.68 -15.56
CA TYR B 224 -25.70 -4.70 -14.39
C TYR B 224 -25.95 -5.83 -13.43
N ASN B 225 -26.40 -6.95 -14.00
CA ASN B 225 -26.71 -8.15 -13.26
C ASN B 225 -25.88 -9.35 -13.76
N SER B 226 -24.73 -9.04 -14.34
CA SER B 226 -23.80 -9.99 -14.89
C SER B 226 -22.42 -9.47 -14.44
N PRO B 227 -21.41 -10.35 -14.32
CA PRO B 227 -20.15 -9.92 -13.68
C PRO B 227 -19.43 -8.69 -14.27
N TYR B 228 -18.87 -7.86 -13.39
CA TYR B 228 -18.05 -6.75 -13.81
C TYR B 228 -16.87 -6.44 -12.87
N ILE B 229 -15.78 -5.96 -13.44
CA ILE B 229 -14.56 -5.67 -12.71
C ILE B 229 -14.13 -4.27 -13.10
N ILE B 230 -14.02 -3.40 -12.12
CA ILE B 230 -13.66 -2.02 -12.36
C ILE B 230 -12.50 -1.55 -11.45
N PRO B 231 -11.28 -1.39 -12.01
CA PRO B 231 -10.16 -0.89 -11.19
C PRO B 231 -10.42 0.52 -10.71
N GLY B 232 -10.16 0.76 -9.43
CA GLY B 232 -10.18 2.10 -8.90
C GLY B 232 -8.73 2.57 -8.81
N THR B 233 -8.53 3.70 -8.14
CA THR B 233 -7.19 4.19 -7.93
C THR B 233 -6.36 3.26 -7.04
N GLN B 234 -6.88 2.83 -5.89
CA GLN B 234 -6.13 1.98 -4.93
C GLN B 234 -6.64 0.54 -4.95
N THR B 235 -7.93 0.39 -5.21
CA THR B 235 -8.65 -0.84 -4.98
C THR B 235 -9.40 -1.24 -6.28
N VAL B 236 -9.91 -2.46 -6.36
CA VAL B 236 -10.69 -2.87 -7.54
C VAL B 236 -12.12 -3.22 -7.14
N THR B 237 -13.09 -2.76 -7.91
CA THR B 237 -14.48 -3.10 -7.65
C THR B 237 -14.95 -4.31 -8.44
N LEU B 238 -15.65 -5.18 -7.74
CA LEU B 238 -16.26 -6.36 -8.32
C LEU B 238 -17.76 -6.28 -8.07
N GLY B 239 -18.57 -6.46 -9.10
CA GLY B 239 -20.02 -6.43 -8.94
C GLY B 239 -20.78 -7.39 -9.84
N GLY B 240 -22.09 -7.19 -9.91
CA GLY B 240 -22.93 -8.05 -10.72
C GLY B 240 -24.35 -8.20 -10.22
N ILE B 241 -24.80 -7.26 -9.38
CA ILE B 241 -26.13 -7.35 -8.77
C ILE B 241 -27.06 -6.13 -9.01
N PHE B 242 -28.25 -6.42 -9.52
CA PHE B 242 -29.26 -5.41 -9.74
C PHE B 242 -30.63 -6.02 -9.39
N GLN B 243 -31.10 -5.81 -8.17
CA GLN B 243 -32.42 -6.31 -7.75
C GLN B 243 -33.42 -5.17 -7.59
N LEU B 244 -34.35 -5.10 -8.55
CA LEU B 244 -35.42 -4.13 -8.49
C LEU B 244 -36.33 -4.32 -7.28
N GLY B 245 -36.61 -3.20 -6.61
CA GLY B 245 -37.57 -3.14 -5.53
C GLY B 245 -37.12 -3.73 -4.22
N ASN B 246 -35.84 -4.03 -4.10
CA ASN B 246 -35.28 -4.55 -2.84
C ASN B 246 -34.61 -3.41 -2.03
N TRP B 247 -35.08 -3.20 -0.81
CA TRP B 247 -34.65 -2.08 0.02
C TRP B 247 -33.69 -2.50 1.13
N SER B 248 -33.26 -3.76 1.11
CA SER B 248 -32.39 -4.30 2.15
C SER B 248 -30.93 -3.83 2.01
N GLU B 249 -30.52 -2.93 2.89
CA GLU B 249 -29.19 -2.31 2.86
C GLU B 249 -28.27 -3.10 3.77
N LEU B 250 -27.97 -4.32 3.33
CA LEU B 250 -27.25 -5.30 4.12
C LEU B 250 -26.58 -6.21 3.13
N ASN B 251 -25.30 -6.48 3.36
CA ASN B 251 -24.54 -7.37 2.51
C ASN B 251 -25.09 -8.76 2.63
N ASN B 252 -25.43 -9.34 1.49
CA ASN B 252 -26.04 -10.65 1.43
C ASN B 252 -24.97 -11.66 1.03
N ILE B 253 -24.80 -12.70 1.84
CA ILE B 253 -23.77 -13.71 1.61
C ILE B 253 -23.90 -14.44 0.27
N GLN B 254 -25.13 -14.64 -0.20
CA GLN B 254 -25.36 -15.32 -1.47
C GLN B 254 -24.99 -14.40 -2.64
N ASP B 255 -25.24 -13.11 -2.49
CA ASP B 255 -24.83 -12.15 -3.51
C ASP B 255 -23.32 -12.04 -3.56
N HIS B 256 -22.68 -12.02 -2.39
CA HIS B 256 -21.25 -12.09 -2.28
C HIS B 256 -20.70 -13.25 -3.13
N ASN B 257 -21.31 -14.44 -3.02
CA ASN B 257 -20.87 -15.61 -3.79
C ASN B 257 -21.04 -15.43 -5.29
N THR B 258 -22.16 -14.86 -5.70
CA THR B 258 -22.39 -14.55 -7.12
C THR B 258 -21.31 -13.61 -7.70
N ILE B 259 -20.97 -12.56 -6.96
CA ILE B 259 -19.89 -11.63 -7.35
C ILE B 259 -18.58 -12.39 -7.55
N TRP B 260 -18.15 -13.05 -6.47
CA TRP B 260 -16.87 -13.72 -6.39
C TRP B 260 -16.69 -14.86 -7.38
N GLU B 261 -17.72 -15.65 -7.57
CA GLU B 261 -17.65 -16.78 -8.50
C GLU B 261 -17.65 -16.25 -9.93
N GLY B 262 -18.47 -15.23 -10.16
CA GLY B 262 -18.65 -14.64 -11.49
C GLY B 262 -17.39 -13.97 -11.97
N CYS B 263 -16.72 -13.26 -11.07
CA CYS B 263 -15.56 -12.46 -11.42
C CYS B 263 -14.30 -13.30 -11.54
N CYS B 264 -14.20 -14.36 -10.73
CA CYS B 264 -13.05 -15.25 -10.81
C CYS B 264 -13.05 -16.03 -12.09
N ARG B 265 -14.23 -16.35 -12.62
CA ARG B 265 -14.36 -17.08 -13.87
C ARG B 265 -13.95 -16.20 -15.04
N LEU B 266 -14.26 -14.91 -14.94
CA LEU B 266 -13.96 -13.95 -16.00
C LEU B 266 -12.48 -13.71 -16.02
N GLU B 267 -11.91 -13.59 -14.82
CA GLU B 267 -10.53 -13.19 -14.63
C GLU B 267 -9.93 -14.05 -13.51
N PRO B 268 -9.36 -15.21 -13.88
CA PRO B 268 -8.90 -16.15 -12.88
C PRO B 268 -7.83 -15.60 -11.97
N THR B 269 -7.11 -14.55 -12.39
CA THR B 269 -6.05 -13.98 -11.55
C THR B 269 -6.59 -13.43 -10.23
N LEU B 270 -7.92 -13.25 -10.18
CA LEU B 270 -8.59 -12.72 -8.99
C LEU B 270 -8.64 -13.71 -7.83
N LYS B 271 -8.47 -15.00 -8.15
CA LYS B 271 -8.48 -16.09 -7.16
C LYS B 271 -7.56 -15.77 -5.97
N ASN B 272 -6.46 -15.07 -6.25
CA ASN B 272 -5.49 -14.67 -5.23
C ASN B 272 -5.57 -13.21 -4.77
N ALA B 273 -6.70 -12.53 -4.98
CA ALA B 273 -6.82 -11.14 -4.55
C ALA B 273 -7.27 -11.07 -3.11
N ARG B 274 -7.02 -9.93 -2.47
CA ARG B 274 -7.38 -9.72 -1.07
C ARG B 274 -8.66 -8.91 -1.03
N ILE B 275 -9.66 -9.42 -0.31
CA ILE B 275 -10.95 -8.77 -0.16
C ILE B 275 -10.84 -7.70 0.92
N ILE B 276 -11.07 -6.45 0.55
CA ILE B 276 -10.94 -5.34 1.50
C ILE B 276 -12.28 -5.01 2.19
N GLY B 277 -13.38 -5.36 1.52
CA GLY B 277 -14.71 -5.07 2.06
C GLY B 277 -15.83 -5.11 1.05
N GLU B 278 -17.05 -4.91 1.56
CA GLU B 278 -18.27 -5.01 0.78
C GLU B 278 -19.21 -3.90 1.19
N ARG B 279 -20.00 -3.42 0.23
CA ARG B 279 -21.06 -2.47 0.52
C ARG B 279 -22.28 -2.71 -0.36
N THR B 280 -23.39 -2.17 0.08
CA THR B 280 -24.66 -2.27 -0.64
C THR B 280 -25.15 -0.87 -0.88
N GLY B 281 -25.79 -0.67 -2.04
CA GLY B 281 -26.34 0.63 -2.39
C GLY B 281 -27.61 0.50 -3.20
N PHE B 282 -28.35 1.61 -3.30
CA PHE B 282 -29.60 1.66 -4.05
C PHE B 282 -29.59 2.60 -5.24
N ARG B 283 -29.64 2.02 -6.44
CA ARG B 283 -29.76 2.78 -7.69
C ARG B 283 -31.15 3.41 -7.76
N PRO B 284 -31.23 4.76 -7.82
CA PRO B 284 -32.52 5.43 -7.97
C PRO B 284 -33.12 5.18 -9.36
N VAL B 285 -33.75 4.02 -9.54
CA VAL B 285 -34.30 3.64 -10.83
C VAL B 285 -35.66 4.29 -11.13
N ARG B 286 -35.73 4.91 -12.31
CA ARG B 286 -36.92 5.63 -12.77
C ARG B 286 -36.87 5.61 -14.29
N PRO B 287 -38.04 5.52 -14.97
CA PRO B 287 -37.98 5.40 -16.44
C PRO B 287 -37.23 6.57 -17.04
N GLN B 288 -37.26 7.72 -16.37
CA GLN B 288 -36.43 8.86 -16.71
C GLN B 288 -36.22 9.78 -15.51
N ILE B 289 -35.17 10.58 -15.60
CA ILE B 289 -34.83 11.54 -14.56
C ILE B 289 -35.94 12.56 -14.41
N ARG B 290 -36.39 12.76 -13.18
CA ARG B 290 -37.26 13.88 -12.88
C ARG B 290 -36.47 15.15 -12.58
N LEU B 291 -36.35 15.97 -13.60
CA LEU B 291 -35.67 17.24 -13.52
C LEU B 291 -36.68 18.25 -14.01
N GLU B 292 -37.34 18.92 -13.05
CA GLU B 292 -38.46 19.82 -13.35
C GLU B 292 -38.80 20.74 -12.16
N ARG B 293 -39.49 21.83 -12.48
CA ARG B 293 -40.05 22.76 -11.49
C ARG B 293 -41.45 22.33 -11.03
N GLU B 294 -41.76 22.67 -9.79
CA GLU B 294 -43.05 22.46 -9.18
C GLU B 294 -43.23 23.65 -8.23
N GLN B 295 -44.39 24.31 -8.28
CA GLN B 295 -44.61 25.45 -7.39
C GLN B 295 -45.46 24.96 -6.22
N LEU B 296 -44.99 25.18 -5.00
CA LEU B 296 -45.72 24.67 -3.84
C LEU B 296 -46.56 25.76 -3.18
N ARG B 297 -47.81 25.86 -3.61
CA ARG B 297 -48.72 26.92 -3.16
C ARG B 297 -49.15 26.68 -1.71
N THR B 298 -48.79 27.62 -0.84
CA THR B 298 -49.12 27.53 0.58
C THR B 298 -49.84 28.78 1.11
N GLY B 299 -51.03 29.04 0.55
CA GLY B 299 -51.80 30.22 0.89
C GLY B 299 -51.32 31.44 0.12
N PRO B 300 -50.82 32.48 0.86
CA PRO B 300 -50.45 33.77 0.25
C PRO B 300 -49.38 33.61 -0.83
N SER B 301 -48.10 33.74 -0.48
CA SER B 301 -47.01 33.47 -1.41
C SER B 301 -46.64 31.99 -1.31
N ASN B 302 -46.21 31.43 -2.44
CA ASN B 302 -45.80 30.03 -2.52
C ASN B 302 -44.29 29.89 -2.71
N THR B 303 -43.77 28.69 -2.42
CA THR B 303 -42.34 28.43 -2.55
C THR B 303 -42.05 27.52 -3.74
N GLU B 304 -40.84 27.64 -4.28
CA GLU B 304 -40.45 26.94 -5.49
C GLU B 304 -39.63 25.68 -5.20
N VAL B 305 -40.02 24.56 -5.80
CA VAL B 305 -39.30 23.29 -5.70
C VAL B 305 -38.69 22.87 -7.04
N ILE B 306 -37.38 22.61 -7.05
CA ILE B 306 -36.74 21.98 -8.22
C ILE B 306 -36.40 20.53 -7.90
N HIS B 307 -37.01 19.61 -8.66
CA HIS B 307 -36.69 18.19 -8.52
C HIS B 307 -35.55 17.82 -9.42
N ASN B 308 -34.67 17.01 -8.87
CA ASN B 308 -33.51 16.47 -9.58
C ASN B 308 -33.19 15.11 -8.99
N TYR B 309 -33.87 14.07 -9.48
CA TYR B 309 -33.64 12.70 -8.97
C TYR B 309 -34.05 11.59 -9.96
N GLY B 310 -33.57 10.40 -9.72
CA GLY B 310 -33.92 9.25 -10.53
C GLY B 310 -32.92 8.97 -11.62
N HIS B 311 -31.63 8.98 -11.27
CA HIS B 311 -30.54 8.77 -12.22
C HIS B 311 -30.05 7.30 -12.25
N GLY B 312 -30.82 6.41 -11.64
CA GLY B 312 -30.53 4.99 -11.71
C GLY B 312 -29.07 4.65 -11.66
N GLY B 313 -28.61 3.92 -12.68
CA GLY B 313 -27.23 3.46 -12.76
C GLY B 313 -26.33 4.38 -13.55
N TYR B 314 -26.64 5.66 -13.58
CA TYR B 314 -25.82 6.58 -14.37
C TYR B 314 -25.69 8.03 -13.83
N GLY B 315 -25.89 8.17 -12.52
CA GLY B 315 -25.75 9.43 -11.79
C GLY B 315 -24.41 10.12 -11.91
N LEU B 316 -23.30 9.37 -11.88
CA LEU B 316 -21.99 9.99 -12.04
C LEU B 316 -21.80 10.31 -13.51
N THR B 317 -22.34 9.45 -14.37
CA THR B 317 -22.17 9.59 -15.80
C THR B 317 -22.82 10.89 -16.34
N ILE B 318 -23.84 11.37 -15.63
CA ILE B 318 -24.74 12.39 -16.15
C ILE B 318 -24.89 13.63 -15.23
N HIS B 319 -24.30 13.59 -14.04
CA HIS B 319 -24.57 14.58 -13.01
C HIS B 319 -24.37 16.00 -13.49
N TRP B 320 -23.26 16.27 -14.15
CA TRP B 320 -22.88 17.65 -14.46
C TRP B 320 -23.84 18.34 -15.44
N GLY B 321 -24.28 17.60 -16.45
CA GLY B 321 -25.28 18.09 -17.39
C GLY B 321 -26.58 18.41 -16.68
N CYS B 322 -26.94 17.57 -15.70
CA CYS B 322 -28.14 17.73 -14.88
C CYS B 322 -28.04 18.94 -13.97
N ALA B 323 -26.84 19.19 -13.43
CA ALA B 323 -26.64 20.35 -12.57
C ALA B 323 -26.80 21.65 -13.38
N LEU B 324 -26.32 21.67 -14.62
CA LEU B 324 -26.45 22.87 -15.43
C LEU B 324 -27.91 23.12 -15.74
N GLU B 325 -28.65 22.03 -16.00
CA GLU B 325 -30.07 22.13 -16.26
C GLU B 325 -30.82 22.64 -15.04
N ALA B 326 -30.50 22.14 -13.86
CA ALA B 326 -31.09 22.64 -12.61
C ALA B 326 -30.75 24.12 -12.43
N ALA B 327 -29.52 24.50 -12.77
CA ALA B 327 -29.12 25.88 -12.65
C ALA B 327 -29.89 26.74 -13.65
N LYS B 328 -30.21 26.14 -14.79
CA LYS B 328 -30.98 26.80 -15.84
C LYS B 328 -32.42 27.09 -15.36
N LEU B 329 -33.03 26.12 -14.68
CA LEU B 329 -34.38 26.30 -14.16
C LEU B 329 -34.38 27.33 -13.03
N PHE B 330 -33.35 27.29 -12.20
CA PHE B 330 -33.19 28.25 -11.14
C PHE B 330 -33.20 29.65 -11.75
N GLY B 331 -32.50 29.84 -12.86
CA GLY B 331 -32.49 31.11 -13.56
C GLY B 331 -33.86 31.61 -13.99
N ARG B 332 -34.70 30.71 -14.48
CA ARG B 332 -36.08 31.03 -14.85
C ARG B 332 -36.87 31.62 -13.68
N ILE B 333 -36.66 31.06 -12.50
CA ILE B 333 -37.32 31.57 -11.29
C ILE B 333 -36.92 33.03 -11.03
N LEU B 334 -35.64 33.34 -11.16
CA LEU B 334 -35.14 34.70 -10.95
C LEU B 334 -35.84 35.74 -11.84
N GLU B 335 -35.95 35.44 -13.13
CA GLU B 335 -36.58 36.37 -14.05
C GLU B 335 -38.08 36.47 -13.81
N GLU B 336 -38.70 35.38 -13.39
CA GLU B 336 -40.10 35.42 -13.02
C GLU B 336 -40.27 36.36 -11.81
N LYS B 337 -39.48 36.16 -10.76
CA LYS B 337 -39.48 37.06 -9.58
C LYS B 337 -38.90 38.43 -9.92
N LYS B 338 -38.49 38.60 -11.18
CA LYS B 338 -37.89 39.85 -11.69
C LYS B 338 -36.63 40.27 -10.90
N LEU B 339 -35.48 39.77 -11.36
CA LEU B 339 -34.20 39.85 -10.64
C LEU B 339 -33.06 39.30 -11.53
N SER B 340 -33.13 39.61 -12.82
CA SER B 340 -32.16 39.12 -13.80
C SER B 340 -30.87 39.93 -13.78
N MET C 1 -37.57 -21.60 21.04
CA MET C 1 -37.45 -20.25 21.64
C MET C 1 -36.94 -19.25 20.61
N ARG C 2 -37.72 -18.19 20.40
CA ARG C 2 -37.36 -17.13 19.46
C ARG C 2 -36.61 -16.02 20.19
N VAL C 3 -35.39 -15.73 19.75
CA VAL C 3 -34.59 -14.65 20.35
C VAL C 3 -34.26 -13.55 19.32
N VAL C 4 -34.62 -12.32 19.63
CA VAL C 4 -34.32 -11.21 18.72
C VAL C 4 -33.27 -10.26 19.29
N VAL C 5 -32.15 -10.15 18.60
CA VAL C 5 -31.09 -9.23 19.00
C VAL C 5 -31.24 -7.99 18.13
N ILE C 6 -31.50 -6.84 18.76
CA ILE C 6 -31.59 -5.55 18.06
C ILE C 6 -30.26 -4.84 18.18
N GLY C 7 -29.61 -4.63 17.03
CA GLY C 7 -28.34 -3.92 16.98
C GLY C 7 -27.23 -4.79 16.44
N ALA C 8 -26.46 -4.24 15.51
CA ALA C 8 -25.37 -4.97 14.86
C ALA C 8 -24.03 -4.25 15.01
N GLY C 9 -23.86 -3.52 16.12
CA GLY C 9 -22.56 -3.05 16.54
C GLY C 9 -21.84 -4.16 17.29
N VAL C 10 -20.68 -3.83 17.85
CA VAL C 10 -19.90 -4.82 18.60
C VAL C 10 -20.71 -5.51 19.74
N ILE C 11 -21.58 -4.75 20.40
CA ILE C 11 -22.34 -5.25 21.55
C ILE C 11 -23.37 -6.29 21.12
N GLY C 12 -24.24 -5.91 20.18
CA GLY C 12 -25.24 -6.80 19.62
C GLY C 12 -24.68 -8.10 19.10
N LEU C 13 -23.67 -8.03 18.23
CA LEU C 13 -23.14 -9.24 17.62
C LEU C 13 -22.43 -10.16 18.62
N SER C 14 -21.54 -9.59 19.44
CA SER C 14 -20.83 -10.38 20.44
C SER C 14 -21.81 -11.08 21.38
N THR C 15 -22.76 -10.31 21.91
CA THR C 15 -23.84 -10.84 22.72
C THR C 15 -24.50 -12.01 22.01
N ALA C 16 -24.86 -11.81 20.74
CA ALA C 16 -25.51 -12.85 19.94
C ALA C 16 -24.66 -14.11 19.90
N LEU C 17 -23.37 -13.96 19.61
CA LEU C 17 -22.45 -15.10 19.60
C LEU C 17 -22.41 -15.88 20.92
N CYS C 18 -22.17 -15.18 22.03
CA CYS C 18 -22.08 -15.82 23.35
C CYS C 18 -23.36 -16.53 23.74
N ILE C 19 -24.52 -15.92 23.44
CA ILE C 19 -25.79 -16.57 23.72
C ILE C 19 -25.91 -17.81 22.86
N HIS C 20 -25.40 -17.76 21.64
CA HIS C 20 -25.50 -18.93 20.78
C HIS C 20 -24.61 -20.08 21.24
N GLU C 21 -23.32 -19.79 21.43
CA GLU C 21 -22.37 -20.84 21.80
C GLU C 21 -22.73 -21.48 23.15
N ARG C 22 -23.40 -20.72 24.00
CA ARG C 22 -23.65 -21.18 25.36
C ARG C 22 -24.97 -21.93 25.57
N TYR C 23 -25.94 -21.76 24.67
CA TYR C 23 -27.26 -22.38 24.86
C TYR C 23 -27.82 -23.17 23.68
N HIS C 24 -27.00 -23.43 22.67
CA HIS C 24 -27.50 -24.14 21.51
C HIS C 24 -27.72 -25.63 21.77
N SER C 25 -26.85 -26.22 22.60
CA SER C 25 -26.95 -27.63 22.96
C SER C 25 -28.13 -27.90 23.90
N VAL C 26 -28.30 -27.06 24.93
CA VAL C 26 -29.36 -27.28 25.92
C VAL C 26 -30.77 -26.85 25.48
N LEU C 27 -30.86 -25.87 24.59
CA LEU C 27 -32.16 -25.40 24.12
C LEU C 27 -32.46 -26.04 22.77
N GLN C 28 -33.60 -26.74 22.67
CA GLN C 28 -33.90 -27.56 21.48
C GLN C 28 -34.04 -26.70 20.22
N PRO C 29 -35.14 -25.92 20.09
CA PRO C 29 -35.16 -24.90 19.04
C PRO C 29 -34.66 -23.54 19.58
N LEU C 30 -33.48 -23.13 19.12
CA LEU C 30 -32.97 -21.81 19.40
C LEU C 30 -32.85 -21.02 18.10
N ASP C 31 -33.88 -20.22 17.79
CA ASP C 31 -33.88 -19.32 16.64
C ASP C 31 -33.43 -17.93 17.10
N ILE C 32 -32.33 -17.47 16.51
CA ILE C 32 -31.76 -16.15 16.80
C ILE C 32 -31.75 -15.30 15.53
N LYS C 33 -32.37 -14.14 15.61
CA LYS C 33 -32.42 -13.20 14.51
C LYS C 33 -31.80 -11.92 14.99
N VAL C 34 -31.09 -11.24 14.09
CA VAL C 34 -30.54 -9.91 14.40
C VAL C 34 -31.26 -8.84 13.56
N TYR C 35 -31.90 -7.92 14.26
CA TYR C 35 -32.47 -6.75 13.63
C TYR C 35 -31.55 -5.54 13.84
N ALA C 36 -31.17 -4.89 12.74
CA ALA C 36 -30.39 -3.65 12.80
C ALA C 36 -30.74 -2.68 11.68
N ASP C 37 -30.66 -1.40 12.01
CA ASP C 37 -30.91 -0.27 11.11
C ASP C 37 -29.70 0.00 10.18
N ARG C 38 -28.50 -0.18 10.73
CA ARG C 38 -27.22 0.02 10.03
C ARG C 38 -26.26 -1.13 10.31
N PHE C 39 -25.44 -1.48 9.33
CA PHE C 39 -24.57 -2.65 9.50
C PHE C 39 -23.08 -2.38 9.32
N THR C 40 -22.32 -3.48 9.35
CA THR C 40 -20.86 -3.61 9.41
C THR C 40 -19.90 -2.51 8.97
N PRO C 41 -20.23 -1.73 7.91
CA PRO C 41 -19.42 -0.53 7.67
C PRO C 41 -19.90 0.81 8.29
N LEU C 42 -21.19 0.93 8.61
CA LEU C 42 -21.75 2.25 8.97
C LEU C 42 -22.22 2.39 10.44
N THR C 43 -21.61 1.62 11.33
CA THR C 43 -21.95 1.68 12.75
C THR C 43 -20.91 2.51 13.50
N THR C 44 -21.24 2.86 14.74
CA THR C 44 -20.32 3.57 15.63
C THR C 44 -19.03 2.78 15.85
N THR C 45 -19.18 1.47 16.03
CA THR C 45 -18.05 0.55 16.19
C THR C 45 -17.01 0.70 15.06
N ASP C 46 -17.47 0.89 13.82
CA ASP C 46 -16.58 0.99 12.65
C ASP C 46 -15.66 2.20 12.67
N VAL C 47 -16.05 3.20 13.46
CA VAL C 47 -15.35 4.48 13.56
C VAL C 47 -14.28 4.45 14.67
N ALA C 48 -14.29 3.41 15.48
CA ALA C 48 -13.39 3.29 16.64
C ALA C 48 -12.03 2.73 16.24
N ALA C 49 -10.97 3.41 16.68
CA ALA C 49 -9.59 2.93 16.52
C ALA C 49 -9.47 1.48 16.99
N GLY C 50 -10.03 1.18 18.16
CA GLY C 50 -10.08 -0.19 18.67
C GLY C 50 -9.16 -0.47 19.85
N LEU C 51 -8.43 0.56 20.29
CA LEU C 51 -7.49 0.47 21.42
C LEU C 51 -8.21 0.05 22.69
N TRP C 52 -7.66 -0.94 23.38
CA TRP C 52 -8.17 -1.34 24.69
C TRP C 52 -7.63 -0.39 25.77
N GLN C 53 -8.54 0.35 26.41
CA GLN C 53 -8.21 1.20 27.54
C GLN C 53 -9.46 1.81 28.14
N PRO C 54 -9.81 1.43 29.40
CA PRO C 54 -10.97 2.06 30.06
C PRO C 54 -10.66 3.50 30.47
N TYR C 55 -11.61 4.18 31.11
CA TYR C 55 -11.36 5.55 31.62
C TYR C 55 -10.33 5.54 32.76
N LEU C 56 -9.66 6.67 32.95
CA LEU C 56 -8.63 6.76 33.99
C LEU C 56 -9.20 6.62 35.42
N SER C 57 -10.36 7.22 35.64
CA SER C 57 -11.05 7.15 36.94
C SER C 57 -12.06 6.02 37.00
N ASP C 58 -12.10 5.38 38.16
CA ASP C 58 -12.91 4.18 38.43
C ASP C 58 -14.37 4.28 38.00
N PRO C 59 -14.98 3.14 37.61
CA PRO C 59 -16.37 3.12 37.16
C PRO C 59 -17.34 3.27 38.33
N ASN C 60 -18.55 3.72 38.04
CA ASN C 60 -19.61 3.74 39.05
C ASN C 60 -19.90 2.31 39.49
N ASN C 61 -19.93 1.39 38.53
CA ASN C 61 -20.17 -0.03 38.79
C ASN C 61 -18.86 -0.82 38.82
N PRO C 62 -18.52 -1.41 39.99
CA PRO C 62 -17.24 -2.11 40.11
C PRO C 62 -17.14 -3.34 39.23
N GLN C 63 -18.28 -3.92 38.85
CA GLN C 63 -18.33 -5.05 37.91
C GLN C 63 -17.74 -4.72 36.54
N GLU C 64 -17.87 -3.46 36.09
CA GLU C 64 -17.28 -3.01 34.83
C GLU C 64 -15.76 -3.22 34.80
N ALA C 65 -15.10 -2.96 35.93
CA ALA C 65 -13.68 -3.24 36.07
C ALA C 65 -13.36 -4.71 35.78
N ASP C 66 -14.26 -5.62 36.18
CA ASP C 66 -14.09 -7.06 35.91
C ASP C 66 -14.37 -7.40 34.46
N TRP C 67 -15.41 -6.80 33.88
CA TRP C 67 -15.80 -7.08 32.50
C TRP C 67 -14.67 -6.70 31.55
N SER C 68 -14.01 -5.57 31.82
CA SER C 68 -12.82 -5.15 31.11
C SER C 68 -11.66 -6.14 31.22
N GLN C 69 -11.40 -6.62 32.44
CA GLN C 69 -10.37 -7.63 32.69
C GLN C 69 -10.64 -8.86 31.84
N GLN C 70 -11.89 -9.32 31.86
CA GLN C 70 -12.29 -10.50 31.12
C GLN C 70 -12.05 -10.33 29.63
N THR C 71 -12.41 -9.16 29.11
CA THR C 71 -12.18 -8.83 27.69
C THR C 71 -10.70 -8.87 27.33
N PHE C 72 -9.85 -8.27 28.15
CA PHE C 72 -8.42 -8.26 27.89
C PHE C 72 -7.82 -9.66 27.80
N ASP C 73 -8.10 -10.49 28.81
CA ASP C 73 -7.57 -11.85 28.81
C ASP C 73 -8.07 -12.65 27.62
N TYR C 74 -9.33 -12.43 27.25
CA TYR C 74 -9.92 -13.14 26.13
C TYR C 74 -9.19 -12.79 24.84
N LEU C 75 -8.90 -11.50 24.65
CA LEU C 75 -8.18 -11.07 23.48
C LEU C 75 -6.70 -11.46 23.52
N LEU C 76 -6.11 -11.37 24.72
CA LEU C 76 -4.68 -11.65 24.90
C LEU C 76 -4.37 -13.11 24.64
N SER C 77 -5.29 -14.01 25.04
CA SER C 77 -5.14 -15.43 24.75
C SER C 77 -5.14 -15.71 23.24
N HIS C 78 -5.67 -14.77 22.45
CA HIS C 78 -5.85 -14.99 21.01
C HIS C 78 -4.93 -14.14 20.14
N VAL C 79 -4.01 -13.42 20.76
CA VAL C 79 -3.15 -12.51 20.00
C VAL C 79 -2.15 -13.25 19.11
N HIS C 80 -1.58 -14.34 19.58
CA HIS C 80 -0.52 -15.03 18.84
C HIS C 80 -1.00 -16.27 18.10
N SER C 81 -2.24 -16.21 17.61
CA SER C 81 -2.87 -17.28 16.84
C SER C 81 -3.02 -16.80 15.39
N PRO C 82 -2.93 -17.72 14.39
CA PRO C 82 -2.88 -17.32 12.97
C PRO C 82 -4.05 -16.45 12.46
N ASN C 83 -5.25 -16.70 12.97
CA ASN C 83 -6.46 -15.94 12.59
C ASN C 83 -6.56 -14.53 13.18
N ALA C 84 -5.69 -14.21 14.14
CA ALA C 84 -5.71 -12.91 14.81
C ALA C 84 -5.84 -11.80 13.78
N GLU C 85 -5.06 -11.93 12.71
CA GLU C 85 -5.01 -10.92 11.66
C GLU C 85 -6.38 -10.56 11.09
N ASN C 86 -7.24 -11.56 10.91
CA ASN C 86 -8.60 -11.34 10.43
C ASN C 86 -9.45 -10.50 11.37
N LEU C 87 -9.33 -10.76 12.67
CA LEU C 87 -10.07 -10.04 13.67
C LEU C 87 -9.63 -8.59 13.74
N GLY C 88 -8.44 -8.30 13.24
CA GLY C 88 -7.84 -6.98 13.38
C GLY C 88 -7.31 -6.76 14.78
N LEU C 89 -6.62 -7.78 15.30
CA LEU C 89 -6.15 -7.83 16.68
C LEU C 89 -4.63 -7.81 16.68
N PHE C 90 -4.01 -6.98 17.51
CA PHE C 90 -2.56 -7.03 17.63
C PHE C 90 -2.02 -6.29 18.84
N LEU C 91 -0.74 -6.52 19.16
CA LEU C 91 -0.11 -5.86 20.29
C LEU C 91 0.43 -4.53 19.87
N ILE C 92 0.35 -3.57 20.79
CA ILE C 92 0.88 -2.23 20.57
C ILE C 92 1.24 -1.53 21.90
N SER C 93 2.33 -0.78 21.88
CA SER C 93 2.79 -0.07 23.08
C SER C 93 2.62 1.44 22.86
N GLY C 94 2.54 2.21 23.94
CA GLY C 94 2.41 3.67 23.81
C GLY C 94 2.29 4.55 25.05
N TYR C 95 2.21 5.85 24.79
CA TYR C 95 2.33 6.90 25.79
C TYR C 95 0.94 7.40 26.16
N ASN C 96 0.74 7.62 27.46
CA ASN C 96 -0.35 8.46 27.99
C ASN C 96 0.34 9.66 28.63
N LEU C 97 0.07 10.85 28.10
CA LEU C 97 0.80 12.05 28.52
C LEU C 97 -0.06 13.05 29.30
N PHE C 98 0.55 13.64 30.33
CA PHE C 98 -0.15 14.49 31.26
C PHE C 98 0.66 15.75 31.51
N HIS C 99 -0.04 16.81 31.95
CA HIS C 99 0.59 18.05 32.36
C HIS C 99 1.09 17.93 33.79
N GLU C 100 0.36 17.17 34.61
CA GLU C 100 0.72 16.96 36.01
C GLU C 100 0.56 15.51 36.47
N ALA C 101 1.11 15.20 37.65
CA ALA C 101 1.03 13.88 38.22
C ALA C 101 -0.39 13.47 38.57
N ILE C 102 -0.91 12.51 37.81
CA ILE C 102 -2.19 11.87 38.08
C ILE C 102 -1.91 10.51 38.72
N PRO C 103 -2.77 10.04 39.63
CA PRO C 103 -2.50 8.73 40.22
C PRO C 103 -2.76 7.56 39.26
N ASP C 104 -1.97 6.50 39.45
CA ASP C 104 -2.08 5.23 38.73
C ASP C 104 -3.53 4.79 38.48
N PRO C 105 -3.80 4.21 37.31
CA PRO C 105 -5.16 3.75 37.03
C PRO C 105 -5.40 2.40 37.71
N SER C 106 -6.65 2.03 37.88
CA SER C 106 -6.99 0.74 38.49
C SER C 106 -6.69 -0.46 37.56
N TRP C 107 -6.53 -0.19 36.27
CA TRP C 107 -6.21 -1.22 35.31
C TRP C 107 -4.71 -1.40 35.04
N LYS C 108 -3.85 -0.80 35.86
CA LYS C 108 -2.40 -0.94 35.69
C LYS C 108 -1.87 -2.38 35.63
N ASP C 109 -2.45 -3.29 36.38
CA ASP C 109 -1.95 -4.68 36.43
C ASP C 109 -2.65 -5.57 35.42
N THR C 110 -3.54 -4.97 34.62
CA THR C 110 -4.19 -5.67 33.54
C THR C 110 -3.34 -5.58 32.29
N VAL C 111 -2.90 -4.37 31.94
CA VAL C 111 -2.07 -4.19 30.77
C VAL C 111 -0.68 -4.74 31.03
N LEU C 112 0.10 -4.87 29.96
CA LEU C 112 1.42 -5.48 30.02
C LEU C 112 2.49 -4.41 30.27
N GLY C 113 3.24 -4.58 31.35
CA GLY C 113 4.41 -3.77 31.63
C GLY C 113 4.16 -2.30 31.89
N PHE C 114 3.12 -2.00 32.67
CA PHE C 114 2.85 -0.62 33.07
C PHE C 114 4.08 -0.03 33.79
N ARG C 115 4.44 1.20 33.46
CA ARG C 115 5.55 1.90 34.09
C ARG C 115 5.37 3.39 33.89
N LYS C 116 6.04 4.17 34.73
CA LYS C 116 6.08 5.62 34.58
C LYS C 116 7.21 5.98 33.63
N LEU C 117 7.01 7.04 32.86
CA LEU C 117 8.02 7.53 31.92
C LEU C 117 9.20 8.15 32.67
N THR C 118 10.37 8.04 32.06
CA THR C 118 11.63 8.60 32.59
C THR C 118 11.84 10.02 32.07
N PRO C 119 12.73 10.82 32.73
CA PRO C 119 13.03 12.15 32.23
C PRO C 119 13.40 12.19 30.76
N ARG C 120 14.23 11.26 30.30
CA ARG C 120 14.66 11.26 28.91
C ARG C 120 13.49 11.17 27.96
N GLU C 121 12.56 10.28 28.26
CA GLU C 121 11.39 10.06 27.42
C GLU C 121 10.50 11.28 27.49
N LEU C 122 10.47 11.90 28.67
CA LEU C 122 9.65 13.08 28.89
C LEU C 122 10.16 14.29 28.13
N ASP C 123 11.45 14.30 27.79
CA ASP C 123 12.07 15.39 27.02
C ASP C 123 11.62 15.46 25.56
N MET C 124 11.20 14.33 25.01
CA MET C 124 10.67 14.25 23.64
C MET C 124 9.30 14.92 23.49
N PHE C 125 8.57 15.01 24.60
CA PHE C 125 7.25 15.62 24.59
C PHE C 125 7.25 16.92 25.41
N PRO C 126 7.72 18.02 24.80
CA PRO C 126 7.90 19.31 25.45
C PRO C 126 6.72 19.77 26.32
N ASP C 127 5.51 19.78 25.75
CA ASP C 127 4.32 20.29 26.46
C ASP C 127 3.83 19.39 27.62
N TYR C 128 4.53 18.30 27.89
CA TYR C 128 4.08 17.34 28.91
C TYR C 128 5.13 17.04 29.97
N GLY C 129 4.67 16.73 31.18
CA GLY C 129 5.56 16.62 32.33
C GLY C 129 5.47 15.33 33.09
N TYR C 130 4.52 14.49 32.69
CA TYR C 130 4.25 13.22 33.37
C TYR C 130 3.60 12.26 32.38
N GLY C 131 3.82 10.97 32.57
CA GLY C 131 3.29 9.98 31.66
C GLY C 131 3.44 8.52 32.04
N TRP C 132 2.74 7.67 31.30
CA TRP C 132 2.92 6.22 31.42
C TRP C 132 3.40 5.63 30.11
N PHE C 133 3.89 4.41 30.20
CA PHE C 133 4.13 3.58 29.05
C PHE C 133 3.57 2.24 29.45
N HIS C 134 2.96 1.52 28.50
CA HIS C 134 2.53 0.15 28.69
C HIS C 134 2.23 -0.50 27.34
N THR C 135 1.87 -1.78 27.36
CA THR C 135 1.57 -2.51 26.13
C THR C 135 0.14 -2.99 26.18
N SER C 136 -0.64 -2.61 25.19
CA SER C 136 -2.06 -2.97 25.16
C SER C 136 -2.40 -3.77 23.92
N LEU C 137 -3.66 -3.67 23.51
CA LEU C 137 -4.18 -4.36 22.34
C LEU C 137 -5.01 -3.40 21.48
N ILE C 138 -5.01 -3.65 20.19
CA ILE C 138 -5.99 -3.04 19.31
C ILE C 138 -6.89 -4.11 18.72
N LEU C 139 -8.20 -3.89 18.85
CA LEU C 139 -9.17 -4.74 18.16
C LEU C 139 -9.93 -3.87 17.18
N GLU C 140 -9.46 -3.81 15.93
CA GLU C 140 -10.05 -2.93 14.90
C GLU C 140 -11.48 -3.29 14.60
N GLY C 141 -12.38 -2.35 14.85
CA GLY C 141 -13.82 -2.58 14.82
C GLY C 141 -14.41 -3.11 13.53
N LYS C 142 -13.98 -2.57 12.40
CA LYS C 142 -14.52 -2.97 11.12
C LYS C 142 -14.16 -4.41 10.83
N ASN C 143 -12.89 -4.77 11.04
CA ASN C 143 -12.44 -6.14 10.78
C ASN C 143 -13.17 -7.19 11.67
N TYR C 144 -13.24 -6.89 12.98
CA TYR C 144 -13.82 -7.75 13.99
C TYR C 144 -15.31 -7.95 13.80
N LEU C 145 -15.95 -6.92 13.29
CA LEU C 145 -17.36 -6.94 13.01
C LEU C 145 -17.65 -7.87 11.83
N GLN C 146 -16.78 -7.79 10.82
CA GLN C 146 -16.89 -8.67 9.67
C GLN C 146 -16.59 -10.12 10.07
N TRP C 147 -15.71 -10.27 11.07
CA TRP C 147 -15.42 -11.58 11.65
C TRP C 147 -16.63 -12.16 12.37
N LEU C 148 -17.24 -11.37 13.25
CA LEU C 148 -18.38 -11.80 14.05
C LEU C 148 -19.55 -12.20 13.17
N THR C 149 -19.70 -11.47 12.08
CA THR C 149 -20.74 -11.70 11.09
C THR C 149 -20.61 -13.07 10.44
N GLU C 150 -19.38 -13.40 10.03
CA GLU C 150 -19.04 -14.71 9.47
C GLU C 150 -19.35 -15.84 10.43
N ARG C 151 -18.92 -15.66 11.68
CA ARG C 151 -19.13 -16.60 12.76
C ARG C 151 -20.62 -16.85 12.97
N LEU C 152 -21.36 -15.76 13.13
CA LEU C 152 -22.80 -15.80 13.32
C LEU C 152 -23.56 -16.47 12.16
N THR C 153 -23.12 -16.20 10.93
CA THR C 153 -23.80 -16.70 9.74
C THR C 153 -23.67 -18.22 9.67
N GLU C 154 -22.44 -18.71 9.91
CA GLU C 154 -22.18 -20.14 9.90
C GLU C 154 -22.77 -20.84 11.13
N ARG C 155 -23.66 -20.16 11.84
CA ARG C 155 -24.35 -20.77 12.98
C ARG C 155 -25.87 -20.70 12.81
N GLY C 156 -26.31 -20.23 11.64
CA GLY C 156 -27.73 -20.20 11.30
C GLY C 156 -28.45 -18.98 11.83
N VAL C 157 -27.67 -18.02 12.28
CA VAL C 157 -28.17 -16.73 12.73
C VAL C 157 -28.45 -15.88 11.50
N LYS C 158 -29.66 -15.35 11.44
CA LYS C 158 -30.07 -14.52 10.31
C LYS C 158 -30.18 -13.04 10.68
N PHE C 159 -29.97 -12.20 9.67
CA PHE C 159 -29.88 -10.78 9.82
C PHE C 159 -30.93 -10.10 8.98
N PHE C 160 -31.53 -9.05 9.51
CA PHE C 160 -32.55 -8.33 8.78
C PHE C 160 -32.35 -6.85 8.98
N GLN C 161 -32.38 -6.11 7.88
CA GLN C 161 -32.24 -4.65 7.91
C GLN C 161 -33.57 -4.00 8.21
N ARG C 162 -33.69 -3.34 9.36
CA ARG C 162 -34.91 -2.60 9.71
C ARG C 162 -34.78 -1.78 10.98
N LYS C 163 -35.36 -0.58 10.96
CA LYS C 163 -35.41 0.29 12.13
C LYS C 163 -36.62 -0.05 12.98
N VAL C 164 -36.39 -0.75 14.09
CA VAL C 164 -37.41 -1.07 15.07
C VAL C 164 -37.95 0.21 15.73
N GLU C 165 -39.29 0.32 15.77
CA GLU C 165 -39.95 1.50 16.33
C GLU C 165 -40.33 1.33 17.79
N SER C 166 -40.63 0.09 18.19
CA SER C 166 -40.97 -0.23 19.59
C SER C 166 -40.73 -1.69 19.90
N PHE C 167 -40.57 -1.99 21.20
CA PHE C 167 -40.45 -3.36 21.68
C PHE C 167 -41.70 -4.17 21.40
N GLU C 168 -42.87 -3.55 21.61
CA GLU C 168 -44.17 -4.20 21.46
C GLU C 168 -44.27 -4.81 20.06
N GLU C 169 -43.73 -4.08 19.09
CA GLU C 169 -43.65 -4.47 17.68
C GLU C 169 -42.95 -5.82 17.47
N VAL C 170 -41.83 -6.03 18.15
CA VAL C 170 -41.05 -7.25 18.02
C VAL C 170 -41.73 -8.40 18.76
N ALA C 171 -42.32 -8.07 19.91
CA ALA C 171 -43.06 -9.02 20.72
C ALA C 171 -44.20 -9.65 19.94
N ARG C 172 -44.89 -8.83 19.16
CA ARG C 172 -45.96 -9.28 18.27
C ARG C 172 -45.49 -10.41 17.32
N GLU C 173 -44.26 -10.31 16.82
CA GLU C 173 -43.73 -11.34 15.93
C GLU C 173 -43.52 -12.70 16.63
N GLY C 174 -43.67 -12.71 17.95
CA GLY C 174 -43.50 -13.93 18.75
C GLY C 174 -42.15 -14.07 19.45
N ALA C 175 -41.40 -12.97 19.54
CA ALA C 175 -40.13 -12.95 20.25
C ALA C 175 -40.33 -13.32 21.72
N ASP C 176 -39.56 -14.29 22.20
CA ASP C 176 -39.58 -14.67 23.61
C ASP C 176 -38.58 -13.81 24.36
N VAL C 177 -37.40 -13.61 23.78
CA VAL C 177 -36.44 -12.66 24.34
C VAL C 177 -36.01 -11.61 23.30
N ILE C 178 -36.06 -10.34 23.71
CA ILE C 178 -35.50 -9.24 22.94
C ILE C 178 -34.24 -8.76 23.65
N VAL C 179 -33.11 -8.75 22.93
CA VAL C 179 -31.87 -8.20 23.47
C VAL C 179 -31.64 -6.84 22.85
N ASN C 180 -31.65 -5.82 23.71
CA ASN C 180 -31.57 -4.43 23.26
C ASN C 180 -30.13 -3.91 23.26
N CYS C 181 -29.55 -3.82 22.07
CA CYS C 181 -28.16 -3.40 21.91
C CYS C 181 -28.06 -2.22 20.95
N THR C 182 -28.87 -1.20 21.21
CA THR C 182 -29.10 -0.12 20.26
C THR C 182 -28.18 1.11 20.41
N GLY C 183 -27.20 1.01 21.31
CA GLY C 183 -26.16 2.02 21.45
C GLY C 183 -26.68 3.35 21.93
N VAL C 184 -26.24 4.42 21.26
CA VAL C 184 -26.64 5.78 21.59
C VAL C 184 -28.09 6.07 21.16
N TRP C 185 -28.66 5.17 20.35
CA TRP C 185 -30.00 5.35 19.84
C TRP C 185 -31.06 4.69 20.72
N ALA C 186 -30.62 4.10 21.83
CA ALA C 186 -31.52 3.39 22.76
C ALA C 186 -32.69 4.23 23.29
N GLY C 187 -32.44 5.52 23.54
CA GLY C 187 -33.47 6.45 24.00
C GLY C 187 -34.75 6.36 23.20
N ALA C 188 -34.62 6.23 21.88
CA ALA C 188 -35.78 6.16 20.98
C ALA C 188 -36.74 4.96 21.18
N LEU C 189 -36.28 3.88 21.82
CA LEU C 189 -37.15 2.73 22.09
C LEU C 189 -37.74 2.83 23.49
N GLN C 190 -36.94 3.34 24.40
CA GLN C 190 -37.40 3.60 25.75
C GLN C 190 -36.63 4.81 26.30
N ARG C 191 -37.38 5.81 26.74
CA ARG C 191 -36.84 7.09 27.20
C ARG C 191 -35.75 6.86 28.26
N ASP C 192 -34.59 7.47 28.06
CA ASP C 192 -33.50 7.35 29.01
C ASP C 192 -32.71 8.65 29.07
N PRO C 193 -33.00 9.50 30.07
CA PRO C 193 -32.34 10.80 30.21
C PRO C 193 -30.84 10.67 30.54
N LEU C 194 -30.44 9.53 31.08
CA LEU C 194 -29.04 9.32 31.45
C LEU C 194 -28.13 9.10 30.23
N LEU C 195 -28.69 8.57 29.13
CA LEU C 195 -27.93 8.35 27.88
C LEU C 195 -27.75 9.61 27.04
N GLN C 196 -26.50 9.89 26.66
CA GLN C 196 -26.22 11.06 25.82
C GLN C 196 -25.24 10.74 24.71
N PRO C 197 -25.37 11.42 23.56
CA PRO C 197 -24.32 11.37 22.53
C PRO C 197 -23.03 12.07 22.97
N GLY C 198 -21.93 11.36 22.90
CA GLY C 198 -20.60 11.95 23.04
C GLY C 198 -19.96 11.88 21.68
N ARG C 199 -20.20 12.92 20.88
CA ARG C 199 -19.78 12.98 19.49
C ARG C 199 -18.25 12.99 19.36
N GLY C 200 -17.77 12.35 18.30
CA GLY C 200 -16.34 12.24 18.05
C GLY C 200 -16.04 12.21 16.57
N GLN C 201 -14.89 12.74 16.21
CA GLN C 201 -14.48 12.87 14.84
C GLN C 201 -13.03 12.41 14.76
N ILE C 202 -12.76 11.44 13.89
CA ILE C 202 -11.41 10.93 13.72
C ILE C 202 -10.92 11.13 12.29
N MET C 203 -9.61 11.10 12.12
CA MET C 203 -8.95 11.27 10.84
C MET C 203 -8.10 10.03 10.61
N LYS C 204 -8.27 9.39 9.46
CA LYS C 204 -7.39 8.30 9.03
C LYS C 204 -6.26 8.88 8.18
N VAL C 205 -5.03 8.61 8.59
CA VAL C 205 -3.88 9.12 7.87
C VAL C 205 -2.98 7.95 7.48
N ASP C 206 -2.08 8.17 6.54
CA ASP C 206 -1.08 7.15 6.23
C ASP C 206 0.29 7.63 6.71
N ALA C 207 0.70 7.05 7.84
CA ALA C 207 1.96 7.37 8.47
C ALA C 207 2.55 6.07 9.07
N PRO C 208 2.98 5.15 8.19
CA PRO C 208 3.34 3.78 8.59
C PRO C 208 4.57 3.70 9.52
N TRP C 209 5.31 4.81 9.66
CA TRP C 209 6.47 4.85 10.56
C TRP C 209 6.06 4.98 12.02
N MET C 210 4.77 5.28 12.25
CA MET C 210 4.23 5.35 13.60
C MET C 210 3.98 3.96 14.21
N LYS C 211 4.81 3.59 15.20
CA LYS C 211 4.70 2.27 15.84
C LYS C 211 4.18 2.31 17.27
N HIS C 212 3.79 3.48 17.73
CA HIS C 212 3.35 3.68 19.12
C HIS C 212 2.07 4.48 19.14
N PHE C 213 1.14 4.11 20.03
CA PHE C 213 0.05 5.01 20.33
C PHE C 213 0.51 6.18 21.21
N ILE C 214 0.00 7.38 20.97
CA ILE C 214 0.16 8.47 21.93
C ILE C 214 -1.18 9.04 22.35
N LEU C 215 -1.50 8.96 23.63
CA LEU C 215 -2.71 9.57 24.17
C LEU C 215 -2.30 10.71 25.11
N THR C 216 -2.79 11.92 24.83
CA THR C 216 -2.60 13.05 25.74
C THR C 216 -3.89 13.35 26.51
N HIS C 217 -3.72 13.90 27.71
CA HIS C 217 -4.84 14.24 28.59
C HIS C 217 -4.76 15.64 29.17
N ASP C 218 -5.90 16.32 29.17
CA ASP C 218 -6.05 17.63 29.78
C ASP C 218 -7.46 17.70 30.37
N PRO C 219 -7.56 17.58 31.72
CA PRO C 219 -8.87 17.65 32.38
C PRO C 219 -9.52 19.03 32.23
N GLU C 220 -8.75 20.03 31.81
CA GLU C 220 -9.31 21.35 31.50
C GLU C 220 -10.24 21.31 30.29
N ARG C 221 -9.97 20.40 29.37
CA ARG C 221 -10.78 20.20 28.16
C ARG C 221 -11.67 18.95 28.23
N GLY C 222 -11.29 18.00 29.08
CA GLY C 222 -12.10 16.81 29.35
C GLY C 222 -11.56 15.54 28.73
N ILE C 223 -12.26 14.44 28.96
CA ILE C 223 -11.88 13.14 28.42
C ILE C 223 -11.94 13.13 26.89
N TYR C 224 -10.89 12.59 26.27
CA TYR C 224 -10.73 12.47 24.82
C TYR C 224 -10.97 13.76 24.08
N ASN C 225 -10.63 14.87 24.72
CA ASN C 225 -10.70 16.21 24.11
C ASN C 225 -9.34 16.87 23.96
N SER C 226 -8.32 16.03 23.91
CA SER C 226 -6.95 16.42 23.73
C SER C 226 -6.44 15.48 22.60
N PRO C 227 -5.42 15.90 21.82
CA PRO C 227 -4.99 15.09 20.66
C PRO C 227 -4.54 13.66 20.97
N TYR C 228 -4.92 12.73 20.10
CA TYR C 228 -4.41 11.37 20.18
C TYR C 228 -4.02 10.78 18.82
N ILE C 229 -3.13 9.79 18.86
CA ILE C 229 -2.58 9.14 17.68
C ILE C 229 -2.58 7.63 17.93
N ILE C 230 -3.33 6.90 17.12
CA ILE C 230 -3.46 5.44 17.28
C ILE C 230 -3.22 4.67 15.97
N PRO C 231 -2.04 4.01 15.85
CA PRO C 231 -1.75 3.23 14.65
C PRO C 231 -2.71 2.08 14.53
N GLY C 232 -3.30 1.90 13.35
CA GLY C 232 -4.04 0.70 13.01
C GLY C 232 -3.12 -0.20 12.22
N THR C 233 -3.70 -1.22 11.59
CA THR C 233 -2.89 -2.10 10.80
C THR C 233 -2.36 -1.39 9.55
N GLN C 234 -3.24 -0.80 8.76
CA GLN C 234 -2.85 -0.15 7.50
C GLN C 234 -2.64 1.34 7.70
N THR C 235 -3.40 1.91 8.62
CA THR C 235 -3.54 3.35 8.67
C THR C 235 -3.42 3.85 10.11
N VAL C 236 -3.31 5.16 10.29
CA VAL C 236 -3.10 5.74 11.62
C VAL C 236 -4.26 6.66 11.93
N THR C 237 -4.92 6.42 13.07
CA THR C 237 -6.04 7.23 13.50
C THR C 237 -5.61 8.47 14.28
N LEU C 238 -6.13 9.62 13.85
CA LEU C 238 -5.90 10.91 14.51
C LEU C 238 -7.21 11.39 15.12
N GLY C 239 -7.17 11.87 16.36
CA GLY C 239 -8.39 12.29 17.05
C GLY C 239 -8.20 13.33 18.13
N GLY C 240 -9.29 13.56 18.87
CA GLY C 240 -9.28 14.48 19.99
C GLY C 240 -10.56 15.25 20.19
N ILE C 241 -11.70 14.67 19.81
CA ILE C 241 -12.98 15.37 19.94
C ILE C 241 -14.02 14.56 20.71
N PHE C 242 -14.59 15.19 21.74
CA PHE C 242 -15.65 14.62 22.54
C PHE C 242 -16.60 15.75 22.90
N GLN C 243 -17.82 15.71 22.37
CA GLN C 243 -18.83 16.75 22.62
C GLN C 243 -20.18 16.13 23.05
N LEU C 244 -20.51 16.29 24.34
CA LEU C 244 -21.77 15.81 24.88
C LEU C 244 -22.95 16.44 24.18
N GLY C 245 -23.94 15.63 23.85
CA GLY C 245 -25.22 16.12 23.36
C GLY C 245 -25.24 16.67 21.94
N ASN C 246 -24.10 16.63 21.26
CA ASN C 246 -24.08 16.97 19.83
C ASN C 246 -24.42 15.75 18.95
N TRP C 247 -25.50 15.85 18.18
CA TRP C 247 -26.03 14.74 17.37
C TRP C 247 -25.69 14.83 15.88
N SER C 248 -24.81 15.77 15.53
CA SER C 248 -24.48 16.03 14.13
C SER C 248 -23.46 15.03 13.56
N GLU C 249 -23.98 13.99 12.91
CA GLU C 249 -23.18 12.99 12.21
C GLU C 249 -22.68 13.59 10.88
N LEU C 250 -21.79 14.57 11.00
CA LEU C 250 -21.27 15.28 9.85
C LEU C 250 -19.88 15.81 10.17
N ASN C 251 -18.94 15.61 9.25
CA ASN C 251 -17.58 16.11 9.45
C ASN C 251 -17.50 17.64 9.47
N ASN C 252 -16.97 18.16 10.56
CA ASN C 252 -16.86 19.57 10.82
C ASN C 252 -15.44 20.08 10.51
N ILE C 253 -15.32 21.01 9.58
CA ILE C 253 -14.01 21.56 9.19
C ILE C 253 -13.22 22.07 10.41
N GLN C 254 -13.93 22.72 11.33
CA GLN C 254 -13.31 23.25 12.53
C GLN C 254 -12.70 22.13 13.37
N ASP C 255 -13.48 21.09 13.65
CA ASP C 255 -12.98 19.89 14.30
C ASP C 255 -11.73 19.33 13.57
N HIS C 256 -11.81 19.17 12.25
CA HIS C 256 -10.68 18.77 11.41
C HIS C 256 -9.38 19.55 11.75
N ASN C 257 -9.44 20.88 11.69
CA ASN C 257 -8.28 21.68 12.08
C ASN C 257 -7.75 21.32 13.46
N THR C 258 -8.63 21.22 14.45
CA THR C 258 -8.25 20.85 15.83
C THR C 258 -7.45 19.55 15.92
N ILE C 259 -7.94 18.48 15.27
CA ILE C 259 -7.23 17.20 15.19
C ILE C 259 -5.84 17.38 14.59
N TRP C 260 -5.82 17.86 13.35
CA TRP C 260 -4.60 18.04 12.57
C TRP C 260 -3.55 18.88 13.29
N GLU C 261 -3.98 20.05 13.79
CA GLU C 261 -3.08 21.02 14.42
C GLU C 261 -2.55 20.50 15.74
N GLY C 262 -3.39 19.79 16.49
CA GLY C 262 -3.00 19.20 17.76
C GLY C 262 -2.07 18.01 17.60
N CYS C 263 -2.34 17.19 16.58
CA CYS C 263 -1.58 15.97 16.36
C CYS C 263 -0.23 16.24 15.71
N CYS C 264 -0.17 17.27 14.87
CA CYS C 264 1.12 17.67 14.27
C CYS C 264 2.05 18.33 15.26
N ARG C 265 1.50 18.93 16.31
CA ARG C 265 2.28 19.55 17.38
C ARG C 265 2.94 18.47 18.23
N LEU C 266 2.20 17.39 18.44
CA LEU C 266 2.72 16.20 19.14
C LEU C 266 3.80 15.50 18.32
N GLU C 267 3.50 15.28 17.05
CA GLU C 267 4.32 14.43 16.20
C GLU C 267 4.61 15.13 14.86
N PRO C 268 5.59 16.05 14.87
CA PRO C 268 5.94 16.85 13.70
C PRO C 268 6.08 16.06 12.39
N THR C 269 6.31 14.76 12.48
CA THR C 269 6.45 13.90 11.28
C THR C 269 5.14 13.71 10.51
N LEU C 270 4.00 13.97 11.17
CA LEU C 270 2.68 13.81 10.58
C LEU C 270 2.37 14.86 9.53
N LYS C 271 3.14 15.95 9.54
CA LYS C 271 3.03 17.06 8.56
C LYS C 271 3.13 16.53 7.13
N ASN C 272 3.87 15.43 6.99
CA ASN C 272 4.06 14.74 5.73
C ASN C 272 3.11 13.56 5.49
N ALA C 273 2.20 13.31 6.42
CA ALA C 273 1.29 12.16 6.28
C ALA C 273 0.17 12.47 5.29
N ARG C 274 -0.31 11.43 4.61
CA ARG C 274 -1.37 11.57 3.64
C ARG C 274 -2.71 11.29 4.30
N ILE C 275 -3.63 12.26 4.18
CA ILE C 275 -4.98 12.15 4.76
C ILE C 275 -5.84 11.24 3.88
N ILE C 276 -6.24 10.09 4.43
CA ILE C 276 -6.99 9.05 3.69
C ILE C 276 -8.49 9.31 3.78
N GLY C 277 -8.92 9.95 4.87
CA GLY C 277 -10.35 10.15 5.11
C GLY C 277 -10.66 10.61 6.52
N GLU C 278 -11.95 10.77 6.77
CA GLU C 278 -12.46 11.36 8.01
C GLU C 278 -13.89 10.86 8.28
N ARG C 279 -14.20 10.60 9.55
CA ARG C 279 -15.51 10.07 9.92
C ARG C 279 -15.95 10.50 11.32
N THR C 280 -17.26 10.56 11.52
CA THR C 280 -17.85 10.98 12.79
C THR C 280 -18.61 9.82 13.39
N GLY C 281 -18.67 9.79 14.72
CA GLY C 281 -19.48 8.81 15.45
C GLY C 281 -19.94 9.33 16.79
N PHE C 282 -20.76 8.54 17.48
CA PHE C 282 -21.31 8.95 18.79
C PHE C 282 -21.07 7.95 19.90
N ARG C 283 -20.20 8.29 20.85
CA ARG C 283 -20.02 7.46 22.04
C ARG C 283 -21.32 7.37 22.84
N PRO C 284 -21.83 6.15 23.10
CA PRO C 284 -23.04 6.07 23.93
C PRO C 284 -22.74 6.35 25.42
N VAL C 285 -22.63 7.63 25.75
CA VAL C 285 -22.20 8.08 27.08
C VAL C 285 -23.32 7.85 28.10
N ARG C 286 -22.95 7.24 29.22
CA ARG C 286 -23.88 7.00 30.33
C ARG C 286 -23.08 6.80 31.61
N PRO C 287 -23.54 7.38 32.75
CA PRO C 287 -22.76 7.24 33.99
C PRO C 287 -22.32 5.79 34.20
N GLN C 288 -23.19 4.85 33.83
CA GLN C 288 -22.83 3.44 33.80
C GLN C 288 -23.64 2.67 32.77
N ILE C 289 -23.13 1.52 32.39
CA ILE C 289 -23.74 0.67 31.40
C ILE C 289 -25.03 0.08 31.95
N ARG C 290 -26.08 0.05 31.11
CA ARG C 290 -27.32 -0.59 31.48
C ARG C 290 -27.33 -2.01 30.94
N LEU C 291 -26.82 -2.91 31.75
CA LEU C 291 -26.88 -4.31 31.42
C LEU C 291 -27.81 -4.94 32.43
N GLU C 292 -29.08 -5.04 32.07
CA GLU C 292 -30.12 -5.52 32.99
C GLU C 292 -31.34 -6.08 32.27
N ARG C 293 -32.08 -6.92 32.98
CA ARG C 293 -33.35 -7.44 32.49
C ARG C 293 -34.48 -6.48 32.82
N GLU C 294 -35.58 -6.64 32.09
CA GLU C 294 -36.79 -5.89 32.33
C GLU C 294 -37.98 -6.73 31.86
N GLN C 295 -39.01 -6.82 32.70
CA GLN C 295 -40.25 -7.48 32.33
C GLN C 295 -41.10 -6.54 31.51
N LEU C 296 -41.77 -7.08 30.50
CA LEU C 296 -42.61 -6.25 29.64
C LEU C 296 -43.91 -6.97 29.27
N ARG C 297 -44.97 -6.69 30.03
CA ARG C 297 -46.33 -7.15 29.71
C ARG C 297 -46.81 -6.45 28.44
N THR C 298 -46.55 -7.09 27.30
CA THR C 298 -46.88 -6.54 25.98
C THR C 298 -48.30 -6.97 25.56
N GLY C 299 -49.30 -6.29 26.13
CA GLY C 299 -50.70 -6.64 25.96
C GLY C 299 -51.03 -7.92 26.72
N PRO C 300 -51.71 -8.88 26.04
CA PRO C 300 -52.14 -10.18 26.59
C PRO C 300 -50.99 -10.99 27.22
N SER C 301 -49.99 -11.35 26.42
CA SER C 301 -48.78 -12.04 26.89
C SER C 301 -47.65 -11.04 27.19
N ASN C 302 -46.61 -11.51 27.86
CA ASN C 302 -45.45 -10.67 28.17
C ASN C 302 -44.08 -11.30 27.86
N THR C 303 -43.11 -10.46 27.53
CA THR C 303 -41.80 -10.93 27.08
C THR C 303 -40.63 -10.30 27.86
N GLU C 304 -39.47 -10.95 27.77
CA GLU C 304 -38.28 -10.52 28.46
C GLU C 304 -37.38 -9.67 27.57
N VAL C 305 -36.89 -8.57 28.13
CA VAL C 305 -36.00 -7.66 27.43
C VAL C 305 -34.69 -7.60 28.19
N ILE C 306 -33.59 -8.03 27.55
CA ILE C 306 -32.26 -7.80 28.12
C ILE C 306 -31.67 -6.54 27.50
N HIS C 307 -31.51 -5.50 28.32
CA HIS C 307 -30.81 -4.31 27.89
C HIS C 307 -29.30 -4.56 27.95
N ASN C 308 -28.56 -3.85 27.09
CA ASN C 308 -27.10 -3.90 27.04
C ASN C 308 -26.61 -2.75 26.17
N TYR C 309 -26.56 -1.57 26.78
CA TYR C 309 -26.17 -0.34 26.09
C TYR C 309 -25.57 0.72 27.02
N GLY C 310 -25.00 1.76 26.42
CA GLY C 310 -24.32 2.83 27.14
C GLY C 310 -22.89 2.50 27.50
N HIS C 311 -22.09 2.09 26.53
CA HIS C 311 -20.69 1.73 26.81
C HIS C 311 -19.73 2.91 26.51
N GLY C 312 -20.30 4.08 26.21
CA GLY C 312 -19.52 5.28 26.04
C GLY C 312 -18.26 5.04 25.25
N GLY C 313 -17.13 5.46 25.80
CA GLY C 313 -15.86 5.40 25.08
C GLY C 313 -15.05 4.14 25.34
N TYR C 314 -15.71 3.05 25.70
CA TYR C 314 -15.00 1.83 26.05
C TYR C 314 -15.76 0.53 25.66
N GLY C 315 -16.61 0.68 24.65
CA GLY C 315 -17.36 -0.42 24.07
C GLY C 315 -16.51 -1.58 23.61
N LEU C 316 -15.36 -1.31 22.96
CA LEU C 316 -14.49 -2.40 22.50
C LEU C 316 -13.71 -2.96 23.66
N THR C 317 -13.27 -2.06 24.54
CA THR C 317 -12.52 -2.40 25.74
C THR C 317 -13.25 -3.39 26.68
N ILE C 318 -14.59 -3.36 26.67
CA ILE C 318 -15.39 -4.14 27.63
C ILE C 318 -16.48 -5.09 27.06
N HIS C 319 -16.56 -5.24 25.73
CA HIS C 319 -17.69 -5.91 25.08
C HIS C 319 -17.86 -7.36 25.51
N TRP C 320 -16.74 -8.04 25.72
CA TRP C 320 -16.75 -9.48 25.98
C TRP C 320 -17.34 -9.81 27.36
N GLY C 321 -16.90 -9.08 28.38
CA GLY C 321 -17.44 -9.23 29.72
C GLY C 321 -18.92 -8.92 29.74
N CYS C 322 -19.34 -7.95 28.94
CA CYS C 322 -20.75 -7.61 28.83
C CYS C 322 -21.53 -8.71 28.12
N ALA C 323 -20.91 -9.33 27.12
CA ALA C 323 -21.59 -10.36 26.35
C ALA C 323 -21.85 -11.62 27.19
N LEU C 324 -20.86 -12.04 27.99
CA LEU C 324 -21.04 -13.18 28.91
C LEU C 324 -22.03 -12.90 30.04
N GLU C 325 -22.07 -11.66 30.53
CA GLU C 325 -23.04 -11.25 31.54
C GLU C 325 -24.45 -11.32 31.00
N ALA C 326 -24.64 -10.84 29.76
CA ALA C 326 -25.90 -10.98 29.05
C ALA C 326 -26.26 -12.45 28.81
N ALA C 327 -25.27 -13.30 28.52
CA ALA C 327 -25.50 -14.74 28.43
C ALA C 327 -26.03 -15.32 29.76
N LYS C 328 -25.41 -14.92 30.87
CA LYS C 328 -25.80 -15.37 32.20
C LYS C 328 -27.24 -15.01 32.52
N LEU C 329 -27.64 -13.78 32.17
CA LEU C 329 -29.02 -13.34 32.39
C LEU C 329 -29.98 -14.12 31.52
N PHE C 330 -29.59 -14.38 30.27
CA PHE C 330 -30.39 -15.22 29.39
C PHE C 330 -30.68 -16.56 30.06
N GLY C 331 -29.67 -17.12 30.73
CA GLY C 331 -29.80 -18.42 31.42
C GLY C 331 -30.71 -18.40 32.63
N ARG C 332 -30.80 -17.25 33.29
CA ARG C 332 -31.69 -17.05 34.43
C ARG C 332 -33.14 -17.05 33.97
N ILE C 333 -33.37 -16.56 32.75
CA ILE C 333 -34.68 -16.54 32.11
C ILE C 333 -35.10 -17.96 31.68
N LEU C 334 -34.12 -18.81 31.38
CA LEU C 334 -34.40 -20.18 31.02
C LEU C 334 -34.81 -21.03 32.24
N GLU C 335 -34.12 -20.84 33.36
CA GLU C 335 -34.41 -21.60 34.58
C GLU C 335 -35.77 -21.20 35.17
N GLU C 336 -36.16 -19.95 34.98
CA GLU C 336 -37.48 -19.46 35.38
C GLU C 336 -38.64 -19.96 34.50
N LYS C 337 -38.41 -20.04 33.19
CA LYS C 337 -39.38 -20.64 32.26
C LYS C 337 -39.33 -22.15 32.39
N LYS C 338 -38.54 -22.61 33.36
CA LYS C 338 -38.39 -24.04 33.75
C LYS C 338 -37.90 -25.02 32.65
N LEU C 339 -37.24 -24.48 31.62
CA LEU C 339 -36.56 -25.30 30.61
C LEU C 339 -35.06 -25.33 30.89
N SER C 340 -34.72 -25.91 32.05
CA SER C 340 -33.35 -25.99 32.58
C SER C 340 -33.15 -27.34 33.27
N MET D 1 43.15 21.17 -0.64
CA MET D 1 43.46 19.77 -0.26
C MET D 1 42.47 18.80 -0.90
N ARG D 2 43.00 17.76 -1.54
CA ARG D 2 42.20 16.82 -2.28
C ARG D 2 41.92 15.59 -1.43
N VAL D 3 40.65 15.34 -1.13
CA VAL D 3 40.24 14.23 -0.26
C VAL D 3 39.45 13.14 -1.00
N VAL D 4 39.94 11.90 -0.98
CA VAL D 4 39.20 10.80 -1.61
C VAL D 4 38.63 9.80 -0.58
N VAL D 5 37.31 9.68 -0.58
CA VAL D 5 36.65 8.70 0.26
C VAL D 5 36.29 7.49 -0.60
N ILE D 6 36.87 6.33 -0.29
CA ILE D 6 36.52 5.07 -0.97
C ILE D 6 35.44 4.34 -0.18
N GLY D 7 34.30 4.09 -0.82
CA GLY D 7 33.17 3.45 -0.15
C GLY D 7 31.96 4.38 -0.04
N ALA D 8 30.81 3.90 -0.49
CA ALA D 8 29.56 4.66 -0.49
C ALA D 8 28.49 4.00 0.35
N GLY D 9 28.89 3.28 1.40
CA GLY D 9 27.96 2.76 2.39
C GLY D 9 27.74 3.79 3.49
N VAL D 10 27.07 3.39 4.58
CA VAL D 10 26.83 4.31 5.69
C VAL D 10 28.13 4.98 6.23
N ILE D 11 29.19 4.20 6.34
CA ILE D 11 30.45 4.68 6.87
C ILE D 11 31.10 5.69 5.92
N GLY D 12 31.26 5.30 4.66
CA GLY D 12 31.85 6.18 3.64
C GLY D 12 31.17 7.53 3.60
N LEU D 13 29.85 7.52 3.45
CA LEU D 13 29.09 8.76 3.27
C LEU D 13 29.04 9.60 4.52
N SER D 14 28.75 8.99 5.66
CA SER D 14 28.67 9.75 6.91
C SER D 14 30.01 10.40 7.23
N THR D 15 31.09 9.64 7.09
CA THR D 15 32.46 10.16 7.21
C THR D 15 32.73 11.34 6.25
N ALA D 16 32.36 11.21 4.96
CA ALA D 16 32.58 12.30 4.01
C ALA D 16 31.82 13.57 4.42
N LEU D 17 30.61 13.38 4.98
CA LEU D 17 29.76 14.47 5.45
C LEU D 17 30.31 15.19 6.69
N CYS D 18 30.81 14.42 7.66
CA CYS D 18 31.46 14.99 8.84
C CYS D 18 32.67 15.83 8.50
N ILE D 19 33.61 15.23 7.77
CA ILE D 19 34.81 15.94 7.32
C ILE D 19 34.42 17.24 6.61
N HIS D 20 33.39 17.17 5.78
CA HIS D 20 32.93 18.38 5.12
C HIS D 20 32.36 19.41 6.08
N GLU D 21 31.43 19.01 6.96
CA GLU D 21 30.78 19.97 7.86
C GLU D 21 31.81 20.68 8.75
N ARG D 22 32.87 19.96 9.10
CA ARG D 22 33.82 20.41 10.09
C ARG D 22 35.02 21.21 9.54
N TYR D 23 35.29 21.14 8.24
CA TYR D 23 36.52 21.73 7.67
C TYR D 23 36.42 22.52 6.37
N HIS D 24 35.20 22.81 5.90
CA HIS D 24 35.02 23.59 4.68
C HIS D 24 35.33 25.09 4.87
N SER D 25 35.01 25.59 6.07
CA SER D 25 35.25 26.99 6.42
C SER D 25 36.74 27.31 6.59
N VAL D 26 37.49 26.34 7.14
CA VAL D 26 38.92 26.55 7.43
C VAL D 26 39.87 26.29 6.25
N LEU D 27 39.51 25.36 5.36
CA LEU D 27 40.32 25.08 4.17
C LEU D 27 39.64 25.58 2.90
N GLN D 28 40.19 26.64 2.30
CA GLN D 28 39.57 27.22 1.11
C GLN D 28 39.40 26.18 0.01
N PRO D 29 40.49 25.50 -0.40
CA PRO D 29 40.21 24.35 -1.25
C PRO D 29 40.03 23.05 -0.43
N LEU D 30 38.78 22.69 -0.15
CA LEU D 30 38.44 21.35 0.34
C LEU D 30 37.66 20.59 -0.74
N ASP D 31 38.36 19.77 -1.51
CA ASP D 31 37.71 18.91 -2.52
C ASP D 31 37.52 17.47 -2.06
N ILE D 32 36.27 17.06 -1.96
CA ILE D 32 35.94 15.69 -1.58
C ILE D 32 35.38 14.93 -2.78
N LYS D 33 35.90 13.72 -2.99
CA LYS D 33 35.45 12.84 -4.05
C LYS D 33 35.20 11.43 -3.53
N VAL D 34 34.00 10.91 -3.78
CA VAL D 34 33.67 9.55 -3.36
C VAL D 34 33.84 8.53 -4.50
N TYR D 35 34.77 7.59 -4.32
CA TYR D 35 34.85 6.43 -5.22
C TYR D 35 34.20 5.21 -4.60
N ALA D 36 33.30 4.59 -5.36
CA ALA D 36 32.74 3.30 -5.00
C ALA D 36 32.38 2.54 -6.26
N ASP D 37 32.45 1.20 -6.18
CA ASP D 37 32.06 0.39 -7.34
C ASP D 37 30.60 -0.07 -7.24
N ARG D 38 30.04 0.06 -6.03
CA ARG D 38 28.60 -0.14 -5.82
C ARG D 38 27.97 1.05 -5.06
N PHE D 39 26.74 1.42 -5.42
CA PHE D 39 26.11 2.60 -4.80
C PHE D 39 24.77 2.32 -4.16
N THR D 40 24.17 3.40 -3.68
CA THR D 40 22.90 3.51 -2.93
C THR D 40 21.93 2.34 -2.76
N PRO D 41 21.58 1.59 -3.85
CA PRO D 41 20.76 0.38 -3.58
C PRO D 41 21.49 -1.00 -3.45
N LEU D 42 22.75 -1.09 -3.89
CA LEU D 42 23.47 -2.39 -3.93
C LEU D 42 24.55 -2.57 -2.87
N THR D 43 24.47 -1.81 -1.78
CA THR D 43 25.44 -1.98 -0.69
C THR D 43 24.87 -2.85 0.42
N THR D 44 25.74 -3.24 1.35
CA THR D 44 25.33 -3.99 2.54
C THR D 44 24.45 -3.12 3.44
N THR D 45 24.70 -1.81 3.42
CA THR D 45 23.89 -0.90 4.21
C THR D 45 22.42 -1.02 3.82
N ASP D 46 22.17 -1.21 2.53
CA ASP D 46 20.80 -1.36 2.02
C ASP D 46 20.06 -2.58 2.55
N VAL D 47 20.81 -3.64 2.85
CA VAL D 47 20.24 -4.90 3.34
C VAL D 47 19.88 -4.83 4.82
N ALA D 48 20.57 -3.97 5.56
CA ALA D 48 20.29 -3.80 6.99
C ALA D 48 18.90 -3.19 7.27
N ALA D 49 18.15 -3.86 8.14
CA ALA D 49 16.91 -3.31 8.70
C ALA D 49 17.18 -1.95 9.34
N GLY D 50 18.30 -1.85 10.07
CA GLY D 50 18.73 -0.62 10.68
C GLY D 50 18.28 -0.40 12.12
N LEU D 51 18.12 -1.49 12.88
CA LEU D 51 17.86 -1.40 14.33
C LEU D 51 19.11 -0.93 15.09
N TRP D 52 18.94 -0.04 16.07
CA TRP D 52 20.05 0.32 16.96
C TRP D 52 20.17 -0.69 18.11
N GLN D 53 21.20 -1.52 18.04
CA GLN D 53 21.51 -2.48 19.10
C GLN D 53 22.90 -3.03 18.89
N PRO D 54 23.82 -2.76 19.84
CA PRO D 54 25.16 -3.36 19.82
C PRO D 54 25.13 -4.85 20.21
N TYR D 55 26.29 -5.50 20.29
CA TYR D 55 26.37 -6.89 20.77
C TYR D 55 26.05 -6.98 22.26
N LEU D 56 25.57 -8.13 22.70
CA LEU D 56 25.32 -8.37 24.13
C LEU D 56 26.61 -8.41 24.97
N SER D 57 27.67 -8.98 24.38
CA SER D 57 28.98 -9.04 25.01
C SER D 57 29.73 -7.74 24.80
N ASP D 58 30.51 -7.33 25.80
CA ASP D 58 31.25 -6.06 25.76
C ASP D 58 32.32 -5.95 24.66
N PRO D 59 32.50 -4.73 24.10
CA PRO D 59 33.46 -4.47 23.03
C PRO D 59 34.92 -4.54 23.47
N ASN D 60 35.79 -5.08 22.61
CA ASN D 60 37.20 -5.21 22.95
C ASN D 60 37.85 -3.85 23.24
N ASN D 61 37.77 -2.95 22.27
CA ASN D 61 38.15 -1.55 22.46
C ASN D 61 36.99 -0.83 23.14
N PRO D 62 37.22 -0.31 24.35
CA PRO D 62 36.14 0.36 25.09
C PRO D 62 35.67 1.65 24.42
N GLN D 63 36.50 2.26 23.57
CA GLN D 63 36.10 3.40 22.74
C GLN D 63 34.76 3.17 22.00
N GLU D 64 34.58 1.95 21.50
CA GLU D 64 33.38 1.55 20.76
C GLU D 64 32.07 1.71 21.54
N ALA D 65 32.13 1.62 22.87
CA ALA D 65 30.94 1.87 23.70
C ALA D 65 30.55 3.36 23.73
N ASP D 66 31.48 4.26 23.42
CA ASP D 66 31.20 5.71 23.33
C ASP D 66 30.65 6.13 21.97
N TRP D 67 31.25 5.61 20.91
CA TRP D 67 30.84 5.96 19.55
C TRP D 67 29.39 5.58 19.32
N SER D 68 29.01 4.43 19.88
CA SER D 68 27.67 3.89 19.80
C SER D 68 26.62 4.72 20.56
N GLN D 69 26.99 5.22 21.73
CA GLN D 69 26.18 6.14 22.53
C GLN D 69 26.04 7.52 21.86
N GLN D 70 27.13 7.98 21.26
CA GLN D 70 27.11 9.20 20.47
C GLN D 70 26.07 9.06 19.38
N THR D 71 26.09 7.92 18.68
CA THR D 71 25.17 7.67 17.57
C THR D 71 23.71 7.66 18.03
N PHE D 72 23.43 7.02 19.16
CA PHE D 72 22.04 6.94 19.63
C PHE D 72 21.49 8.33 19.96
N ASP D 73 22.31 9.15 20.65
CA ASP D 73 21.95 10.51 21.07
C ASP D 73 21.75 11.47 19.87
N TYR D 74 22.61 11.34 18.87
CA TYR D 74 22.46 12.06 17.62
C TYR D 74 21.09 11.82 17.01
N LEU D 75 20.80 10.54 16.76
CA LEU D 75 19.55 10.10 16.14
C LEU D 75 18.29 10.41 16.95
N LEU D 76 18.37 10.27 18.27
CA LEU D 76 17.21 10.52 19.12
C LEU D 76 16.85 12.01 19.15
N SER D 77 17.86 12.87 18.99
CA SER D 77 17.62 14.31 18.95
C SER D 77 16.90 14.72 17.66
N HIS D 78 17.10 13.95 16.58
CA HIS D 78 16.48 14.25 15.29
C HIS D 78 15.23 13.40 15.02
N VAL D 79 14.78 12.64 16.02
CA VAL D 79 13.71 11.67 15.84
C VAL D 79 12.33 12.31 15.61
N HIS D 80 12.09 13.47 16.20
CA HIS D 80 10.79 14.14 16.05
C HIS D 80 10.82 15.32 15.07
N SER D 81 11.97 15.52 14.42
CA SER D 81 12.12 16.50 13.32
C SER D 81 11.23 16.11 12.12
N PRO D 82 10.62 17.11 11.44
CA PRO D 82 9.72 16.81 10.30
C PRO D 82 10.41 16.03 9.16
N ASN D 83 11.73 16.20 9.03
CA ASN D 83 12.53 15.49 8.03
C ASN D 83 12.77 13.99 8.31
N ALA D 84 12.55 13.55 9.56
CA ALA D 84 12.91 12.20 10.03
C ALA D 84 12.41 11.06 9.12
N GLU D 85 11.28 11.28 8.48
CA GLU D 85 10.69 10.34 7.53
C GLU D 85 11.60 10.09 6.33
N ASN D 86 12.24 11.14 5.83
CA ASN D 86 13.20 11.02 4.73
C ASN D 86 14.43 10.19 5.10
N LEU D 87 14.84 10.30 6.36
CA LEU D 87 15.96 9.54 6.89
C LEU D 87 15.63 8.06 7.05
N GLY D 88 14.35 7.72 7.18
CA GLY D 88 13.91 6.39 7.56
C GLY D 88 14.11 6.13 9.05
N LEU D 89 13.85 7.15 9.86
CA LEU D 89 14.19 7.15 11.27
C LEU D 89 12.91 7.13 12.07
N PHE D 90 12.85 6.36 13.15
CA PHE D 90 11.67 6.39 14.01
C PHE D 90 11.84 5.57 15.28
N LEU D 91 10.95 5.76 16.24
CA LEU D 91 10.98 5.02 17.51
C LEU D 91 10.29 3.65 17.38
N ILE D 92 10.88 2.65 18.01
CA ILE D 92 10.31 1.31 18.03
C ILE D 92 10.60 0.60 19.35
N SER D 93 9.63 -0.15 19.86
CA SER D 93 9.80 -0.95 21.07
C SER D 93 9.79 -2.43 20.71
N GLY D 94 10.41 -3.28 21.52
CA GLY D 94 10.49 -4.70 21.19
C GLY D 94 11.12 -5.61 22.22
N TYR D 95 11.02 -6.90 21.97
CA TYR D 95 11.46 -7.92 22.90
C TYR D 95 12.83 -8.47 22.51
N ASN D 96 13.65 -8.77 23.52
CA ASN D 96 14.81 -9.66 23.39
C ASN D 96 14.55 -10.93 24.21
N LEU D 97 14.55 -12.07 23.54
CA LEU D 97 14.19 -13.29 24.22
C LEU D 97 15.38 -14.24 24.41
N PHE D 98 15.43 -14.92 25.56
CA PHE D 98 16.53 -15.80 25.95
C PHE D 98 15.90 -17.01 26.59
N HIS D 99 16.65 -18.11 26.66
CA HIS D 99 16.14 -19.30 27.36
C HIS D 99 16.31 -19.22 28.89
N GLU D 100 17.43 -18.67 29.34
CA GLU D 100 17.75 -18.63 30.78
C GLU D 100 18.15 -17.21 31.17
N ALA D 101 18.18 -16.94 32.47
CA ALA D 101 18.57 -15.63 32.98
C ALA D 101 19.99 -15.30 32.54
N ILE D 102 20.24 -14.02 32.26
CA ILE D 102 21.50 -13.58 31.69
C ILE D 102 21.84 -12.17 32.16
N PRO D 103 23.15 -11.84 32.33
CA PRO D 103 23.46 -10.50 32.84
C PRO D 103 23.03 -9.41 31.87
N ASP D 104 22.61 -8.28 32.42
CA ASP D 104 22.18 -7.17 31.61
C ASP D 104 23.28 -6.68 30.66
N PRO D 105 22.89 -6.03 29.55
CA PRO D 105 23.90 -5.47 28.67
C PRO D 105 24.40 -4.13 29.23
N SER D 106 25.58 -3.69 28.81
CA SER D 106 26.13 -2.40 29.29
C SER D 106 25.47 -1.17 28.69
N TRP D 107 24.69 -1.35 27.64
CA TRP D 107 23.97 -0.25 27.00
C TRP D 107 22.55 -0.04 27.51
N LYS D 108 22.15 -0.78 28.55
CA LYS D 108 20.81 -0.66 29.11
C LYS D 108 20.41 0.80 29.43
N ASP D 109 21.38 1.66 29.74
CA ASP D 109 21.11 3.06 30.07
C ASP D 109 21.16 4.00 28.88
N THR D 110 21.48 3.47 27.71
CA THR D 110 21.45 4.24 26.47
C THR D 110 20.04 4.20 25.89
N VAL D 111 19.42 3.03 25.94
CA VAL D 111 18.10 2.85 25.37
C VAL D 111 17.04 3.42 26.33
N LEU D 112 15.83 3.62 25.80
CA LEU D 112 14.71 4.11 26.57
C LEU D 112 13.94 2.99 27.29
N GLY D 113 13.77 3.16 28.60
CA GLY D 113 12.89 2.32 29.38
C GLY D 113 13.26 0.86 29.49
N PHE D 114 14.55 0.54 29.56
CA PHE D 114 14.99 -0.86 29.75
C PHE D 114 14.30 -1.53 30.94
N ARG D 115 13.91 -2.79 30.77
CA ARG D 115 13.28 -3.58 31.83
C ARG D 115 13.29 -5.06 31.47
N LYS D 116 13.25 -5.93 32.48
CA LYS D 116 13.02 -7.36 32.28
C LYS D 116 11.55 -7.56 31.96
N LEU D 117 11.27 -8.60 31.19
CA LEU D 117 9.90 -9.00 30.89
C LEU D 117 9.26 -9.58 32.15
N THR D 118 7.93 -9.57 32.20
CA THR D 118 7.17 -10.10 33.33
C THR D 118 6.60 -11.47 32.95
N PRO D 119 6.27 -12.32 33.95
CA PRO D 119 5.77 -13.67 33.64
C PRO D 119 4.71 -13.75 32.51
N ARG D 120 3.75 -12.82 32.52
CA ARG D 120 2.67 -12.78 31.53
C ARG D 120 3.16 -12.56 30.12
N GLU D 121 4.10 -11.64 29.97
CA GLU D 121 4.66 -11.34 28.68
C GLU D 121 5.40 -12.56 28.14
N LEU D 122 6.14 -13.21 29.01
CA LEU D 122 6.87 -14.44 28.69
C LEU D 122 5.94 -15.58 28.33
N ASP D 123 4.71 -15.52 28.84
CA ASP D 123 3.70 -16.53 28.51
C ASP D 123 3.25 -16.51 27.05
N MET D 124 3.52 -15.41 26.35
CA MET D 124 3.25 -15.30 24.91
C MET D 124 4.32 -16.00 24.07
N PHE D 125 5.43 -16.36 24.70
CA PHE D 125 6.54 -16.99 24.01
C PHE D 125 6.92 -18.29 24.70
N PRO D 126 6.33 -19.43 24.25
CA PRO D 126 6.53 -20.74 24.90
C PRO D 126 7.98 -21.21 24.91
N ASP D 127 8.72 -21.00 23.83
CA ASP D 127 10.11 -21.47 23.74
C ASP D 127 11.11 -20.69 24.60
N TYR D 128 10.69 -19.53 25.13
CA TYR D 128 11.60 -18.63 25.85
C TYR D 128 11.14 -18.35 27.27
N GLY D 129 12.11 -18.13 28.16
CA GLY D 129 11.82 -18.04 29.60
C GLY D 129 12.38 -16.82 30.29
N TYR D 130 13.17 -16.04 29.58
CA TYR D 130 13.70 -14.81 30.13
C TYR D 130 13.82 -13.79 29.01
N GLY D 131 13.76 -12.50 29.35
CA GLY D 131 13.97 -11.48 28.33
C GLY D 131 13.88 -10.01 28.75
N TRP D 132 14.16 -9.15 27.78
CA TRP D 132 14.08 -7.72 28.01
C TRP D 132 13.02 -7.04 27.13
N PHE D 133 12.60 -5.86 27.57
CA PHE D 133 11.79 -4.97 26.78
C PHE D 133 12.45 -3.61 26.88
N HIS D 134 12.53 -2.91 25.75
CA HIS D 134 12.97 -1.52 25.71
C HIS D 134 12.53 -0.84 24.41
N THR D 135 12.90 0.42 24.26
CA THR D 135 12.57 1.25 23.11
C THR D 135 13.88 1.72 22.47
N SER D 136 14.00 1.47 21.17
CA SER D 136 15.19 1.86 20.41
C SER D 136 14.82 2.69 19.17
N LEU D 137 15.66 2.63 18.15
CA LEU D 137 15.49 3.39 16.93
C LEU D 137 15.75 2.53 15.72
N ILE D 138 14.98 2.75 14.65
CA ILE D 138 15.32 2.23 13.35
C ILE D 138 15.84 3.34 12.48
N LEU D 139 16.94 3.04 11.79
CA LEU D 139 17.46 3.90 10.74
C LEU D 139 17.60 3.01 9.51
N GLU D 140 16.57 3.02 8.66
CA GLU D 140 16.56 2.20 7.46
C GLU D 140 17.67 2.65 6.54
N GLY D 141 18.58 1.73 6.25
CA GLY D 141 19.79 2.01 5.49
C GLY D 141 19.50 2.73 4.20
N LYS D 142 18.64 2.12 3.38
CA LYS D 142 18.33 2.55 2.01
C LYS D 142 17.94 4.00 1.96
N ASN D 143 17.01 4.37 2.85
CA ASN D 143 16.55 5.74 2.93
C ASN D 143 17.66 6.69 3.43
N TYR D 144 18.30 6.34 4.55
CA TYR D 144 19.40 7.15 5.12
C TYR D 144 20.53 7.37 4.12
N LEU D 145 20.85 6.33 3.37
CA LEU D 145 21.87 6.39 2.35
C LEU D 145 21.48 7.39 1.28
N GLN D 146 20.19 7.49 1.00
CA GLN D 146 19.71 8.37 -0.06
C GLN D 146 19.73 9.83 0.41
N TRP D 147 19.34 10.04 1.67
CA TRP D 147 19.41 11.34 2.33
C TRP D 147 20.82 11.91 2.33
N LEU D 148 21.77 11.09 2.78
CA LEU D 148 23.21 11.45 2.81
C LEU D 148 23.76 11.88 1.45
N THR D 149 23.28 11.21 0.40
CA THR D 149 23.72 11.48 -0.96
C THR D 149 23.27 12.87 -1.40
N GLU D 150 22.06 13.24 -1.04
CA GLU D 150 21.51 14.54 -1.43
C GLU D 150 22.22 15.67 -0.71
N ARG D 151 22.52 15.49 0.58
CA ARG D 151 23.25 16.47 1.35
C ARG D 151 24.64 16.73 0.77
N LEU D 152 25.32 15.64 0.42
CA LEU D 152 26.68 15.68 -0.14
C LEU D 152 26.73 16.33 -1.51
N THR D 153 25.67 16.11 -2.28
CA THR D 153 25.55 16.69 -3.61
C THR D 153 25.29 18.21 -3.51
N GLU D 154 24.36 18.61 -2.66
CA GLU D 154 24.13 20.03 -2.44
C GLU D 154 25.30 20.67 -1.69
N ARG D 155 26.28 19.83 -1.33
CA ARG D 155 27.51 20.29 -0.70
C ARG D 155 28.70 20.27 -1.65
N GLY D 156 28.44 20.01 -2.92
CA GLY D 156 29.47 20.06 -3.95
C GLY D 156 30.37 18.84 -4.08
N VAL D 157 30.15 17.84 -3.23
CA VAL D 157 30.91 16.59 -3.28
C VAL D 157 30.52 15.80 -4.53
N LYS D 158 31.50 15.24 -5.22
CA LYS D 158 31.23 14.50 -6.45
C LYS D 158 31.47 12.99 -6.29
N PHE D 159 30.56 12.20 -6.87
CA PHE D 159 30.63 10.75 -6.79
C PHE D 159 31.15 10.18 -8.11
N PHE D 160 31.88 9.07 -8.02
CA PHE D 160 32.37 8.36 -9.19
C PHE D 160 32.24 6.86 -8.98
N GLN D 161 31.74 6.17 -10.01
CA GLN D 161 31.62 4.73 -10.01
C GLN D 161 32.90 4.10 -10.53
N ARG D 162 33.75 3.61 -9.64
CA ARG D 162 34.98 2.94 -10.03
C ARG D 162 35.46 1.95 -8.96
N LYS D 163 36.15 0.90 -9.41
CA LYS D 163 36.73 -0.10 -8.52
C LYS D 163 38.22 0.21 -8.36
N VAL D 164 38.60 0.60 -7.15
CA VAL D 164 39.99 0.88 -6.82
C VAL D 164 40.81 -0.42 -6.67
N GLU D 165 41.94 -0.51 -7.37
CA GLU D 165 42.86 -1.64 -7.20
C GLU D 165 43.78 -1.47 -5.98
N SER D 166 44.29 -0.25 -5.78
CA SER D 166 45.22 0.01 -4.67
C SER D 166 45.14 1.44 -4.18
N PHE D 167 45.69 1.69 -2.99
CA PHE D 167 45.76 3.03 -2.45
C PHE D 167 46.68 3.91 -3.30
N GLU D 168 47.77 3.32 -3.77
CA GLU D 168 48.73 4.06 -4.60
C GLU D 168 48.15 4.52 -5.93
N GLU D 169 47.24 3.71 -6.50
CA GLU D 169 46.53 4.08 -7.72
C GLU D 169 45.80 5.41 -7.54
N VAL D 170 45.14 5.55 -6.39
CA VAL D 170 44.40 6.74 -6.02
C VAL D 170 45.38 7.89 -5.77
N ALA D 171 46.53 7.56 -5.19
CA ALA D 171 47.58 8.55 -4.93
C ALA D 171 48.25 9.07 -6.23
N ARG D 172 48.35 8.20 -7.24
CA ARG D 172 48.93 8.55 -8.55
C ARG D 172 48.32 9.84 -9.10
N GLU D 173 47.00 9.87 -9.17
CA GLU D 173 46.30 11.04 -9.69
C GLU D 173 46.22 12.18 -8.66
N GLY D 174 47.05 12.07 -7.62
CA GLY D 174 47.24 13.14 -6.66
C GLY D 174 46.06 13.38 -5.76
N ALA D 175 46.12 12.83 -4.55
CA ALA D 175 45.12 13.04 -3.51
C ALA D 175 45.82 12.95 -2.18
N ASP D 176 45.67 13.98 -1.37
CA ASP D 176 46.45 14.15 -0.15
C ASP D 176 46.05 13.18 0.96
N VAL D 177 44.75 12.98 1.11
CA VAL D 177 44.24 12.02 2.08
C VAL D 177 43.29 11.04 1.38
N ILE D 178 43.44 9.76 1.74
CA ILE D 178 42.49 8.75 1.33
C ILE D 178 41.76 8.23 2.56
N VAL D 179 40.44 8.16 2.47
CA VAL D 179 39.64 7.62 3.56
C VAL D 179 39.09 6.29 3.08
N ASN D 180 39.58 5.22 3.71
CA ASN D 180 39.27 3.84 3.34
C ASN D 180 38.08 3.32 4.13
N CYS D 181 36.94 3.20 3.44
CA CYS D 181 35.68 2.77 4.05
C CYS D 181 35.03 1.64 3.23
N THR D 182 35.83 0.61 2.96
CA THR D 182 35.51 -0.39 1.94
C THR D 182 34.80 -1.64 2.47
N GLY D 183 34.44 -1.61 3.75
CA GLY D 183 33.61 -2.65 4.35
C GLY D 183 34.26 -4.01 4.43
N VAL D 184 33.49 -5.03 4.05
CA VAL D 184 33.97 -6.41 4.07
C VAL D 184 35.03 -6.67 2.99
N TRP D 185 35.15 -5.78 2.01
CA TRP D 185 36.12 -5.94 0.92
C TRP D 185 37.47 -5.25 1.17
N ALA D 186 37.69 -4.80 2.41
CA ALA D 186 38.91 -4.06 2.75
C ALA D 186 40.19 -4.86 2.56
N GLY D 187 40.09 -6.18 2.73
CA GLY D 187 41.20 -7.12 2.51
C GLY D 187 41.86 -7.03 1.14
N ALA D 188 41.08 -6.79 0.09
CA ALA D 188 41.61 -6.62 -1.28
C ALA D 188 42.65 -5.48 -1.42
N LEU D 189 42.53 -4.43 -0.64
CA LEU D 189 43.46 -3.30 -0.79
C LEU D 189 44.63 -3.43 0.17
N GLN D 190 44.43 -4.21 1.24
CA GLN D 190 45.47 -4.47 2.23
C GLN D 190 45.18 -5.75 2.99
N ARG D 191 46.22 -6.56 3.16
CA ARG D 191 46.15 -7.78 3.95
C ARG D 191 45.60 -7.52 5.35
N ASP D 192 44.37 -7.99 5.61
CA ASP D 192 43.82 -7.99 6.97
C ASP D 192 43.17 -9.32 7.32
N PRO D 193 43.93 -10.23 7.95
CA PRO D 193 43.46 -11.60 8.28
C PRO D 193 42.38 -11.62 9.36
N LEU D 194 42.22 -10.50 10.06
CA LEU D 194 41.22 -10.38 11.10
C LEU D 194 39.80 -10.08 10.54
N LEU D 195 39.74 -9.53 9.32
CA LEU D 195 38.45 -9.18 8.67
C LEU D 195 37.79 -10.38 7.93
N GLN D 196 36.57 -10.70 8.33
CA GLN D 196 35.82 -11.82 7.75
C GLN D 196 34.34 -11.52 7.49
N PRO D 197 33.80 -12.07 6.38
CA PRO D 197 32.37 -11.98 6.04
C PRO D 197 31.44 -12.80 6.94
N GLY D 198 30.59 -12.11 7.69
CA GLY D 198 29.50 -12.75 8.40
C GLY D 198 28.28 -12.66 7.52
N ARG D 199 28.16 -13.61 6.60
CA ARG D 199 27.09 -13.61 5.61
C ARG D 199 25.77 -13.70 6.30
N GLY D 200 24.78 -12.97 5.80
CA GLY D 200 23.43 -12.99 6.34
C GLY D 200 22.42 -12.87 5.22
N GLN D 201 21.25 -13.45 5.46
CA GLN D 201 20.16 -13.43 4.50
C GLN D 201 18.90 -12.94 5.21
N ILE D 202 18.23 -11.95 4.62
CA ILE D 202 16.95 -11.52 5.17
C ILE D 202 15.81 -11.66 4.17
N MET D 203 14.61 -11.47 4.68
CA MET D 203 13.38 -11.68 3.94
C MET D 203 12.55 -10.45 4.25
N LYS D 204 12.12 -9.71 3.22
CA LYS D 204 11.17 -8.63 3.42
C LYS D 204 9.80 -9.24 3.22
N VAL D 205 8.88 -8.89 4.12
CA VAL D 205 7.56 -9.49 4.15
C VAL D 205 6.55 -8.37 4.42
N ASP D 206 5.28 -8.65 4.18
CA ASP D 206 4.23 -7.65 4.39
C ASP D 206 3.32 -8.05 5.55
N ALA D 207 3.61 -7.47 6.70
CA ALA D 207 2.86 -7.72 7.92
C ALA D 207 2.76 -6.41 8.74
N PRO D 208 1.86 -5.50 8.31
CA PRO D 208 1.83 -4.17 8.90
C PRO D 208 1.33 -4.16 10.34
N TRP D 209 0.73 -5.28 10.79
CA TRP D 209 0.19 -5.40 12.14
C TRP D 209 1.28 -5.62 13.20
N MET D 210 2.49 -5.96 12.75
CA MET D 210 3.65 -6.07 13.64
C MET D 210 4.15 -4.70 14.05
N LYS D 211 4.02 -4.36 15.33
CA LYS D 211 4.46 -3.04 15.83
C LYS D 211 5.69 -3.06 16.73
N HIS D 212 6.17 -4.25 17.08
CA HIS D 212 7.37 -4.38 17.91
C HIS D 212 8.39 -5.19 17.15
N PHE D 213 9.65 -5.05 17.52
CA PHE D 213 10.65 -6.03 17.12
C PHE D 213 10.70 -7.20 18.12
N ILE D 214 11.19 -8.34 17.65
CA ILE D 214 11.41 -9.49 18.51
C ILE D 214 12.75 -10.06 18.09
N LEU D 215 13.67 -10.19 19.02
CA LEU D 215 14.95 -10.82 18.74
C LEU D 215 15.13 -11.98 19.70
N THR D 216 15.50 -13.13 19.14
CA THR D 216 15.85 -14.27 19.97
C THR D 216 17.36 -14.49 19.95
N HIS D 217 17.87 -14.97 21.08
CA HIS D 217 19.28 -15.23 21.23
C HIS D 217 19.43 -16.63 21.74
N ASP D 218 20.51 -17.27 21.31
CA ASP D 218 20.82 -18.62 21.70
C ASP D 218 22.34 -18.84 21.60
N PRO D 219 23.01 -19.12 22.74
CA PRO D 219 24.45 -19.36 22.80
C PRO D 219 24.88 -20.57 21.96
N GLU D 220 24.05 -21.62 21.93
CA GLU D 220 24.31 -22.78 21.08
C GLU D 220 24.61 -22.35 19.63
N ARG D 221 23.72 -21.54 19.04
CA ARG D 221 23.79 -21.18 17.61
C ARG D 221 24.65 -19.95 17.27
N GLY D 222 24.90 -19.08 18.26
CA GLY D 222 25.73 -17.88 18.07
C GLY D 222 24.93 -16.63 17.73
N ILE D 223 25.57 -15.47 17.78
CA ILE D 223 24.89 -14.18 17.55
C ILE D 223 24.23 -14.12 16.18
N TYR D 224 22.99 -13.61 16.18
CA TYR D 224 22.17 -13.37 14.97
C TYR D 224 21.94 -14.60 14.08
N ASN D 225 22.04 -15.77 14.72
CA ASN D 225 21.85 -17.05 14.06
C ASN D 225 20.60 -17.76 14.59
N SER D 226 19.70 -16.95 15.12
CA SER D 226 18.47 -17.36 15.75
C SER D 226 17.38 -16.34 15.29
N PRO D 227 16.12 -16.80 15.09
CA PRO D 227 15.07 -15.99 14.46
C PRO D 227 14.89 -14.57 14.98
N TYR D 228 14.55 -13.65 14.06
CA TYR D 228 14.27 -12.26 14.41
C TYR D 228 13.32 -11.51 13.45
N ILE D 229 12.50 -10.65 14.01
CA ILE D 229 11.46 -9.93 13.28
C ILE D 229 11.63 -8.46 13.61
N ILE D 230 11.82 -7.65 12.57
CA ILE D 230 12.02 -6.23 12.73
C ILE D 230 11.13 -5.44 11.75
N PRO D 231 10.07 -4.77 12.26
CA PRO D 231 9.19 -3.97 11.42
C PRO D 231 9.95 -2.78 10.87
N GLY D 232 9.87 -2.59 9.56
CA GLY D 232 10.42 -1.42 8.94
C GLY D 232 9.29 -0.42 8.80
N THR D 233 9.53 0.59 7.99
CA THR D 233 8.53 1.59 7.75
C THR D 233 7.31 1.05 6.99
N GLN D 234 7.55 0.25 5.93
CA GLN D 234 6.50 -0.23 5.02
C GLN D 234 6.43 -1.74 5.05
N THR D 235 7.58 -2.33 5.41
CA THR D 235 7.77 -3.76 5.29
C THR D 235 8.36 -4.32 6.58
N VAL D 236 8.28 -5.63 6.75
CA VAL D 236 8.85 -6.26 7.93
C VAL D 236 10.03 -7.11 7.50
N THR D 237 11.15 -6.98 8.21
CA THR D 237 12.32 -7.83 7.97
C THR D 237 12.27 -9.09 8.83
N LEU D 238 12.42 -10.23 8.16
CA LEU D 238 12.57 -11.53 8.80
C LEU D 238 14.01 -11.99 8.57
N GLY D 239 14.73 -12.32 9.63
CA GLY D 239 16.11 -12.79 9.51
C GLY D 239 16.48 -13.92 10.46
N GLY D 240 17.78 -14.18 10.56
CA GLY D 240 18.28 -15.17 11.52
C GLY D 240 19.47 -15.99 11.06
N ILE D 241 20.32 -15.41 10.22
CA ILE D 241 21.47 -16.12 9.65
C ILE D 241 22.78 -15.37 9.83
N PHE D 242 23.80 -16.12 10.23
CA PHE D 242 25.14 -15.57 10.43
C PHE D 242 26.14 -16.70 10.19
N GLN D 243 26.87 -16.61 9.08
CA GLN D 243 27.88 -17.61 8.70
C GLN D 243 29.21 -16.93 8.38
N LEU D 244 30.22 -17.16 9.22
CA LEU D 244 31.54 -16.58 9.03
C LEU D 244 32.22 -17.17 7.81
N GLY D 245 32.92 -16.33 7.06
CA GLY D 245 33.77 -16.77 5.97
C GLY D 245 33.05 -17.23 4.71
N ASN D 246 31.72 -17.17 4.71
CA ASN D 246 30.96 -17.52 3.51
C ASN D 246 30.75 -16.28 2.62
N TRP D 247 31.26 -16.34 1.39
CA TRP D 247 31.28 -15.17 0.50
C TRP D 247 30.18 -15.20 -0.54
N SER D 248 29.34 -16.23 -0.48
CA SER D 248 28.31 -16.42 -1.50
C SER D 248 27.15 -15.42 -1.41
N GLU D 249 27.17 -14.42 -2.30
CA GLU D 249 26.13 -13.41 -2.37
C GLU D 249 24.95 -13.89 -3.23
N LEU D 250 24.28 -14.91 -2.74
CA LEU D 250 23.18 -15.54 -3.44
C LEU D 250 22.20 -15.97 -2.38
N ASN D 251 20.91 -15.80 -2.65
CA ASN D 251 19.90 -16.31 -1.73
C ASN D 251 19.85 -17.84 -1.71
N ASN D 252 20.00 -18.41 -0.52
CA ASN D 252 19.96 -19.86 -0.32
C ASN D 252 18.56 -20.33 0.06
N ILE D 253 17.96 -21.19 -0.75
CA ILE D 253 16.64 -21.77 -0.44
C ILE D 253 16.57 -22.44 0.94
N GLN D 254 17.68 -23.03 1.38
CA GLN D 254 17.72 -23.68 2.70
C GLN D 254 17.68 -22.64 3.81
N ASP D 255 18.56 -21.65 3.74
CA ASP D 255 18.48 -20.50 4.64
C ASP D 255 17.09 -19.84 4.63
N HIS D 256 16.46 -19.74 3.45
CA HIS D 256 15.08 -19.25 3.35
C HIS D 256 14.13 -20.04 4.27
N ASN D 257 14.23 -21.37 4.22
CA ASN D 257 13.35 -22.20 5.02
C ASN D 257 13.58 -22.02 6.53
N THR D 258 14.83 -21.81 6.92
CA THR D 258 15.20 -21.57 8.33
C THR D 258 14.60 -20.28 8.88
N ILE D 259 14.74 -19.19 8.12
CA ILE D 259 14.12 -17.90 8.45
C ILE D 259 12.61 -18.06 8.66
N TRP D 260 11.94 -18.59 7.63
CA TRP D 260 10.50 -18.71 7.60
C TRP D 260 9.94 -19.61 8.68
N GLU D 261 10.63 -20.71 8.99
CA GLU D 261 10.17 -21.63 10.01
C GLU D 261 10.39 -21.06 11.40
N GLY D 262 11.47 -20.30 11.55
CA GLY D 262 11.84 -19.74 12.84
C GLY D 262 10.92 -18.61 13.22
N CYS D 263 10.65 -17.73 12.24
CA CYS D 263 9.85 -16.55 12.47
C CYS D 263 8.36 -16.89 12.58
N CYS D 264 7.94 -18.01 11.99
CA CYS D 264 6.55 -18.46 12.12
C CYS D 264 6.23 -19.11 13.46
N ARG D 265 7.16 -19.89 14.00
CA ARG D 265 6.94 -20.53 15.31
C ARG D 265 6.98 -19.47 16.39
N LEU D 266 7.71 -18.39 16.13
CA LEU D 266 7.85 -17.33 17.09
C LEU D 266 6.63 -16.43 17.02
N GLU D 267 6.15 -16.17 15.81
CA GLU D 267 4.98 -15.31 15.57
C GLU D 267 4.07 -15.95 14.51
N PRO D 268 3.09 -16.75 14.95
CA PRO D 268 2.24 -17.51 14.04
C PRO D 268 1.40 -16.69 13.05
N THR D 269 1.17 -15.41 13.36
CA THR D 269 0.39 -14.53 12.48
C THR D 269 1.10 -14.28 11.15
N LEU D 270 2.41 -14.57 11.12
CA LEU D 270 3.23 -14.34 9.94
C LEU D 270 2.91 -15.28 8.79
N LYS D 271 2.26 -16.40 9.12
CA LYS D 271 1.86 -17.45 8.18
C LYS D 271 1.03 -16.90 7.04
N ASN D 272 0.31 -15.81 7.32
CA ASN D 272 -0.51 -15.14 6.32
C ASN D 272 0.19 -13.93 5.68
N ALA D 273 1.47 -13.76 5.93
CA ALA D 273 2.19 -12.62 5.36
C ALA D 273 2.71 -12.90 3.96
N ARG D 274 2.66 -11.85 3.14
CA ARG D 274 3.11 -11.89 1.76
C ARG D 274 4.59 -11.52 1.68
N ILE D 275 5.39 -12.41 1.08
CA ILE D 275 6.82 -12.22 0.94
C ILE D 275 7.09 -11.24 -0.20
N ILE D 276 7.83 -10.16 0.07
CA ILE D 276 8.13 -9.17 -0.97
C ILE D 276 9.48 -9.46 -1.66
N GLY D 277 10.35 -10.20 -0.97
CA GLY D 277 11.67 -10.54 -1.53
C GLY D 277 12.73 -10.91 -0.49
N GLU D 278 13.93 -11.19 -1.00
CA GLU D 278 15.07 -11.68 -0.21
C GLU D 278 16.38 -11.04 -0.70
N ARG D 279 17.27 -10.77 0.24
CA ARG D 279 18.59 -10.23 -0.09
C ARG D 279 19.64 -10.82 0.84
N THR D 280 20.89 -10.78 0.39
CA THR D 280 22.01 -11.31 1.12
C THR D 280 23.02 -10.21 1.27
N GLY D 281 23.64 -10.14 2.45
CA GLY D 281 24.69 -9.18 2.70
C GLY D 281 25.78 -9.77 3.58
N PHE D 282 26.92 -9.08 3.59
CA PHE D 282 28.06 -9.49 4.38
C PHE D 282 28.41 -8.46 5.46
N ARG D 283 28.24 -8.87 6.72
CA ARG D 283 28.71 -8.08 7.86
C ARG D 283 30.24 -8.01 7.83
N PRO D 284 30.81 -6.81 8.05
CA PRO D 284 32.27 -6.68 8.15
C PRO D 284 32.78 -7.09 9.55
N VAL D 285 32.85 -8.40 9.79
CA VAL D 285 33.28 -8.92 11.09
C VAL D 285 34.79 -8.75 11.28
N ARG D 286 35.16 -7.98 12.31
CA ARG D 286 36.53 -7.82 12.77
C ARG D 286 36.50 -7.72 14.30
N PRO D 287 37.54 -8.26 15.00
CA PRO D 287 37.50 -8.32 16.47
C PRO D 287 37.26 -6.96 17.08
N GLN D 288 37.67 -5.91 16.36
CA GLN D 288 37.28 -4.55 16.67
C GLN D 288 37.42 -3.70 15.41
N ILE D 289 36.65 -2.61 15.36
CA ILE D 289 36.70 -1.68 14.25
C ILE D 289 38.12 -1.17 14.03
N ARG D 290 38.55 -1.12 12.77
CA ARG D 290 39.83 -0.48 12.46
C ARG D 290 39.63 0.97 12.06
N LEU D 291 39.71 1.85 13.06
CA LEU D 291 39.64 3.29 12.84
C LEU D 291 40.96 3.90 13.28
N GLU D 292 41.78 4.27 12.30
CA GLU D 292 43.14 4.73 12.58
C GLU D 292 43.83 5.34 11.37
N ARG D 293 44.92 6.05 11.64
CA ARG D 293 45.75 6.68 10.62
C ARG D 293 46.86 5.76 10.15
N GLU D 294 47.29 5.98 8.92
CA GLU D 294 48.39 5.24 8.34
C GLU D 294 49.05 6.10 7.27
N GLN D 295 50.34 6.40 7.47
CA GLN D 295 51.12 7.21 6.54
C GLN D 295 51.71 6.29 5.48
N LEU D 296 50.90 5.99 4.46
CA LEU D 296 51.29 5.02 3.45
C LEU D 296 52.37 5.55 2.51
N ARG D 297 53.53 4.87 2.53
CA ARG D 297 54.70 5.24 1.74
C ARG D 297 54.49 4.92 0.25
N THR D 298 54.44 5.96 -0.57
CA THR D 298 54.11 5.85 -2.00
C THR D 298 54.91 6.81 -2.89
N GLY D 299 56.04 6.32 -3.41
CA GLY D 299 56.95 7.12 -4.23
C GLY D 299 57.82 8.04 -3.38
N PRO D 300 58.09 9.28 -3.88
CA PRO D 300 58.85 10.30 -3.14
C PRO D 300 58.07 10.87 -1.94
N SER D 301 56.91 11.48 -2.24
CA SER D 301 56.03 12.07 -1.23
C SER D 301 54.91 11.09 -0.86
N ASN D 302 54.85 10.73 0.42
CA ASN D 302 53.82 9.83 0.94
C ASN D 302 52.46 10.53 1.16
N THR D 303 51.39 9.78 0.93
CA THR D 303 50.00 10.26 1.11
C THR D 303 49.39 9.61 2.36
N GLU D 304 48.41 10.29 2.95
CA GLU D 304 47.81 9.84 4.19
C GLU D 304 46.57 8.96 3.96
N VAL D 305 46.47 7.88 4.75
CA VAL D 305 45.29 7.01 4.73
C VAL D 305 44.59 7.03 6.09
N ILE D 306 43.29 7.28 6.07
CA ILE D 306 42.50 7.03 7.25
C ILE D 306 41.62 5.79 7.02
N HIS D 307 41.85 4.74 7.80
CA HIS D 307 41.03 3.53 7.75
C HIS D 307 39.81 3.68 8.64
N ASN D 308 38.69 3.19 8.14
CA ASN D 308 37.41 3.17 8.86
C ASN D 308 36.56 1.98 8.36
N TYR D 309 36.79 0.81 8.94
CA TYR D 309 36.12 -0.42 8.53
C TYR D 309 36.08 -1.50 9.61
N GLY D 310 35.21 -2.48 9.44
CA GLY D 310 35.12 -3.62 10.35
C GLY D 310 34.04 -3.52 11.40
N HIS D 311 32.89 -2.97 11.02
CA HIS D 311 31.79 -2.68 11.94
C HIS D 311 30.81 -3.87 12.15
N GLY D 312 31.15 -5.03 11.60
CA GLY D 312 30.34 -6.21 11.76
C GLY D 312 28.86 -5.93 11.69
N GLY D 313 28.13 -6.32 12.72
CA GLY D 313 26.70 -6.18 12.71
C GLY D 313 26.21 -5.00 13.50
N TYR D 314 26.93 -3.88 13.44
CA TYR D 314 26.55 -2.69 14.21
C TYR D 314 27.01 -1.35 13.59
N GLY D 315 27.28 -1.41 12.29
CA GLY D 315 27.61 -0.24 11.48
C GLY D 315 26.61 0.91 11.56
N LEU D 316 25.31 0.63 11.46
CA LEU D 316 24.30 1.69 11.58
C LEU D 316 24.22 2.19 13.02
N THR D 317 24.39 1.26 13.95
CA THR D 317 24.35 1.53 15.40
C THR D 317 25.48 2.49 15.82
N ILE D 318 26.60 2.47 15.10
CA ILE D 318 27.83 3.13 15.54
C ILE D 318 28.43 4.14 14.55
N HIS D 319 27.86 4.24 13.35
CA HIS D 319 28.45 5.00 12.26
C HIS D 319 28.83 6.43 12.63
N TRP D 320 27.98 7.11 13.39
CA TRP D 320 28.13 8.54 13.64
C TRP D 320 29.24 8.92 14.61
N GLY D 321 29.33 8.22 15.75
CA GLY D 321 30.51 8.27 16.60
C GLY D 321 31.78 8.06 15.78
N CYS D 322 31.75 7.03 14.94
CA CYS D 322 32.86 6.69 14.05
C CYS D 322 33.24 7.81 13.08
N ALA D 323 32.24 8.46 12.49
CA ALA D 323 32.45 9.50 11.51
C ALA D 323 33.11 10.74 12.13
N LEU D 324 32.73 11.04 13.37
CA LEU D 324 33.30 12.17 14.12
C LEU D 324 34.75 11.89 14.46
N GLU D 325 35.01 10.63 14.82
CA GLU D 325 36.34 10.13 15.20
C GLU D 325 37.29 10.16 14.01
N ALA D 326 36.78 9.80 12.84
CA ALA D 326 37.50 9.94 11.59
C ALA D 326 37.72 11.42 11.21
N ALA D 327 36.79 12.28 11.59
CA ALA D 327 36.92 13.72 11.36
C ALA D 327 37.99 14.35 12.27
N LYS D 328 38.11 13.85 13.50
CA LYS D 328 39.19 14.31 14.40
C LYS D 328 40.56 13.97 13.82
N LEU D 329 40.70 12.73 13.35
CA LEU D 329 41.94 12.25 12.75
C LEU D 329 42.31 13.05 11.51
N PHE D 330 41.30 13.43 10.73
CA PHE D 330 41.52 14.31 9.59
C PHE D 330 42.14 15.62 10.08
N GLY D 331 41.51 16.21 11.11
CA GLY D 331 42.00 17.43 11.75
C GLY D 331 43.45 17.35 12.23
N ARG D 332 43.82 16.20 12.79
CA ARG D 332 45.19 15.94 13.24
C ARG D 332 46.19 15.96 12.07
N ILE D 333 45.76 15.54 10.89
CA ILE D 333 46.59 15.65 9.69
C ILE D 333 46.74 17.13 9.27
N LEU D 334 45.72 17.92 9.53
CA LEU D 334 45.78 19.34 9.22
C LEU D 334 46.82 20.07 10.06
N GLU D 335 46.85 19.78 11.36
CA GLU D 335 47.78 20.46 12.26
C GLU D 335 49.23 20.05 12.02
N GLU D 336 49.43 18.89 11.38
CA GLU D 336 50.78 18.40 11.08
C GLU D 336 51.32 18.92 9.76
N LYS D 337 50.43 19.22 8.82
CA LYS D 337 50.78 20.02 7.65
C LYS D 337 51.10 21.43 8.13
N LYS D 338 50.64 21.72 9.35
CA LYS D 338 50.66 23.05 9.97
C LYS D 338 49.86 24.09 9.17
N LEU D 339 48.96 23.60 8.33
CA LEU D 339 47.98 24.39 7.60
C LEU D 339 46.71 24.56 8.45
N SER D 340 46.90 24.61 9.77
CA SER D 340 45.82 24.54 10.77
C SER D 340 44.91 25.76 10.75
PA FAD E . 21.61 -9.71 -17.46
O1A FAD E . 20.89 -8.64 -16.74
O2A FAD E . 22.70 -9.21 -18.36
O5B FAD E . 22.35 -10.80 -16.52
C5B FAD E . 23.79 -10.80 -16.58
C4B FAD E . 24.36 -11.58 -15.43
O4B FAD E . 25.52 -12.17 -16.00
C3B FAD E . 24.82 -10.65 -14.33
O3B FAD E . 24.38 -11.20 -13.10
C2B FAD E . 26.32 -10.70 -14.32
O2B FAD E . 26.81 -10.76 -12.98
C1B FAD E . 26.59 -11.99 -15.06
N9A FAD E . 27.92 -11.92 -15.69
C8A FAD E . 28.29 -11.13 -16.70
N7A FAD E . 29.59 -11.37 -16.95
C5A FAD E . 30.01 -12.32 -16.10
C6A FAD E . 31.22 -12.97 -15.92
N6A FAD E . 32.27 -12.63 -16.71
N1A FAD E . 31.33 -13.93 -14.96
C2A FAD E . 30.28 -14.27 -14.18
N3A FAD E . 29.08 -13.66 -14.34
C4A FAD E . 28.94 -12.68 -15.30
N1 FAD E . 13.29 -4.82 -22.40
C2 FAD E . 12.01 -5.09 -22.69
O2 FAD E . 11.77 -6.06 -23.42
N3 FAD E . 10.99 -4.34 -22.22
C4 FAD E . 11.22 -3.28 -21.42
O4 FAD E . 10.34 -2.53 -20.94
C4X FAD E . 12.59 -2.94 -21.07
N5 FAD E . 12.87 -1.88 -20.29
C5X FAD E . 14.14 -1.59 -20.01
C6 FAD E . 14.41 -0.50 -19.20
C7 FAD E . 15.73 -0.18 -18.87
C7M FAD E . 16.04 1.01 -17.99
C8 FAD E . 16.75 -0.98 -19.35
C8M FAD E . 18.19 -0.68 -19.01
C9 FAD E . 16.48 -2.07 -20.17
C9A FAD E . 15.17 -2.42 -20.51
N10 FAD E . 14.91 -3.51 -21.31
C10 FAD E . 13.65 -3.79 -21.62
C1' FAD E . 15.98 -4.36 -21.85
C2' FAD E . 16.29 -5.54 -20.92
O2' FAD E . 16.35 -5.08 -19.57
C3' FAD E . 17.63 -6.22 -21.20
O3' FAD E . 17.82 -6.39 -22.59
C4' FAD E . 17.66 -7.59 -20.53
O4' FAD E . 17.61 -7.41 -19.12
C5' FAD E . 18.89 -8.39 -20.95
O5' FAD E . 18.96 -9.66 -20.30
P FAD E . 20.42 -9.94 -19.76
O1P FAD E . 21.32 -10.56 -20.77
O2P FAD E . 20.67 -8.53 -19.28
O3P FAD E . 20.59 -10.66 -18.37
C BE2 F . 13.81 1.17 -22.26
O BE2 F . 14.67 0.31 -22.57
OXT BE2 F . 14.11 2.23 -21.64
C1 BE2 F . 12.37 0.94 -22.65
CA BE2 F . 11.91 -0.26 -23.20
C3 BE2 F . 10.56 -0.41 -23.53
N BE2 F . 12.72 -1.31 -23.44
C4 BE2 F . 9.67 0.66 -23.32
C5 BE2 F . 10.13 1.86 -22.78
C6 BE2 F . 11.48 1.99 -22.45
PA FAD G . -27.59 10.39 -3.12
O1A FAD G . -26.73 9.17 -2.97
O2A FAD G . -29.07 10.09 -3.22
O5B FAD G . -27.61 11.38 -1.86
C5B FAD G . -28.69 11.13 -0.95
C4B FAD G . -28.62 12.02 0.28
O4B FAD G . -29.92 12.56 0.38
C3B FAD G . -28.41 11.08 1.47
O3B FAD G . -27.54 11.69 2.41
C2B FAD G . -29.74 10.95 2.15
O2B FAD G . -29.50 10.91 3.55
C1B FAD G . -30.42 12.24 1.69
N9A FAD G . -31.89 12.14 1.76
C8A FAD G . -32.71 11.34 1.09
N7A FAD G . -33.98 11.60 1.51
C5A FAD G . -33.92 12.55 2.45
C6A FAD G . -34.87 13.21 3.22
N6A FAD G . -36.17 12.90 3.08
N1A FAD G . -34.46 14.16 4.09
C2A FAD G . -33.14 14.48 4.23
N3A FAD G . -32.19 13.87 3.49
C4A FAD G . -32.58 12.89 2.61
N1 FAD G . -23.26 5.61 -11.73
C2 FAD G . -22.31 5.89 -12.66
O2 FAD G . -22.44 6.88 -13.37
N3 FAD G . -21.22 5.12 -12.84
C4 FAD G . -21.02 4.01 -12.09
O4 FAD G . -20.02 3.29 -12.23
C4X FAD G . -22.01 3.66 -11.08
N5 FAD G . -21.89 2.57 -10.31
C5X FAD G . -22.81 2.27 -9.39
C6 FAD G . -22.62 1.12 -8.64
C7 FAD G . -23.55 0.77 -7.67
C7M FAD G . -23.34 -0.47 -6.84
C8 FAD G . -24.67 1.57 -7.49
C8M FAD G . -25.69 1.21 -6.44
C9 FAD G . -24.85 2.72 -8.25
C9A FAD G . -23.94 3.10 -9.22
N10 FAD G . -24.11 4.20 -9.98
C10 FAD G . -23.19 4.53 -10.92
C1' FAD G . -25.29 5.06 -9.80
C2' FAD G . -24.97 6.31 -8.97
O2' FAD G . -24.19 5.98 -7.81
C3' FAD G . -26.25 6.97 -8.46
O3' FAD G . -27.09 7.19 -9.57
C4' FAD G . -25.94 8.30 -7.78
O4' FAD G . -25.19 8.10 -6.58
C5' FAD G . -27.21 9.06 -7.44
O5' FAD G . -26.90 10.36 -6.91
P FAD G . -27.83 10.67 -5.69
O1P FAD G . -29.09 11.33 -6.13
O2P FAD G . -27.90 9.27 -5.13
O3P FAD G . -27.18 11.35 -4.42
C BE2 H . -23.61 -0.45 -11.66
O BE2 H . -24.49 0.40 -11.41
OXT BE2 H . -23.52 -1.55 -11.04
C1 BE2 H . -22.63 -0.10 -12.73
CA BE2 H . -22.65 1.15 -13.37
C3 BE2 H . -21.72 1.44 -14.37
N BE2 H . -23.56 2.10 -13.05
C4 BE2 H . -20.78 0.46 -14.72
C5 BE2 H . -20.76 -0.78 -14.09
C6 BE2 H . -21.69 -1.08 -13.09
PA FAD I . -23.37 0.44 17.77
O1A FAD I . -22.17 0.86 16.99
O2A FAD I . -24.10 1.55 18.45
O5B FAD I . -24.50 -0.28 16.88
C5B FAD I . -25.90 0.04 17.11
C4B FAD I . -26.70 -0.54 15.95
O4B FAD I . -28.04 -0.73 16.40
C3B FAD I . -26.74 0.38 14.74
O3B FAD I . -26.52 -0.44 13.61
C2B FAD I . -28.16 0.90 14.66
O2B FAD I . -28.58 1.02 13.28
C1B FAD I . -28.93 -0.16 15.44
N9A FAD I . -30.11 0.49 16.04
C8A FAD I . -30.12 1.48 16.93
N7A FAD I . -31.39 1.78 17.22
C5A FAD I . -32.19 0.97 16.48
C6A FAD I . -33.55 0.81 16.35
N6A FAD I . -34.40 1.59 17.06
N1A FAD I . -34.04 -0.13 15.51
C2A FAD I . -33.22 -0.92 14.80
N3A FAD I . -31.89 -0.79 14.92
C4A FAD I . -31.36 0.15 15.74
N1 FAD I . -13.91 2.10 22.41
C2 FAD I . -12.80 1.40 22.74
O2 FAD I . -12.93 0.45 23.53
N3 FAD I . -11.57 1.68 22.24
C4 FAD I . -11.35 2.69 21.37
O4 FAD I . -10.22 2.98 20.91
C4X FAD I . -12.51 3.47 20.98
N5 FAD I . -12.38 4.51 20.14
C5X FAD I . -13.48 5.22 19.81
C6 FAD I . -13.34 6.29 18.94
C7 FAD I . -14.47 7.03 18.57
C7M FAD I . -14.34 8.19 17.62
C8 FAD I . -15.71 6.69 19.09
C8M FAD I . -16.92 7.48 18.70
C9 FAD I . -15.85 5.63 19.96
C9A FAD I . -14.75 4.87 20.34
N10 FAD I . -14.91 3.83 21.19
C10 FAD I . -13.83 3.13 21.55
C1' FAD I . -16.23 3.51 21.75
C2' FAD I . -16.98 2.44 20.97
O2' FAD I . -16.95 2.68 19.55
C3' FAD I . -18.45 2.37 21.35
O3' FAD I . -18.61 2.51 22.76
C4' FAD I . -18.98 1.02 20.85
O4' FAD I . -18.97 1.04 19.41
C5' FAD I . -20.39 0.72 21.35
O5' FAD I . -20.95 -0.42 20.69
P FAD I . -22.45 -0.16 20.26
O1P FAD I . -23.43 -0.62 21.31
O2P FAD I . -22.23 1.32 19.97
O3P FAD I . -22.91 -0.72 18.83
C BE2 J . -12.14 7.80 21.99
O BE2 J . -13.27 7.39 22.32
OXT BE2 J . -11.97 8.89 21.35
C1 BE2 J . -10.93 6.96 22.34
CA BE2 J . -10.99 5.72 23.00
C3 BE2 J . -9.83 5.00 23.29
N BE2 J . -12.15 5.13 23.40
C4 BE2 J . -8.60 5.53 22.91
C5 BE2 J . -8.52 6.77 22.26
C6 BE2 J . -9.69 7.48 21.97
PA FAD K . 29.35 -0.89 2.77
O1A FAD K . 27.93 -1.39 2.75
O2A FAD K . 30.40 -1.98 2.81
O5B FAD K . 29.77 -0.01 1.48
C5B FAD K . 30.74 -0.59 0.61
C4B FAD K . 30.98 0.22 -0.64
O4B FAD K . 32.40 0.27 -0.78
C3B FAD K . 30.43 -0.54 -1.84
O3B FAD K . 29.88 0.40 -2.76
C2B FAD K . 31.63 -1.18 -2.50
O2B FAD K . 31.44 -1.27 -3.92
C1B FAD K . 32.72 -0.19 -2.09
N9A FAD K . 34.06 -0.81 -2.23
C8A FAD K . 34.58 -1.84 -1.56
N7A FAD K . 35.82 -2.08 -2.05
C5A FAD K . 36.03 -1.18 -3.04
C6A FAD K . 37.09 -0.93 -3.89
N6A FAD K . 38.21 -1.67 -3.81
N1A FAD K . 36.99 0.09 -4.79
C2A FAD K . 35.89 0.84 -4.87
N3A FAD K . 34.86 0.62 -4.06
C4A FAD K . 34.91 -0.39 -3.14
N1 FAD K . 23.83 -2.81 11.66
C2 FAD K . 23.11 -2.11 12.56
O2 FAD K . 23.68 -1.20 13.17
N3 FAD K . 21.80 -2.36 12.81
C4 FAD K . 21.12 -3.34 12.15
O4 FAD K . 19.90 -3.56 12.38
C4X FAD K . 21.86 -4.14 11.16
N5 FAD K . 21.29 -5.14 10.48
C5X FAD K . 22.03 -5.83 9.58
C6 FAD K . 21.42 -6.85 8.86
C7 FAD K . 22.15 -7.58 7.93
C7M FAD K . 21.53 -8.72 7.15
C8 FAD K . 23.50 -7.26 7.72
C8M FAD K . 24.29 -8.05 6.71
C9 FAD K . 24.11 -6.25 8.44
C9A FAD K . 23.39 -5.51 9.37
N10 FAD K . 23.99 -4.52 10.05
C10 FAD K . 23.29 -3.81 10.94
C1' FAD K . 25.41 -4.22 9.80
C2' FAD K . 25.56 -3.01 8.89
O2' FAD K . 24.65 -3.09 7.77
C3' FAD K . 26.97 -2.90 8.32
O3' FAD K . 27.89 -3.09 9.39
C4' FAD K . 27.14 -1.52 7.67
O4' FAD K . 26.41 -1.44 6.43
C5' FAD K . 28.61 -1.21 7.43
O5' FAD K . 28.79 -0.11 6.53
P FAD K . 29.86 -0.49 5.41
O1P FAD K . 31.24 -0.16 5.91
O2P FAD K . 29.44 -1.93 5.19
O3P FAD K . 29.55 0.19 3.99
C BE2 L . 21.87 -8.61 12.03
O BE2 L . 23.03 -8.20 11.76
OXT BE2 L . 21.34 -9.59 11.44
C1 BE2 L . 21.08 -7.89 13.09
CA BE2 L . 21.52 -6.67 13.65
C3 BE2 L . 20.75 -6.04 14.62
N BE2 L . 22.68 -6.08 13.26
C4 BE2 L . 19.55 -6.63 15.04
C5 BE2 L . 19.10 -7.84 14.49
C6 BE2 L . 19.88 -8.46 13.51
#